data_3CBQ
# 
_entry.id   3CBQ 
# 
_audit_conform.dict_name       mmcif_pdbx.dic 
_audit_conform.dict_version    5.377 
_audit_conform.dict_location   http://mmcif.pdb.org/dictionaries/ascii/mmcif_pdbx.dic 
# 
loop_
_database_2.database_id 
_database_2.database_code 
_database_2.pdbx_database_accession 
_database_2.pdbx_DOI 
PDB   3CBQ         pdb_00003cbq 10.2210/pdb3cbq/pdb 
RCSB  RCSB046583   ?            ?                   
WWPDB D_1000046583 ?            ?                   
# 
_pdbx_database_status.entry_id                        3CBQ 
_pdbx_database_status.deposit_site                    RCSB 
_pdbx_database_status.process_site                    RCSB 
_pdbx_database_status.recvd_initial_deposition_date   2008-02-22 
_pdbx_database_status.status_code                     REL 
_pdbx_database_status.status_code_sf                  REL 
_pdbx_database_status.status_code_mr                  ? 
_pdbx_database_status.SG_entry                        Y 
_pdbx_database_status.pdb_format_compatible           Y 
_pdbx_database_status.status_code_cs                  ? 
_pdbx_database_status.methods_development_category    ? 
_pdbx_database_status.status_code_nmr_data            ? 
# 
loop_
_audit_author.name 
_audit_author.pdbx_ordinal 
'Nedyalkova, L.'                       1  
'Shen, Y.'                             2  
'Tong, Y.'                             3  
'Tempel, W.'                           4  
'MacKenzie, F.'                        5  
'Arrowsmith, C.H.'                     6  
'Edwards, A.M.'                        7  
'Bountra, C.'                          8  
'Weigelt, J.'                          9  
'Bochkarev, A.'                        10 
'Park, H.'                             11 
'Structural Genomics Consortium (SGC)' 12 
# 
_citation.id                        primary 
_citation.title                     'Crystal structure of the human REM2 GTPase with bound GDP.' 
_citation.journal_abbrev            'To be Published' 
_citation.journal_volume            ? 
_citation.page_first                ? 
_citation.page_last                 ? 
_citation.year                      ? 
_citation.journal_id_ASTM           ? 
_citation.country                   ? 
_citation.journal_id_ISSN           ? 
_citation.journal_id_CSD            0353 
_citation.book_publisher            ? 
_citation.pdbx_database_id_PubMed   ? 
_citation.pdbx_database_id_DOI      ? 
# 
loop_
_citation_author.citation_id 
_citation_author.name 
_citation_author.ordinal 
_citation_author.identifier_ORCID 
primary 'Nedyalkova, L.'   1  ? 
primary 'Shen, Y.'         2  ? 
primary 'Tong, Y.'         3  ? 
primary 'Tempel, W.'       4  ? 
primary 'MacKenzie, F.'    5  ? 
primary 'Arrowsmith, C.H.' 6  ? 
primary 'Edwards, A.M.'    7  ? 
primary 'Bountra, C.'      8  ? 
primary 'Weigelt, J.'      9  ? 
primary 'Bochkarev, A.'    10 ? 
primary 'Park, H.'         11 ? 
# 
_cell.entry_id           3CBQ 
_cell.length_a           64.143 
_cell.length_b           64.330 
_cell.length_c           73.204 
_cell.angle_alpha        90.000 
_cell.angle_beta         90.000 
_cell.angle_gamma        90.000 
_cell.pdbx_unique_axis   ? 
_cell.Z_PDB              8 
_cell.length_a_esd       ? 
_cell.length_b_esd       ? 
_cell.length_c_esd       ? 
_cell.angle_alpha_esd    ? 
_cell.angle_beta_esd     ? 
_cell.angle_gamma_esd    ? 
# 
_symmetry.entry_id                         3CBQ 
_symmetry.space_group_name_H-M             'C 2 2 21' 
_symmetry.Int_Tables_number                20 
_symmetry.pdbx_full_space_group_name_H-M   ? 
_symmetry.cell_setting                     ? 
_symmetry.space_group_name_Hall            ? 
# 
loop_
_entity.id 
_entity.type 
_entity.src_method 
_entity.pdbx_description 
_entity.formula_weight 
_entity.pdbx_number_of_molecules 
_entity.pdbx_ec 
_entity.pdbx_mutation 
_entity.pdbx_fragment 
_entity.details 
1 polymer     man 'GTP-binding protein REM 2' 21981.693 1  ? ? 'Residues 100-276' ? 
2 non-polymer syn 'MAGNESIUM ION'             24.305    1  ? ? ?                  ? 
3 non-polymer syn "GUANOSINE-5'-DIPHOSPHATE"  443.201   1  ? ? ?                  ? 
4 non-polymer syn 1,2-ETHANEDIOL              62.068    2  ? ? ?                  ? 
5 non-polymer syn 'UNKNOWN ATOM OR ION'       ?         1  ? ? ?                  ? 
6 water       nat water                       18.015    70 ? ? ?                  ? 
# 
_entity_name_com.entity_id   1 
_entity_name_com.name        'Rad and Gem-like GTP-binding protein 2' 
# 
_entity_poly.entity_id                      1 
_entity_poly.type                           'polypeptide(L)' 
_entity_poly.nstd_linkage                   no 
_entity_poly.nstd_monomer                   no 
_entity_poly.pdbx_seq_one_letter_code       
;MHHHHHHSSGRENLYFQGQKDGIFKVMLVGESGVGKSTLAGTFGGLQGDSAHEPENPEDTYERRIMVDKEEVTLVVYDIW
EQGDAGGWLRDHCLQTGDAFLIVFSVTDRRSFSKVPETLLRLRAGRPHHDLPVILVGNKSDLARSREVSLEEGRHLAGTL
SCKHIETSAALHHNTRELFEGAVRQIRLRRGRNHA
;
_entity_poly.pdbx_seq_one_letter_code_can   
;MHHHHHHSSGRENLYFQGQKDGIFKVMLVGESGVGKSTLAGTFGGLQGDSAHEPENPEDTYERRIMVDKEEVTLVVYDIW
EQGDAGGWLRDHCLQTGDAFLIVFSVTDRRSFSKVPETLLRLRAGRPHHDLPVILVGNKSDLARSREVSLEEGRHLAGTL
SCKHIETSAALHHNTRELFEGAVRQIRLRRGRNHA
;
_entity_poly.pdbx_strand_id                 A 
_entity_poly.pdbx_target_identifier         ? 
# 
loop_
_entity_poly_seq.entity_id 
_entity_poly_seq.num 
_entity_poly_seq.mon_id 
_entity_poly_seq.hetero 
1 1   MET n 
1 2   HIS n 
1 3   HIS n 
1 4   HIS n 
1 5   HIS n 
1 6   HIS n 
1 7   HIS n 
1 8   SER n 
1 9   SER n 
1 10  GLY n 
1 11  ARG n 
1 12  GLU n 
1 13  ASN n 
1 14  LEU n 
1 15  TYR n 
1 16  PHE n 
1 17  GLN n 
1 18  GLY n 
1 19  GLN n 
1 20  LYS n 
1 21  ASP n 
1 22  GLY n 
1 23  ILE n 
1 24  PHE n 
1 25  LYS n 
1 26  VAL n 
1 27  MET n 
1 28  LEU n 
1 29  VAL n 
1 30  GLY n 
1 31  GLU n 
1 32  SER n 
1 33  GLY n 
1 34  VAL n 
1 35  GLY n 
1 36  LYS n 
1 37  SER n 
1 38  THR n 
1 39  LEU n 
1 40  ALA n 
1 41  GLY n 
1 42  THR n 
1 43  PHE n 
1 44  GLY n 
1 45  GLY n 
1 46  LEU n 
1 47  GLN n 
1 48  GLY n 
1 49  ASP n 
1 50  SER n 
1 51  ALA n 
1 52  HIS n 
1 53  GLU n 
1 54  PRO n 
1 55  GLU n 
1 56  ASN n 
1 57  PRO n 
1 58  GLU n 
1 59  ASP n 
1 60  THR n 
1 61  TYR n 
1 62  GLU n 
1 63  ARG n 
1 64  ARG n 
1 65  ILE n 
1 66  MET n 
1 67  VAL n 
1 68  ASP n 
1 69  LYS n 
1 70  GLU n 
1 71  GLU n 
1 72  VAL n 
1 73  THR n 
1 74  LEU n 
1 75  VAL n 
1 76  VAL n 
1 77  TYR n 
1 78  ASP n 
1 79  ILE n 
1 80  TRP n 
1 81  GLU n 
1 82  GLN n 
1 83  GLY n 
1 84  ASP n 
1 85  ALA n 
1 86  GLY n 
1 87  GLY n 
1 88  TRP n 
1 89  LEU n 
1 90  ARG n 
1 91  ASP n 
1 92  HIS n 
1 93  CYS n 
1 94  LEU n 
1 95  GLN n 
1 96  THR n 
1 97  GLY n 
1 98  ASP n 
1 99  ALA n 
1 100 PHE n 
1 101 LEU n 
1 102 ILE n 
1 103 VAL n 
1 104 PHE n 
1 105 SER n 
1 106 VAL n 
1 107 THR n 
1 108 ASP n 
1 109 ARG n 
1 110 ARG n 
1 111 SER n 
1 112 PHE n 
1 113 SER n 
1 114 LYS n 
1 115 VAL n 
1 116 PRO n 
1 117 GLU n 
1 118 THR n 
1 119 LEU n 
1 120 LEU n 
1 121 ARG n 
1 122 LEU n 
1 123 ARG n 
1 124 ALA n 
1 125 GLY n 
1 126 ARG n 
1 127 PRO n 
1 128 HIS n 
1 129 HIS n 
1 130 ASP n 
1 131 LEU n 
1 132 PRO n 
1 133 VAL n 
1 134 ILE n 
1 135 LEU n 
1 136 VAL n 
1 137 GLY n 
1 138 ASN n 
1 139 LYS n 
1 140 SER n 
1 141 ASP n 
1 142 LEU n 
1 143 ALA n 
1 144 ARG n 
1 145 SER n 
1 146 ARG n 
1 147 GLU n 
1 148 VAL n 
1 149 SER n 
1 150 LEU n 
1 151 GLU n 
1 152 GLU n 
1 153 GLY n 
1 154 ARG n 
1 155 HIS n 
1 156 LEU n 
1 157 ALA n 
1 158 GLY n 
1 159 THR n 
1 160 LEU n 
1 161 SER n 
1 162 CYS n 
1 163 LYS n 
1 164 HIS n 
1 165 ILE n 
1 166 GLU n 
1 167 THR n 
1 168 SER n 
1 169 ALA n 
1 170 ALA n 
1 171 LEU n 
1 172 HIS n 
1 173 HIS n 
1 174 ASN n 
1 175 THR n 
1 176 ARG n 
1 177 GLU n 
1 178 LEU n 
1 179 PHE n 
1 180 GLU n 
1 181 GLY n 
1 182 ALA n 
1 183 VAL n 
1 184 ARG n 
1 185 GLN n 
1 186 ILE n 
1 187 ARG n 
1 188 LEU n 
1 189 ARG n 
1 190 ARG n 
1 191 GLY n 
1 192 ARG n 
1 193 ASN n 
1 194 HIS n 
1 195 ALA n 
# 
_entity_src_gen.entity_id                          1 
_entity_src_gen.pdbx_src_id                        1 
_entity_src_gen.pdbx_alt_source_flag               sample 
_entity_src_gen.pdbx_seq_type                      ? 
_entity_src_gen.pdbx_beg_seq_num                   ? 
_entity_src_gen.pdbx_end_seq_num                   ? 
_entity_src_gen.gene_src_common_name               human 
_entity_src_gen.gene_src_genus                     Homo 
_entity_src_gen.pdbx_gene_src_gene                 'REM2, GI:134105571' 
_entity_src_gen.gene_src_species                   ? 
_entity_src_gen.gene_src_strain                    ? 
_entity_src_gen.gene_src_tissue                    ? 
_entity_src_gen.gene_src_tissue_fraction           ? 
_entity_src_gen.gene_src_details                   ? 
_entity_src_gen.pdbx_gene_src_fragment             ? 
_entity_src_gen.pdbx_gene_src_scientific_name      'Homo sapiens' 
_entity_src_gen.pdbx_gene_src_ncbi_taxonomy_id     9606 
_entity_src_gen.pdbx_gene_src_variant              ? 
_entity_src_gen.pdbx_gene_src_cell_line            ? 
_entity_src_gen.pdbx_gene_src_atcc                 ? 
_entity_src_gen.pdbx_gene_src_organ                ? 
_entity_src_gen.pdbx_gene_src_organelle            ? 
_entity_src_gen.pdbx_gene_src_cell                 ? 
_entity_src_gen.pdbx_gene_src_cellular_location    ? 
_entity_src_gen.host_org_common_name               ? 
_entity_src_gen.pdbx_host_org_scientific_name      'Escherichia coli' 
_entity_src_gen.pdbx_host_org_ncbi_taxonomy_id     562 
_entity_src_gen.host_org_genus                     Escherichia 
_entity_src_gen.pdbx_host_org_gene                 ? 
_entity_src_gen.pdbx_host_org_organ                ? 
_entity_src_gen.host_org_species                   ? 
_entity_src_gen.pdbx_host_org_tissue               ? 
_entity_src_gen.pdbx_host_org_tissue_fraction      ? 
_entity_src_gen.pdbx_host_org_strain               'BL21-CodonPlus(DE3)-RIL' 
_entity_src_gen.pdbx_host_org_variant              ? 
_entity_src_gen.pdbx_host_org_cell_line            ? 
_entity_src_gen.pdbx_host_org_atcc                 ? 
_entity_src_gen.pdbx_host_org_culture_collection   ? 
_entity_src_gen.pdbx_host_org_cell                 ? 
_entity_src_gen.pdbx_host_org_organelle            ? 
_entity_src_gen.pdbx_host_org_cellular_location    ? 
_entity_src_gen.pdbx_host_org_vector_type          Plasmid 
_entity_src_gen.pdbx_host_org_vector               ? 
_entity_src_gen.host_org_details                   ? 
_entity_src_gen.expression_system_id               ? 
_entity_src_gen.plasmid_name                       pET28-mhl 
_entity_src_gen.plasmid_details                    ? 
_entity_src_gen.pdbx_description                   ? 
# 
_struct_ref.id                         1 
_struct_ref.db_name                    UNP 
_struct_ref.db_code                    REM2_HUMAN 
_struct_ref.pdbx_db_accession          Q8IYK8 
_struct_ref.entity_id                  1 
_struct_ref.pdbx_seq_one_letter_code   
;QKDGIFKVMLVGESGVGKSTLAGTFGGLQGDSAHEPENPEDTYERRIMVDKEEVTLVVYDIWEQGDAGGWLRDHCLQTGD
AFLIVFSVTDRRSFSKVPETLLRLRAGRPHHDLPVILVGNKSDLARSREVSLEEGRHLAGTLSCKHIETSAALHHNTREL
FEGAVRQIRLRRGRNHA
;
_struct_ref.pdbx_align_begin           100 
_struct_ref.pdbx_db_isoform            ? 
# 
_struct_ref_seq.align_id                      1 
_struct_ref_seq.ref_id                        1 
_struct_ref_seq.pdbx_PDB_id_code              3CBQ 
_struct_ref_seq.pdbx_strand_id                A 
_struct_ref_seq.seq_align_beg                 19 
_struct_ref_seq.pdbx_seq_align_beg_ins_code   ? 
_struct_ref_seq.seq_align_end                 195 
_struct_ref_seq.pdbx_seq_align_end_ins_code   ? 
_struct_ref_seq.pdbx_db_accession             Q8IYK8 
_struct_ref_seq.db_align_beg                  100 
_struct_ref_seq.pdbx_db_align_beg_ins_code    ? 
_struct_ref_seq.db_align_end                  276 
_struct_ref_seq.pdbx_db_align_end_ins_code    ? 
_struct_ref_seq.pdbx_auth_seq_align_beg       110 
_struct_ref_seq.pdbx_auth_seq_align_end       286 
# 
loop_
_struct_ref_seq_dif.align_id 
_struct_ref_seq_dif.pdbx_pdb_id_code 
_struct_ref_seq_dif.mon_id 
_struct_ref_seq_dif.pdbx_pdb_strand_id 
_struct_ref_seq_dif.seq_num 
_struct_ref_seq_dif.pdbx_pdb_ins_code 
_struct_ref_seq_dif.pdbx_seq_db_name 
_struct_ref_seq_dif.pdbx_seq_db_accession_code 
_struct_ref_seq_dif.db_mon_id 
_struct_ref_seq_dif.pdbx_seq_db_seq_num 
_struct_ref_seq_dif.details 
_struct_ref_seq_dif.pdbx_auth_seq_num 
_struct_ref_seq_dif.pdbx_ordinal 
1 3CBQ MET A 1  ? UNP Q8IYK8 ? ? 'expression tag' 92  1  
1 3CBQ HIS A 2  ? UNP Q8IYK8 ? ? 'expression tag' 93  2  
1 3CBQ HIS A 3  ? UNP Q8IYK8 ? ? 'expression tag' 94  3  
1 3CBQ HIS A 4  ? UNP Q8IYK8 ? ? 'expression tag' 95  4  
1 3CBQ HIS A 5  ? UNP Q8IYK8 ? ? 'expression tag' 96  5  
1 3CBQ HIS A 6  ? UNP Q8IYK8 ? ? 'expression tag' 97  6  
1 3CBQ HIS A 7  ? UNP Q8IYK8 ? ? 'expression tag' 98  7  
1 3CBQ SER A 8  ? UNP Q8IYK8 ? ? 'expression tag' 99  8  
1 3CBQ SER A 9  ? UNP Q8IYK8 ? ? 'expression tag' 100 9  
1 3CBQ GLY A 10 ? UNP Q8IYK8 ? ? 'expression tag' 101 10 
1 3CBQ ARG A 11 ? UNP Q8IYK8 ? ? 'expression tag' 102 11 
1 3CBQ GLU A 12 ? UNP Q8IYK8 ? ? 'expression tag' 103 12 
1 3CBQ ASN A 13 ? UNP Q8IYK8 ? ? 'expression tag' 104 13 
1 3CBQ LEU A 14 ? UNP Q8IYK8 ? ? 'expression tag' 105 14 
1 3CBQ TYR A 15 ? UNP Q8IYK8 ? ? 'expression tag' 106 15 
1 3CBQ PHE A 16 ? UNP Q8IYK8 ? ? 'expression tag' 107 16 
1 3CBQ GLN A 17 ? UNP Q8IYK8 ? ? 'expression tag' 108 17 
1 3CBQ GLY A 18 ? UNP Q8IYK8 ? ? 'expression tag' 109 18 
# 
loop_
_chem_comp.id 
_chem_comp.type 
_chem_comp.mon_nstd_flag 
_chem_comp.name 
_chem_comp.pdbx_synonyms 
_chem_comp.formula 
_chem_comp.formula_weight 
ALA 'L-peptide linking' y ALANINE                    ?                 'C3 H7 N O2'        89.093  
ARG 'L-peptide linking' y ARGININE                   ?                 'C6 H15 N4 O2 1'    175.209 
ASN 'L-peptide linking' y ASPARAGINE                 ?                 'C4 H8 N2 O3'       132.118 
ASP 'L-peptide linking' y 'ASPARTIC ACID'            ?                 'C4 H7 N O4'        133.103 
CYS 'L-peptide linking' y CYSTEINE                   ?                 'C3 H7 N O2 S'      121.158 
EDO non-polymer         . 1,2-ETHANEDIOL             'ETHYLENE GLYCOL' 'C2 H6 O2'          62.068  
GDP 'RNA linking'       n "GUANOSINE-5'-DIPHOSPHATE" ?                 'C10 H15 N5 O11 P2' 443.201 
GLN 'L-peptide linking' y GLUTAMINE                  ?                 'C5 H10 N2 O3'      146.144 
GLU 'L-peptide linking' y 'GLUTAMIC ACID'            ?                 'C5 H9 N O4'        147.129 
GLY 'peptide linking'   y GLYCINE                    ?                 'C2 H5 N O2'        75.067  
HIS 'L-peptide linking' y HISTIDINE                  ?                 'C6 H10 N3 O2 1'    156.162 
HOH non-polymer         . WATER                      ?                 'H2 O'              18.015  
ILE 'L-peptide linking' y ISOLEUCINE                 ?                 'C6 H13 N O2'       131.173 
LEU 'L-peptide linking' y LEUCINE                    ?                 'C6 H13 N O2'       131.173 
LYS 'L-peptide linking' y LYSINE                     ?                 'C6 H15 N2 O2 1'    147.195 
MET 'L-peptide linking' y METHIONINE                 ?                 'C5 H11 N O2 S'     149.211 
MG  non-polymer         . 'MAGNESIUM ION'            ?                 'Mg 2'              24.305  
PHE 'L-peptide linking' y PHENYLALANINE              ?                 'C9 H11 N O2'       165.189 
PRO 'L-peptide linking' y PROLINE                    ?                 'C5 H9 N O2'        115.130 
SER 'L-peptide linking' y SERINE                     ?                 'C3 H7 N O3'        105.093 
THR 'L-peptide linking' y THREONINE                  ?                 'C4 H9 N O3'        119.119 
TRP 'L-peptide linking' y TRYPTOPHAN                 ?                 'C11 H12 N2 O2'     204.225 
TYR 'L-peptide linking' y TYROSINE                   ?                 'C9 H11 N O3'       181.189 
UNX non-polymer         . 'UNKNOWN ATOM OR ION'      ?                 ?                   ?       
VAL 'L-peptide linking' y VALINE                     ?                 'C5 H11 N O2'       117.146 
# 
_exptl.crystals_number   1 
_exptl.entry_id          3CBQ 
_exptl.method            'X-RAY DIFFRACTION' 
# 
_exptl_crystal.id                    1 
_exptl_crystal.density_percent_sol   28.39 
_exptl_crystal.density_Matthews      1.72 
_exptl_crystal.density_meas          ? 
_exptl_crystal.description           ? 
_exptl_crystal.F_000                 ? 
_exptl_crystal.preparation           ? 
# 
_exptl_crystal_grow.crystal_id      1 
_exptl_crystal_grow.method          'VAPOR DIFFUSION' 
_exptl_crystal_grow.pH              ? 
_exptl_crystal_grow.temp            291 
_exptl_crystal_grow.pdbx_details    '20% PEG 3350, 0.2M KCl, VAPOR DIFFUSION, temperature 291K' 
_exptl_crystal_grow.temp_details    ? 
_exptl_crystal_grow.pdbx_pH_range   . 
# 
_diffrn.id                     1 
_diffrn.ambient_temp           100 
_diffrn.ambient_temp_details   ? 
_diffrn.crystal_id             1 
# 
_diffrn_detector.diffrn_id              1 
_diffrn_detector.detector               'IMAGE PLATE' 
_diffrn_detector.type                   'RIGAKU RAXIS' 
_diffrn_detector.pdbx_collection_date   2008-02-07 
_diffrn_detector.details                ? 
# 
_diffrn_radiation.diffrn_id                        1 
_diffrn_radiation.pdbx_diffrn_protocol             'SINGLE WAVELENGTH' 
_diffrn_radiation.monochromator                    ? 
_diffrn_radiation.wavelength_id                    1 
_diffrn_radiation.pdbx_monochromatic_or_laue_m_l   M 
_diffrn_radiation.pdbx_scattering_type             x-ray 
# 
_diffrn_radiation_wavelength.id           1 
_diffrn_radiation_wavelength.wavelength   1.5418 
_diffrn_radiation_wavelength.wt           1.0 
# 
_diffrn_source.diffrn_id                   1 
_diffrn_source.source                      'ROTATING ANODE' 
_diffrn_source.type                        'RIGAKU FR-E' 
_diffrn_source.pdbx_wavelength_list        1.5418 
_diffrn_source.pdbx_wavelength             ? 
_diffrn_source.pdbx_synchrotron_site       ? 
_diffrn_source.pdbx_synchrotron_beamline   ? 
# 
_reflns.entry_id                     3CBQ 
_reflns.d_resolution_high            1.820 
_reflns.d_resolution_low             25.000 
_reflns.number_obs                   13866 
_reflns.pdbx_Rmerge_I_obs            0.074 
_reflns.pdbx_netI_over_sigmaI        10.600 
_reflns.pdbx_chi_squared             1.626 
_reflns.pdbx_redundancy              6.900 
_reflns.percent_possible_obs         99.800 
_reflns.observed_criterion_sigma_F   ? 
_reflns.observed_criterion_sigma_I   ? 
_reflns.number_all                   ? 
_reflns.pdbx_Rsym_value              ? 
_reflns.B_iso_Wilson_estimate        ? 
_reflns.R_free_details               ? 
_reflns.limit_h_max                  ? 
_reflns.limit_h_min                  ? 
_reflns.limit_k_max                  ? 
_reflns.limit_k_min                  ? 
_reflns.limit_l_max                  ? 
_reflns.limit_l_min                  ? 
_reflns.observed_criterion_F_max     ? 
_reflns.observed_criterion_F_min     ? 
_reflns.pdbx_scaling_rejects         ? 
_reflns.pdbx_diffrn_id               1 
_reflns.pdbx_ordinal                 1 
# 
loop_
_reflns_shell.d_res_high 
_reflns_shell.d_res_low 
_reflns_shell.number_measured_obs 
_reflns_shell.number_measured_all 
_reflns_shell.number_unique_obs 
_reflns_shell.Rmerge_I_obs 
_reflns_shell.meanI_over_sigI_obs 
_reflns_shell.pdbx_Rsym_value 
_reflns_shell.pdbx_chi_squared 
_reflns_shell.pdbx_redundancy 
_reflns_shell.percent_possible_obs 
_reflns_shell.number_unique_all 
_reflns_shell.percent_possible_all 
_reflns_shell.pdbx_diffrn_id 
_reflns_shell.pdbx_ordinal 
1.82 1.89  ? ? ? 0.658 ? ? 1.003 6.50 ? 1364 99.00  ? 1  
1.89 1.96  ? ? ? 0.496 ? ? 1.065 6.80 ? 1347 99.70  ? 2  
1.96 2.05  ? ? ? 0.362 ? ? 1.174 6.80 ? 1376 99.70  ? 3  
2.05 2.16  ? ? ? 0.250 ? ? 1.197 6.80 ? 1386 99.90  ? 4  
2.16 2.29  ? ? ? 0.184 ? ? 1.256 6.90 ? 1344 100.00 ? 5  
2.29 2.47  ? ? ? 0.133 ? ? 1.293 7.00 ? 1383 100.00 ? 6  
2.47 2.72  ? ? ? 0.098 ? ? 1.301 7.10 ? 1382 100.00 ? 7  
2.72 3.11  ? ? ? 0.065 ? ? 1.332 7.20 ? 1376 100.00 ? 8  
3.11 3.92  ? ? ? 0.042 ? ? 1.552 7.10 ? 1428 100.00 ? 9  
3.92 25.00 ? ? ? 0.033 ? ? 4.871 6.80 ? 1480 99.90  ? 10 
# 
_refine.entry_id                                 3CBQ 
_refine.ls_d_res_high                            1.820 
_refine.ls_d_res_low                             22.710 
_refine.pdbx_ls_sigma_F                          0.00 
_refine.ls_percent_reflns_obs                    99.810 
_refine.ls_number_reflns_obs                     13840 
_refine.pdbx_ls_cross_valid_method               THROUGHOUT 
_refine.pdbx_R_Free_selection_details            RANDOM 
_refine.details                                  
'HYDROGENS HAVE BEEN ADDED IN THE RIDING POSITIONS. Programs ARP/wARP, Molprobity, Coot have also been used in refinement.' 
_refine.ls_R_factor_obs                          0.192 
_refine.ls_R_factor_R_work                       0.190 
_refine.ls_wR_factor_R_work                      0.178 
_refine.ls_R_factor_R_free                       0.249 
_refine.ls_wR_factor_R_free                      0.235 
_refine.ls_percent_reflns_R_free                 4.900 
_refine.ls_number_reflns_R_free                  679 
_refine.B_iso_mean                               20.115 
_refine.aniso_B[1][1]                            -1.330 
_refine.aniso_B[2][2]                            1.970 
_refine.aniso_B[3][3]                            -0.640 
_refine.aniso_B[1][2]                            0.000 
_refine.aniso_B[1][3]                            0.000 
_refine.aniso_B[2][3]                            0.000 
_refine.correlation_coeff_Fo_to_Fc               0.953 
_refine.correlation_coeff_Fo_to_Fc_free          0.937 
_refine.pdbx_overall_ESU_R                       0.153 
_refine.pdbx_overall_ESU_R_Free                  0.151 
_refine.overall_SU_ML                            0.100 
_refine.overall_SU_B                             3.159 
_refine.solvent_model_details                    MASK 
_refine.pdbx_solvent_vdw_probe_radii             1.200 
_refine.pdbx_solvent_ion_probe_radii             0.800 
_refine.pdbx_solvent_shrinkage_radii             0.800 
_refine.pdbx_method_to_determine_struct          'MOLECULAR REPLACEMENT' 
_refine.pdbx_stereochemistry_target_values       'MAXIMUM LIKELIHOOD' 
_refine.pdbx_ls_sigma_I                          ? 
_refine.ls_number_reflns_all                     ? 
_refine.ls_R_factor_all                          ? 
_refine.ls_redundancy_reflns_obs                 ? 
_refine.pdbx_data_cutoff_high_absF               ? 
_refine.pdbx_data_cutoff_low_absF                ? 
_refine.ls_number_parameters                     ? 
_refine.ls_number_restraints                     ? 
_refine.ls_R_factor_R_free_error                 ? 
_refine.ls_R_factor_R_free_error_details         ? 
_refine.pdbx_starting_model                      'PDB entry 2GJS' 
_refine.pdbx_stereochem_target_val_spec_case     ? 
_refine.solvent_model_param_bsol                 ? 
_refine.solvent_model_param_ksol                 ? 
_refine.occupancy_max                            ? 
_refine.occupancy_min                            ? 
_refine.pdbx_isotropic_thermal_model             ? 
_refine.B_iso_min                                ? 
_refine.B_iso_max                                ? 
_refine.overall_SU_R_Cruickshank_DPI             ? 
_refine.overall_SU_R_free                        ? 
_refine.pdbx_data_cutoff_high_rms_absF           ? 
_refine.overall_FOM_free_R_set                   ? 
_refine.overall_FOM_work_R_set                   ? 
_refine.pdbx_overall_phase_error                 ? 
_refine.pdbx_refine_id                           'X-RAY DIFFRACTION' 
_refine.pdbx_diffrn_id                           1 
_refine.pdbx_TLS_residual_ADP_flag               ? 
_refine.pdbx_overall_SU_R_free_Cruickshank_DPI   ? 
_refine.pdbx_overall_SU_R_Blow_DPI               ? 
_refine.pdbx_overall_SU_R_free_Blow_DPI          ? 
# 
_refine_hist.pdbx_refine_id                   'X-RAY DIFFRACTION' 
_refine_hist.cycle_id                         LAST 
_refine_hist.pdbx_number_atoms_protein        1309 
_refine_hist.pdbx_number_atoms_nucleic_acid   0 
_refine_hist.pdbx_number_atoms_ligand         38 
_refine_hist.number_atoms_solvent             70 
_refine_hist.number_atoms_total               1417 
_refine_hist.d_res_high                       1.820 
_refine_hist.d_res_low                        22.710 
# 
loop_
_refine_ls_restr.type 
_refine_ls_restr.number 
_refine_ls_restr.dev_ideal 
_refine_ls_restr.dev_ideal_target 
_refine_ls_restr.weight 
_refine_ls_restr.pdbx_refine_id 
_refine_ls_restr.pdbx_restraint_function 
r_bond_refined_d         1369 0.016  0.021  ? 'X-RAY DIFFRACTION' ? 
r_bond_other_d           938  0.002  0.020  ? 'X-RAY DIFFRACTION' ? 
r_angle_refined_deg      1852 1.437  1.982  ? 'X-RAY DIFFRACTION' ? 
r_angle_other_deg        2260 0.922  3.000  ? 'X-RAY DIFFRACTION' ? 
r_dihedral_angle_1_deg   168  5.693  5.000  ? 'X-RAY DIFFRACTION' ? 
r_dihedral_angle_2_deg   63   32.629 22.381 ? 'X-RAY DIFFRACTION' ? 
r_dihedral_angle_3_deg   226  11.281 15.000 ? 'X-RAY DIFFRACTION' ? 
r_dihedral_angle_4_deg   15   19.485 15.000 ? 'X-RAY DIFFRACTION' ? 
r_chiral_restr           206  0.084  0.200  ? 'X-RAY DIFFRACTION' ? 
r_gen_planes_refined     1516 0.005  0.020  ? 'X-RAY DIFFRACTION' ? 
r_gen_planes_other       293  0.001  0.020  ? 'X-RAY DIFFRACTION' ? 
r_nbd_refined            258  0.194  0.200  ? 'X-RAY DIFFRACTION' ? 
r_nbd_other              960  0.203  0.200  ? 'X-RAY DIFFRACTION' ? 
r_nbtor_refined          646  0.167  0.200  ? 'X-RAY DIFFRACTION' ? 
r_nbtor_other            693  0.083  0.200  ? 'X-RAY DIFFRACTION' ? 
r_xyhbond_nbd_refined    66   0.128  0.200  ? 'X-RAY DIFFRACTION' ? 
r_xyhbond_nbd_other      1    0.107  0.200  ? 'X-RAY DIFFRACTION' ? 
r_metal_ion_refined      1    0.052  0.200  ? 'X-RAY DIFFRACTION' ? 
r_symmetry_vdw_refined   10   0.072  0.200  ? 'X-RAY DIFFRACTION' ? 
r_symmetry_vdw_other     37   0.266  0.200  ? 'X-RAY DIFFRACTION' ? 
r_symmetry_hbond_refined 7    0.154  0.200  ? 'X-RAY DIFFRACTION' ? 
r_mcbond_it              923  2.656  2.000  ? 'X-RAY DIFFRACTION' ? 
r_mcbond_other           349  0.760  2.000  ? 'X-RAY DIFFRACTION' ? 
r_mcangle_it             1331 3.214  3.000  ? 'X-RAY DIFFRACTION' ? 
r_scbond_it              585  2.623  2.000  ? 'X-RAY DIFFRACTION' ? 
r_scangle_it             521  3.574  3.000  ? 'X-RAY DIFFRACTION' ? 
# 
loop_
_refine_ls_shell.pdbx_total_number_of_bins_used 
_refine_ls_shell.d_res_low 
_refine_ls_shell.d_res_high 
_refine_ls_shell.number_reflns_all 
_refine_ls_shell.percent_reflns_obs 
_refine_ls_shell.number_reflns_R_work 
_refine_ls_shell.R_factor_R_work 
_refine_ls_shell.number_reflns_R_free 
_refine_ls_shell.R_factor_R_free 
_refine_ls_shell.number_reflns_obs 
_refine_ls_shell.R_factor_R_free_error 
_refine_ls_shell.percent_reflns_R_free 
_refine_ls_shell.redundancy_reflns_obs 
_refine_ls_shell.R_factor_all 
_refine_ls_shell.pdbx_refine_id 
20 1.869  1.820 1008 99.107  944 0.267 55 0.335 . . . . . 'X-RAY DIFFRACTION' 
20 1.920  1.869 976  99.283  919 0.225 50 0.331 . . . . . 'X-RAY DIFFRACTION' 
20 1.975  1.920 958  99.582  892 0.214 62 0.296 . . . . . 'X-RAY DIFFRACTION' 
20 2.036  1.975 913  99.562  868 0.197 41 0.247 . . . . . 'X-RAY DIFFRACTION' 
20 2.102  2.036 892  100.000 843 0.181 49 0.246 . . . . . 'X-RAY DIFFRACTION' 
20 2.175  2.102 878  99.886  837 0.187 40 0.222 . . . . . 'X-RAY DIFFRACTION' 
20 2.256  2.175 838  100.000 794 0.181 44 0.238 . . . . . 'X-RAY DIFFRACTION' 
20 2.347  2.256 810  100.000 773 0.180 37 0.267 . . . . . 'X-RAY DIFFRACTION' 
20 2.451  2.347 788  100.000 750 0.180 38 0.284 . . . . . 'X-RAY DIFFRACTION' 
20 2.569  2.451 741  100.000 695 0.184 46 0.240 . . . . . 'X-RAY DIFFRACTION' 
20 2.706  2.569 722  100.000 692 0.194 30 0.230 . . . . . 'X-RAY DIFFRACTION' 
20 2.867  2.706 675  100.000 641 0.181 34 0.212 . . . . . 'X-RAY DIFFRACTION' 
20 3.062  2.867 648  100.000 628 0.201 20 0.269 . . . . . 'X-RAY DIFFRACTION' 
20 3.302  3.062 586  100.000 561 0.189 25 0.249 . . . . . 'X-RAY DIFFRACTION' 
20 3.610  3.302 565  100.000 546 0.190 19 0.343 . . . . . 'X-RAY DIFFRACTION' 
20 4.023  3.610 508  100.000 486 0.173 22 0.237 . . . . . 'X-RAY DIFFRACTION' 
20 4.621  4.023 450  100.000 425 0.157 25 0.193 . . . . . 'X-RAY DIFFRACTION' 
20 5.602  4.621 384  100.000 361 0.192 23 0.238 . . . . . 'X-RAY DIFFRACTION' 
20 7.692  5.602 319  100.000 308 0.236 11 0.370 . . . . . 'X-RAY DIFFRACTION' 
20 22.710 7.692 207  99.517  198 0.191 8  0.109 . . . . . 'X-RAY DIFFRACTION' 
# 
_struct.entry_id                  3CBQ 
_struct.title                     'Crystal structure of the human REM2 GTPase with bound GDP' 
_struct.pdbx_model_details        ? 
_struct.pdbx_CASP_flag            ? 
_struct.pdbx_model_type_details   ? 
# 
_struct_keywords.entry_id        3CBQ 
_struct_keywords.text            
'FLJ38964A, Structural Genomics Consortium, SGC, GDP, GTP-binding, Membrane, Nucleotide-binding, NUCLEOTIDE BINDING PROTEIN' 
_struct_keywords.pdbx_keywords   'NUCLEOTIDE BINDING PROTEIN' 
# 
loop_
_struct_asym.id 
_struct_asym.pdbx_blank_PDB_chainid_flag 
_struct_asym.pdbx_modified 
_struct_asym.entity_id 
_struct_asym.details 
A N N 1 ? 
B N N 2 ? 
C N N 3 ? 
D N N 4 ? 
E N N 4 ? 
F N N 5 ? 
G N N 6 ? 
# 
_struct_biol.id        1 
_struct_biol.details   'AUTHORS STATE THAT THE BIOLOGICAL UNIT IS UNKNOWN.' 
# 
loop_
_struct_conf.conf_type_id 
_struct_conf.id 
_struct_conf.pdbx_PDB_helix_id 
_struct_conf.beg_label_comp_id 
_struct_conf.beg_label_asym_id 
_struct_conf.beg_label_seq_id 
_struct_conf.pdbx_beg_PDB_ins_code 
_struct_conf.end_label_comp_id 
_struct_conf.end_label_asym_id 
_struct_conf.end_label_seq_id 
_struct_conf.pdbx_end_PDB_ins_code 
_struct_conf.beg_auth_comp_id 
_struct_conf.beg_auth_asym_id 
_struct_conf.beg_auth_seq_id 
_struct_conf.end_auth_comp_id 
_struct_conf.end_auth_asym_id 
_struct_conf.end_auth_seq_id 
_struct_conf.pdbx_PDB_helix_class 
_struct_conf.details 
_struct_conf.pdbx_PDB_helix_length 
HELX_P HELX_P1 1 GLY A 35  ? PHE A 43  ? GLY A 126 PHE A 134 1 ? 9  
HELX_P HELX_P2 2 ASP A 49  ? GLU A 53  ? ASP A 140 GLU A 144 5 ? 5  
HELX_P HELX_P3 3 GLY A 83  ? ALA A 85  ? GLY A 174 ALA A 176 5 ? 3  
HELX_P HELX_P4 4 GLY A 86  ? GLY A 97  ? GLY A 177 GLY A 188 1 ? 12 
HELX_P HELX_P5 5 ASP A 108 ? LYS A 114 ? ASP A 199 LYS A 205 1 ? 7  
HELX_P HELX_P6 6 LYS A 114 ? ARG A 126 ? LYS A 205 ARG A 217 1 ? 13 
HELX_P HELX_P7 7 SER A 149 ? LEU A 160 ? SER A 240 LEU A 251 1 ? 12 
HELX_P HELX_P8 8 ASN A 174 ? LEU A 188 ? ASN A 265 LEU A 279 1 ? 15 
# 
_struct_conf_type.id          HELX_P 
_struct_conf_type.criteria    ? 
_struct_conf_type.reference   ? 
# 
loop_
_struct_conn.id 
_struct_conn.conn_type_id 
_struct_conn.pdbx_leaving_atom_flag 
_struct_conn.pdbx_PDB_id 
_struct_conn.ptnr1_label_asym_id 
_struct_conn.ptnr1_label_comp_id 
_struct_conn.ptnr1_label_seq_id 
_struct_conn.ptnr1_label_atom_id 
_struct_conn.pdbx_ptnr1_label_alt_id 
_struct_conn.pdbx_ptnr1_PDB_ins_code 
_struct_conn.pdbx_ptnr1_standard_comp_id 
_struct_conn.ptnr1_symmetry 
_struct_conn.ptnr2_label_asym_id 
_struct_conn.ptnr2_label_comp_id 
_struct_conn.ptnr2_label_seq_id 
_struct_conn.ptnr2_label_atom_id 
_struct_conn.pdbx_ptnr2_label_alt_id 
_struct_conn.pdbx_ptnr2_PDB_ins_code 
_struct_conn.ptnr1_auth_asym_id 
_struct_conn.ptnr1_auth_comp_id 
_struct_conn.ptnr1_auth_seq_id 
_struct_conn.ptnr2_auth_asym_id 
_struct_conn.ptnr2_auth_comp_id 
_struct_conn.ptnr2_auth_seq_id 
_struct_conn.ptnr2_symmetry 
_struct_conn.pdbx_ptnr3_label_atom_id 
_struct_conn.pdbx_ptnr3_label_seq_id 
_struct_conn.pdbx_ptnr3_label_comp_id 
_struct_conn.pdbx_ptnr3_label_asym_id 
_struct_conn.pdbx_ptnr3_label_alt_id 
_struct_conn.pdbx_ptnr3_PDB_ins_code 
_struct_conn.details 
_struct_conn.pdbx_dist_value 
_struct_conn.pdbx_value_order 
_struct_conn.pdbx_role 
metalc1 metalc ? ? A SER 37 OG ? ? ? 1_555 B MG  . MG  ? ? A SER 128 A MG  301 1_555 ? ? ? ? ? ? ? 2.129 ? ? 
metalc2 metalc ? ? B MG  .  MG ? ? ? 1_555 C GDP . O1B ? ? A MG  301 A GDP 302 1_555 ? ? ? ? ? ? ? 1.938 ? ? 
metalc3 metalc ? ? B MG  .  MG ? ? ? 1_555 G HOH . O   ? ? A MG  301 A HOH 311 1_555 ? ? ? ? ? ? ? 2.180 ? ? 
metalc4 metalc ? ? B MG  .  MG ? ? ? 1_555 G HOH . O   ? ? A MG  301 A HOH 317 1_555 ? ? ? ? ? ? ? 2.255 ? ? 
metalc5 metalc ? ? B MG  .  MG ? ? ? 1_555 G HOH . O   ? ? A MG  301 A HOH 318 1_555 ? ? ? ? ? ? ? 2.193 ? ? 
metalc6 metalc ? ? B MG  .  MG ? ? ? 1_555 G HOH . O   ? ? A MG  301 A HOH 332 1_555 ? ? ? ? ? ? ? 2.152 ? ? 
# 
_struct_conn_type.id          metalc 
_struct_conn_type.criteria    ? 
_struct_conn_type.reference   ? 
# 
_struct_mon_prot_cis.pdbx_id                1 
_struct_mon_prot_cis.label_comp_id          GLU 
_struct_mon_prot_cis.label_seq_id           53 
_struct_mon_prot_cis.label_asym_id          A 
_struct_mon_prot_cis.label_alt_id           . 
_struct_mon_prot_cis.pdbx_PDB_ins_code      ? 
_struct_mon_prot_cis.auth_comp_id           GLU 
_struct_mon_prot_cis.auth_seq_id            144 
_struct_mon_prot_cis.auth_asym_id           A 
_struct_mon_prot_cis.pdbx_label_comp_id_2   PRO 
_struct_mon_prot_cis.pdbx_label_seq_id_2    54 
_struct_mon_prot_cis.pdbx_label_asym_id_2   A 
_struct_mon_prot_cis.pdbx_PDB_ins_code_2    ? 
_struct_mon_prot_cis.pdbx_auth_comp_id_2    PRO 
_struct_mon_prot_cis.pdbx_auth_seq_id_2     145 
_struct_mon_prot_cis.pdbx_auth_asym_id_2    A 
_struct_mon_prot_cis.pdbx_PDB_model_num     1 
_struct_mon_prot_cis.pdbx_omega_angle       1.15 
# 
_struct_sheet.id               A 
_struct_sheet.type             ? 
_struct_sheet.number_strands   7 
_struct_sheet.details          ? 
# 
loop_
_struct_sheet_order.sheet_id 
_struct_sheet_order.range_id_1 
_struct_sheet_order.range_id_2 
_struct_sheet_order.offset 
_struct_sheet_order.sense 
A 1 2 ? anti-parallel 
A 2 3 ? anti-parallel 
A 3 4 ? parallel      
A 4 5 ? parallel      
A 5 6 ? parallel      
A 6 7 ? parallel      
# 
loop_
_struct_sheet_range.sheet_id 
_struct_sheet_range.id 
_struct_sheet_range.beg_label_comp_id 
_struct_sheet_range.beg_label_asym_id 
_struct_sheet_range.beg_label_seq_id 
_struct_sheet_range.pdbx_beg_PDB_ins_code 
_struct_sheet_range.end_label_comp_id 
_struct_sheet_range.end_label_asym_id 
_struct_sheet_range.end_label_seq_id 
_struct_sheet_range.pdbx_end_PDB_ins_code 
_struct_sheet_range.beg_auth_comp_id 
_struct_sheet_range.beg_auth_asym_id 
_struct_sheet_range.beg_auth_seq_id 
_struct_sheet_range.end_auth_comp_id 
_struct_sheet_range.end_auth_asym_id 
_struct_sheet_range.end_auth_seq_id 
A 1 LEU A 46  ? GLN A 47  ? LEU A 137 GLN A 138 
A 2 THR A 60  ? VAL A 67  ? THR A 151 VAL A 158 
A 3 GLU A 70  ? TYR A 77  ? GLU A 161 TYR A 168 
A 4 ILE A 23  ? VAL A 29  ? ILE A 114 VAL A 120 
A 5 ALA A 99  ? SER A 105 ? ALA A 190 SER A 196 
A 6 VAL A 133 ? ASN A 138 ? VAL A 224 ASN A 229 
A 7 LYS A 163 ? THR A 167 ? LYS A 254 THR A 258 
# 
loop_
_pdbx_struct_sheet_hbond.sheet_id 
_pdbx_struct_sheet_hbond.range_id_1 
_pdbx_struct_sheet_hbond.range_id_2 
_pdbx_struct_sheet_hbond.range_1_label_atom_id 
_pdbx_struct_sheet_hbond.range_1_label_comp_id 
_pdbx_struct_sheet_hbond.range_1_label_asym_id 
_pdbx_struct_sheet_hbond.range_1_label_seq_id 
_pdbx_struct_sheet_hbond.range_1_PDB_ins_code 
_pdbx_struct_sheet_hbond.range_1_auth_atom_id 
_pdbx_struct_sheet_hbond.range_1_auth_comp_id 
_pdbx_struct_sheet_hbond.range_1_auth_asym_id 
_pdbx_struct_sheet_hbond.range_1_auth_seq_id 
_pdbx_struct_sheet_hbond.range_2_label_atom_id 
_pdbx_struct_sheet_hbond.range_2_label_comp_id 
_pdbx_struct_sheet_hbond.range_2_label_asym_id 
_pdbx_struct_sheet_hbond.range_2_label_seq_id 
_pdbx_struct_sheet_hbond.range_2_PDB_ins_code 
_pdbx_struct_sheet_hbond.range_2_auth_atom_id 
_pdbx_struct_sheet_hbond.range_2_auth_comp_id 
_pdbx_struct_sheet_hbond.range_2_auth_asym_id 
_pdbx_struct_sheet_hbond.range_2_auth_seq_id 
A 1 2 N LEU A 46  ? N LEU A 137 O GLU A 62  ? O GLU A 153 
A 2 3 N TYR A 61  ? N TYR A 152 O VAL A 76  ? O VAL A 167 
A 3 4 O VAL A 75  ? O VAL A 166 N PHE A 24  ? N PHE A 115 
A 4 5 N VAL A 29  ? N VAL A 120 O VAL A 103 ? O VAL A 194 
A 5 6 N PHE A 104 ? N PHE A 195 O ASN A 138 ? O ASN A 229 
A 6 7 N LEU A 135 ? N LEU A 226 O LYS A 163 ? O LYS A 254 
# 
loop_
_struct_site.id 
_struct_site.pdbx_evidence_code 
_struct_site.pdbx_auth_asym_id 
_struct_site.pdbx_auth_comp_id 
_struct_site.pdbx_auth_seq_id 
_struct_site.pdbx_auth_ins_code 
_struct_site.pdbx_num_residues 
_struct_site.details 
AC1 Software A MG  301 ? 5  'BINDING SITE FOR RESIDUE MG A 301'  
AC2 Software A GDP 302 ? 19 'BINDING SITE FOR RESIDUE GDP A 302' 
AC3 Software A EDO 303 ? 5  'BINDING SITE FOR RESIDUE EDO A 303' 
AC4 Software A EDO 304 ? 6  'BINDING SITE FOR RESIDUE EDO A 304' 
AC5 Software A UNX 1   ? 2  'BINDING SITE FOR RESIDUE UNX A 1'   
# 
loop_
_struct_site_gen.id 
_struct_site_gen.site_id 
_struct_site_gen.pdbx_num_res 
_struct_site_gen.label_comp_id 
_struct_site_gen.label_asym_id 
_struct_site_gen.label_seq_id 
_struct_site_gen.pdbx_auth_ins_code 
_struct_site_gen.auth_comp_id 
_struct_site_gen.auth_asym_id 
_struct_site_gen.auth_seq_id 
_struct_site_gen.label_atom_id 
_struct_site_gen.label_alt_id 
_struct_site_gen.symmetry 
_struct_site_gen.details 
1  AC1 5  SER A 37  ? SER A 128 . ? 1_555 ? 
2  AC1 5  HOH G .   ? HOH A 311 . ? 1_555 ? 
3  AC1 5  HOH G .   ? HOH A 317 . ? 1_555 ? 
4  AC1 5  HOH G .   ? HOH A 318 . ? 1_555 ? 
5  AC1 5  HOH G .   ? HOH A 332 . ? 1_555 ? 
6  AC2 19 GLY A 33  ? GLY A 124 . ? 1_555 ? 
7  AC2 19 GLY A 35  ? GLY A 126 . ? 1_555 ? 
8  AC2 19 LYS A 36  ? LYS A 127 . ? 1_555 ? 
9  AC2 19 SER A 37  ? SER A 128 . ? 1_555 ? 
10 AC2 19 THR A 38  ? THR A 129 . ? 1_555 ? 
11 AC2 19 ASN A 138 ? ASN A 229 . ? 1_555 ? 
12 AC2 19 LYS A 139 ? LYS A 230 . ? 1_555 ? 
13 AC2 19 ASP A 141 ? ASP A 232 . ? 1_555 ? 
14 AC2 19 LEU A 142 ? LEU A 233 . ? 1_555 ? 
15 AC2 19 SER A 168 ? SER A 259 . ? 1_555 ? 
16 AC2 19 ALA A 169 ? ALA A 260 . ? 1_555 ? 
17 AC2 19 ALA A 170 ? ALA A 261 . ? 1_555 ? 
18 AC2 19 HOH G .   ? HOH A 311 . ? 1_555 ? 
19 AC2 19 HOH G .   ? HOH A 318 . ? 1_555 ? 
20 AC2 19 HOH G .   ? HOH A 332 . ? 1_555 ? 
21 AC2 19 HOH G .   ? HOH A 338 . ? 1_555 ? 
22 AC2 19 HOH G .   ? HOH A 349 . ? 1_555 ? 
23 AC2 19 HOH G .   ? HOH A 350 . ? 1_555 ? 
24 AC2 19 HOH G .   ? HOH A 351 . ? 1_555 ? 
25 AC3 5  GLY A 30  ? GLY A 121 . ? 1_555 ? 
26 AC3 5  GLU A 31  ? GLU A 122 . ? 1_555 ? 
27 AC3 5  SER A 111 ? SER A 202 . ? 1_555 ? 
28 AC3 5  LYS A 114 ? LYS A 205 . ? 1_555 ? 
29 AC3 5  THR A 118 ? THR A 209 . ? 1_555 ? 
30 AC4 6  ARG A 90  ? ARG A 181 . ? 1_555 ? 
31 AC4 6  ASP A 91  ? ASP A 182 . ? 1_555 ? 
32 AC4 6  LEU A 94  ? LEU A 185 . ? 1_555 ? 
33 AC4 6  ARG A 121 ? ARG A 212 . ? 1_555 ? 
34 AC4 6  HOH G .   ? HOH A 327 . ? 1_555 ? 
35 AC4 6  HOH G .   ? HOH A 373 . ? 8_555 ? 
36 AC5 2  SER A 140 ? SER A 231 . ? 1_555 ? 
37 AC5 2  ASP A 141 ? ASP A 232 . ? 1_555 ? 
# 
_atom_sites.entry_id                    3CBQ 
_atom_sites.fract_transf_matrix[1][1]   -0.01470908 
_atom_sites.fract_transf_matrix[1][2]   0.00472632 
_atom_sites.fract_transf_matrix[1][3]   -0.00208641 
_atom_sites.fract_transf_matrix[2][1]   -0.00268867 
_atom_sites.fract_transf_matrix[2][2]   -0.00164800 
_atom_sites.fract_transf_matrix[2][3]   0.01522177 
_atom_sites.fract_transf_matrix[3][1]   0.00386129 
_atom_sites.fract_transf_matrix[3][2]   0.01293634 
_atom_sites.fract_transf_matrix[3][3]   0.00208260 
_atom_sites.fract_transf_vector[1]      0.143925 
_atom_sites.fract_transf_vector[2]      0.236096 
_atom_sites.fract_transf_vector[3]      0.026217 
# 
loop_
_atom_type.symbol 
C  
MG 
N  
O  
P  
S  
X  
# 
loop_
_atom_site.group_PDB 
_atom_site.id 
_atom_site.type_symbol 
_atom_site.label_atom_id 
_atom_site.label_alt_id 
_atom_site.label_comp_id 
_atom_site.label_asym_id 
_atom_site.label_entity_id 
_atom_site.label_seq_id 
_atom_site.pdbx_PDB_ins_code 
_atom_site.Cartn_x 
_atom_site.Cartn_y 
_atom_site.Cartn_z 
_atom_site.occupancy 
_atom_site.B_iso_or_equiv 
_atom_site.pdbx_formal_charge 
_atom_site.auth_seq_id 
_atom_site.auth_comp_id 
_atom_site.auth_asym_id 
_atom_site.auth_atom_id 
_atom_site.pdbx_PDB_model_num 
ATOM   1    N  N     . GLY A 1 22  ? 13.825  12.295  -7.921  1.00 36.24 ? 113 GLY A N     1 
ATOM   2    C  CA    . GLY A 1 22  ? 12.389  12.609  -7.693  1.00 35.72 ? 113 GLY A CA    1 
ATOM   3    C  C     . GLY A 1 22  ? 11.887  12.163  -6.324  1.00 35.00 ? 113 GLY A C     1 
ATOM   4    O  O     . GLY A 1 22  ? 12.592  11.489  -5.573  1.00 34.70 ? 113 GLY A O     1 
ATOM   5    N  N     . ILE A 1 23  ? 10.657  12.557  -6.017  1.00 33.73 ? 114 ILE A N     1 
ATOM   6    C  CA    . ILE A 1 23  ? 9.992   12.232  -4.762  1.00 32.13 ? 114 ILE A CA    1 
ATOM   7    C  C     . ILE A 1 23  ? 8.765   11.407  -5.120  1.00 30.49 ? 114 ILE A C     1 
ATOM   8    O  O     . ILE A 1 23  ? 7.947   11.839  -5.930  1.00 28.36 ? 114 ILE A O     1 
ATOM   9    C  CB    . ILE A 1 23  ? 9.547   13.501  -3.991  1.00 32.23 ? 114 ILE A CB    1 
ATOM   10   C  CG1   . ILE A 1 23  ? 10.764  14.332  -3.531  1.00 35.03 ? 114 ILE A CG1   1 
ATOM   11   C  CG2   . ILE A 1 23  ? 8.699   13.118  -2.786  1.00 28.95 ? 114 ILE A CG2   1 
ATOM   12   C  CD1   . ILE A 1 23  ? 11.096  15.581  -4.375  1.00 38.63 ? 114 ILE A CD1   1 
ATOM   13   N  N     . PHE A 1 24  ? 8.663   10.212  -4.555  1.00 27.93 ? 115 PHE A N     1 
ATOM   14   C  CA    . PHE A 1 24  ? 7.499   9.321   -4.798  1.00 25.72 ? 115 PHE A CA    1 
ATOM   15   C  C     . PHE A 1 24  ? 6.683   9.186   -3.525  1.00 21.79 ? 115 PHE A C     1 
ATOM   16   O  O     . PHE A 1 24  ? 7.227   9.016   -2.434  1.00 22.24 ? 115 PHE A O     1 
ATOM   17   C  CB    . PHE A 1 24  ? 7.926   7.928   -5.266  1.00 25.84 ? 115 PHE A CB    1 
ATOM   18   C  CG    . PHE A 1 24  ? 8.538   7.876   -6.668  1.00 27.48 ? 115 PHE A CG    1 
ATOM   19   C  CD1   . PHE A 1 24  ? 8.569   8.993   -7.508  1.00 27.59 ? 115 PHE A CD1   1 
ATOM   20   C  CD2   . PHE A 1 24  ? 9.045   6.678   -7.152  1.00 26.17 ? 115 PHE A CD2   1 
ATOM   21   C  CE1   . PHE A 1 24  ? 9.114   8.916   -8.789  1.00 27.96 ? 115 PHE A CE1   1 
ATOM   22   C  CE2   . PHE A 1 24  ? 9.603   6.595   -8.427  1.00 29.32 ? 115 PHE A CE2   1 
ATOM   23   C  CZ    . PHE A 1 24  ? 9.636   7.721   -9.247  1.00 29.18 ? 115 PHE A CZ    1 
ATOM   24   N  N     . LYS A 1 25  ? 5.376   9.216   -3.694  1.00 20.88 ? 116 LYS A N     1 
ATOM   25   C  CA    . LYS A 1 25  ? 4.442   9.120   -2.598  1.00 18.91 ? 116 LYS A CA    1 
ATOM   26   C  C     . LYS A 1 25  ? 3.659   7.793   -2.757  1.00 21.68 ? 116 LYS A C     1 
ATOM   27   O  O     . LYS A 1 25  ? 2.932   7.608   -3.700  1.00 19.89 ? 116 LYS A O     1 
ATOM   28   C  CB    . LYS A 1 25  ? 3.507   10.314  -2.606  1.00 24.78 ? 116 LYS A CB    1 
ATOM   29   C  CG    . LYS A 1 25  ? 4.192   11.659  -2.356  1.00 25.58 ? 116 LYS A CG    1 
ATOM   30   C  CD    . LYS A 1 25  ? 3.164   12.783  -2.426  1.00 25.86 ? 116 LYS A CD    1 
ATOM   31   C  CE    . LYS A 1 25  ? 3.688   14.139  -1.875  1.00 27.97 ? 116 LYS A CE    1 
ATOM   32   N  N     . VAL A 1 26  ? 3.853   6.877   -1.828  1.00 19.96 ? 117 VAL A N     1 
ATOM   33   C  CA    . VAL A 1 26  ? 3.251   5.534   -1.904  1.00 16.81 ? 117 VAL A CA    1 
ATOM   34   C  C     . VAL A 1 26  ? 2.258   5.337   -0.761  1.00 17.41 ? 117 VAL A C     1 
ATOM   35   O  O     . VAL A 1 26  ? 2.613   5.480   0.410   1.00 16.33 ? 117 VAL A O     1 
ATOM   36   C  CB    . VAL A 1 26  ? 4.348   4.438   -1.901  1.00 19.64 ? 117 VAL A CB    1 
ATOM   37   C  CG1   . VAL A 1 26  ? 3.714   3.031   -1.715  1.00 18.19 ? 117 VAL A CG1   1 
ATOM   38   C  CG2   . VAL A 1 26  ? 5.141   4.471   -3.239  1.00 21.95 ? 117 VAL A CG2   1 
ATOM   39   N  N     . MET A 1 27  ? 1.005   4.999   -1.106  1.00 17.07 ? 118 MET A N     1 
ATOM   40   C  CA    . MET A 1 27  ? -0.103  5.032   -0.155  1.00 16.63 ? 118 MET A CA    1 
ATOM   41   C  C     . MET A 1 27  ? -0.568  3.625   0.234   1.00 16.18 ? 118 MET A C     1 
ATOM   42   O  O     . MET A 1 27  ? -0.999  2.838   -0.644  1.00 15.47 ? 118 MET A O     1 
ATOM   43   C  CB    . MET A 1 27  ? -1.324  5.744   -0.757  1.00 19.79 ? 118 MET A CB    1 
ATOM   44   C  CG    . MET A 1 27  ? -1.073  7.012   -1.525  1.00 21.28 ? 118 MET A CG    1 
ATOM   45   S  SD    . MET A 1 27  ? -0.236  8.167   -0.446  1.00 27.97 ? 118 MET A SD    1 
ATOM   46   C  CE    . MET A 1 27  ? -0.578  9.811   -1.077  1.00 23.81 ? 118 MET A CE    1 
ATOM   47   N  N     . LEU A 1 28  ? -0.501  3.336   1.526   1.00 13.61 ? 119 LEU A N     1 
ATOM   48   C  CA    . LEU A 1 28  ? -1.052  2.061   2.085   1.00 15.05 ? 119 LEU A CA    1 
ATOM   49   C  C     . LEU A 1 28  ? -2.563  2.247   2.324   1.00 15.68 ? 119 LEU A C     1 
ATOM   50   O  O     . LEU A 1 28  ? -2.978  3.161   3.013   1.00 16.26 ? 119 LEU A O     1 
ATOM   51   C  CB    . LEU A 1 28  ? -0.373  1.659   3.363   1.00 15.28 ? 119 LEU A CB    1 
ATOM   52   C  CG    . LEU A 1 28  ? 1.079   1.187   3.235   1.00 13.79 ? 119 LEU A CG    1 
ATOM   53   C  CD1   . LEU A 1 28  ? 1.928   1.516   4.457   1.00 14.95 ? 119 LEU A CD1   1 
ATOM   54   C  CD2   . LEU A 1 28  ? 1.127   -0.288  2.915   1.00 14.60 ? 119 LEU A CD2   1 
ATOM   55   N  N     . VAL A 1 29  ? -3.354  1.391   1.708   1.00 12.76 ? 120 VAL A N     1 
ATOM   56   C  CA    . VAL A 1 29  ? -4.787  1.455   1.828   1.00 14.00 ? 120 VAL A CA    1 
ATOM   57   C  C     . VAL A 1 29  ? -5.373  0.058   2.058   1.00 14.63 ? 120 VAL A C     1 
ATOM   58   O  O     . VAL A 1 29  ? -4.779  -0.966  1.683   1.00 15.75 ? 120 VAL A O     1 
ATOM   59   C  CB    . VAL A 1 29  ? -5.425  2.152   0.604   1.00 14.33 ? 120 VAL A CB    1 
ATOM   60   C  CG1   . VAL A 1 29  ? -4.778  3.531   0.356   1.00 13.03 ? 120 VAL A CG1   1 
ATOM   61   C  CG2   . VAL A 1 29  ? -5.382  1.276   -0.679  1.00 16.98 ? 120 VAL A CG2   1 
ATOM   62   N  N     . GLY A 1 30  ? -6.571  0.031   2.639   1.00 13.68 ? 121 GLY A N     1 
ATOM   63   C  CA    . GLY A 1 30  ? -7.272  -1.225  2.914   1.00 14.85 ? 121 GLY A CA    1 
ATOM   64   C  C     . GLY A 1 30  ? -8.015  -1.165  4.217   1.00 15.12 ? 121 GLY A C     1 
ATOM   65   O  O     . GLY A 1 30  ? -7.947  -0.175  4.937   1.00 19.94 ? 121 GLY A O     1 
ATOM   66   N  N     . GLU A 1 31  ? -8.701  -2.271  4.539   1.00 16.29 ? 122 GLU A N     1 
ATOM   67   C  CA    . GLU A 1 31  ? -9.553  -2.366  5.712   1.00 16.21 ? 122 GLU A CA    1 
ATOM   68   C  C     . GLU A 1 31  ? -8.755  -2.386  7.015   1.00 17.52 ? 122 GLU A C     1 
ATOM   69   O  O     . GLU A 1 31  ? -7.554  -2.683  7.039   1.00 15.14 ? 122 GLU A O     1 
ATOM   70   C  CB    . GLU A 1 31  ? -10.441 -3.642  5.646   1.00 16.65 ? 122 GLU A CB    1 
ATOM   71   C  CG    . GLU A 1 31  ? -11.241 -3.776  4.329   1.00 18.06 ? 122 GLU A CG    1 
ATOM   72   C  CD    . GLU A 1 31  ? -12.077 -2.533  4.095   1.00 21.97 ? 122 GLU A CD    1 
ATOM   73   O  OE1   . GLU A 1 31  ? -12.899 -2.207  4.978   1.00 18.67 ? 122 GLU A OE1   1 
ATOM   74   O  OE2   . GLU A 1 31  ? -11.876 -1.862  3.086   1.00 19.23 ? 122 GLU A OE2   1 
ATOM   75   N  N     . SER A 1 32  ? -9.433  -2.064  8.105   1.00 20.75 ? 123 SER A N     1 
ATOM   76   C  CA    . SER A 1 32  ? -8.761  -2.015  9.394   1.00 19.20 ? 123 SER A CA    1 
ATOM   77   C  C     . SER A 1 32  ? -8.235  -3.406  9.761   1.00 19.70 ? 123 SER A C     1 
ATOM   78   O  O     . SER A 1 32  ? -8.826  -4.428  9.408   1.00 19.79 ? 123 SER A O     1 
ATOM   79   C  CB    . SER A 1 32  ? -9.684  -1.445  10.477  1.00 23.46 ? 123 SER A CB    1 
ATOM   80   O  OG    . SER A 1 32  ? -10.666 -2.367  10.847  1.00 30.08 ? 123 SER A OG    1 
ATOM   81   N  N     . GLY A 1 33  ? -7.103  -3.427  10.444  1.00 17.21 ? 124 GLY A N     1 
ATOM   82   C  CA    . GLY A 1 33  ? -6.530  -4.652  10.956  1.00 18.24 ? 124 GLY A CA    1 
ATOM   83   C  C     . GLY A 1 33  ? -5.688  -5.480  9.998   1.00 20.82 ? 124 GLY A C     1 
ATOM   84   O  O     . GLY A 1 33  ? -5.139  -6.485  10.403  1.00 21.99 ? 124 GLY A O     1 
ATOM   85   N  N     . VAL A 1 34  ? -5.573  -5.072  8.730   1.00 17.63 ? 125 VAL A N     1 
ATOM   86   C  CA    . VAL A 1 34  ? -4.864  -5.896  7.738   1.00 16.00 ? 125 VAL A CA    1 
ATOM   87   C  C     . VAL A 1 34  ? -3.337  -5.858  7.910   1.00 15.17 ? 125 VAL A C     1 
ATOM   88   O  O     . VAL A 1 34  ? -2.664  -6.763  7.454   1.00 17.48 ? 125 VAL A O     1 
ATOM   89   C  CB    . VAL A 1 34  ? -5.245  -5.519  6.288   1.00 10.86 ? 125 VAL A CB    1 
ATOM   90   C  CG1   . VAL A 1 34  ? -6.758  -5.831  6.075   1.00 15.36 ? 125 VAL A CG1   1 
ATOM   91   C  CG2   . VAL A 1 34  ? -4.904  -4.051  6.003   1.00 11.22 ? 125 VAL A CG2   1 
ATOM   92   N  N     . GLY A 1 35  ? -2.821  -4.820  8.588   1.00 15.94 ? 126 GLY A N     1 
ATOM   93   C  CA    . GLY A 1 35  ? -1.380  -4.654  8.825   1.00 16.15 ? 126 GLY A CA    1 
ATOM   94   C  C     . GLY A 1 35  ? -0.759  -3.477  8.081   1.00 15.94 ? 126 GLY A C     1 
ATOM   95   O  O     . GLY A 1 35  ? 0.438   -3.487  7.777   1.00 15.01 ? 126 GLY A O     1 
ATOM   96   N  N     . LYS A 1 36  ? -1.547  -2.437  7.800   1.00 14.53 ? 127 LYS A N     1 
ATOM   97   C  CA    . LYS A 1 36  ? -1.039  -1.245  7.069   1.00 12.43 ? 127 LYS A CA    1 
ATOM   98   C  C     . LYS A 1 36  ? 0.007   -0.500  7.888   1.00 14.64 ? 127 LYS A C     1 
ATOM   99   O  O     . LYS A 1 36  ? 1.090   -0.202  7.404   1.00 16.87 ? 127 LYS A O     1 
ATOM   100  C  CB    . LYS A 1 36  ? -2.178  -0.289  6.735   1.00 14.75 ? 127 LYS A CB    1 
ATOM   101  C  CG    . LYS A 1 36  ? -3.192  -0.840  5.719   1.00 12.53 ? 127 LYS A CG    1 
ATOM   102  C  CD    . LYS A 1 36  ? -4.296  0.182   5.404   1.00 15.70 ? 127 LYS A CD    1 
ATOM   103  C  CE    . LYS A 1 36  ? -5.087  0.652   6.613   1.00 16.31 ? 127 LYS A CE    1 
ATOM   104  N  NZ    . LYS A 1 36  ? -5.755  -0.459  7.404   1.00 15.25 ? 127 LYS A NZ    1 
ATOM   105  N  N     . SER A 1 37  ? -0.312  -0.220  9.142   1.00 16.65 ? 128 SER A N     1 
ATOM   106  C  CA    . SER A 1 37  ? 0.613   0.508   9.993   1.00 16.32 ? 128 SER A CA    1 
ATOM   107  C  C     . SER A 1 37  ? 1.877   -0.313  10.244  1.00 16.65 ? 128 SER A C     1 
ATOM   108  O  O     . SER A 1 37  ? 2.987   0.219   10.246  1.00 15.64 ? 128 SER A O     1 
ATOM   109  C  CB    . SER A 1 37  ? -0.071  0.867   11.291  1.00 20.66 ? 128 SER A CB    1 
ATOM   110  O  OG    . SER A 1 37  ? -1.112  1.784   11.004  1.00 19.99 ? 128 SER A OG    1 
ATOM   111  N  N     . THR A 1 38  ? 1.691   -1.605  10.446  1.00 17.19 ? 129 THR A N     1 
ATOM   112  C  CA    . THR A 1 38  ? 2.819   -2.547  10.658  1.00 20.01 ? 129 THR A CA    1 
ATOM   113  C  C     . THR A 1 38  ? 3.732   -2.617  9.414   1.00 17.34 ? 129 THR A C     1 
ATOM   114  O  O     . THR A 1 38  ? 4.964   -2.481  9.545   1.00 18.53 ? 129 THR A O     1 
ATOM   115  C  CB    . THR A 1 38  ? 2.328   -3.961  11.122  1.00 21.29 ? 129 THR A CB    1 
ATOM   116  O  OG1   . THR A 1 38  ? 1.486   -3.818  12.284  1.00 21.51 ? 129 THR A OG1   1 
ATOM   117  C  CG2   . THR A 1 38  ? 3.531   -4.923  11.430  1.00 19.79 ? 129 THR A CG2   1 
ATOM   118  N  N     . LEU A 1 39  ? 3.142   -2.768  8.229   1.00 16.26 ? 130 LEU A N     1 
ATOM   119  C  CA    . LEU A 1 39  ? 3.887   -2.639  6.970   1.00 18.79 ? 130 LEU A CA    1 
ATOM   120  C  C     . LEU A 1 39  ? 4.628   -1.311  6.907   1.00 18.34 ? 130 LEU A C     1 
ATOM   121  O  O     . LEU A 1 39  ? 5.810   -1.272  6.506   1.00 18.41 ? 130 LEU A O     1 
ATOM   122  C  CB    . LEU A 1 39  ? 2.985   -2.787  5.762   1.00 16.07 ? 130 LEU A CB    1 
ATOM   123  C  CG    . LEU A 1 39  ? 2.600   -4.228  5.408   1.00 15.92 ? 130 LEU A CG    1 
ATOM   124  C  CD1   . LEU A 1 39  ? 1.466   -4.205  4.378   1.00 17.90 ? 130 LEU A CD1   1 
ATOM   125  C  CD2   . LEU A 1 39  ? 3.853   -5.071  4.891   1.00 17.24 ? 130 LEU A CD2   1 
ATOM   126  N  N     . ALA A 1 40  ? 3.949   -0.220  7.275   1.00 15.64 ? 131 ALA A N     1 
ATOM   127  C  CA    . ALA A 1 40  ? 4.618   1.120   7.159   1.00 19.01 ? 131 ALA A CA    1 
ATOM   128  C  C     . ALA A 1 40  ? 5.917   1.121   7.959   1.00 16.54 ? 131 ALA A C     1 
ATOM   129  O  O     . ALA A 1 40  ? 6.912   1.615   7.486   1.00 17.25 ? 131 ALA A O     1 
ATOM   130  C  CB    . ALA A 1 40  ? 3.728   2.275   7.572   1.00 13.65 ? 131 ALA A CB    1 
ATOM   131  N  N     . GLY A 1 41  ? 5.880   0.510   9.136   1.00 17.58 ? 132 GLY A N     1 
ATOM   132  C  CA    . GLY A 1 41  ? 7.006   0.449   10.063  1.00 21.43 ? 132 GLY A CA    1 
ATOM   133  C  C     . GLY A 1 41  ? 8.206   -0.333  9.535   1.00 21.54 ? 132 GLY A C     1 
ATOM   134  O  O     . GLY A 1 41  ? 9.325   -0.057  9.944   1.00 19.25 ? 132 GLY A O     1 
ATOM   135  N  N     . THR A 1 42  ? 7.961   -1.307  8.639   1.00 22.03 ? 133 THR A N     1 
ATOM   136  C  CA    . THR A 1 42  ? 9.020   -2.115  8.016   1.00 20.17 ? 133 THR A CA    1 
ATOM   137  C  C     . THR A 1 42  ? 9.752   -1.357  6.895   1.00 23.42 ? 133 THR A C     1 
ATOM   138  O  O     . THR A 1 42  ? 10.818  -1.794  6.461   1.00 22.78 ? 133 THR A O     1 
ATOM   139  C  CB    . THR A 1 42  ? 8.475   -3.415  7.396   1.00 18.17 ? 133 THR A CB    1 
ATOM   140  O  OG1   . THR A 1 42  ? 7.734   -3.109  6.188   1.00 16.67 ? 133 THR A OG1   1 
ATOM   141  C  CG2   . THR A 1 42  ? 7.607   -4.229  8.413   1.00 16.65 ? 133 THR A CG2   1 
ATOM   142  N  N     . PHE A 1 43  ? 9.183   -0.238  6.408   1.00 20.33 ? 134 PHE A N     1 
ATOM   143  C  CA    . PHE A 1 43  ? 9.900   0.642   5.473   1.00 21.04 ? 134 PHE A CA    1 
ATOM   144  C  C     . PHE A 1 43  ? 11.205  1.223   6.090   1.00 20.26 ? 134 PHE A C     1 
ATOM   145  O  O     . PHE A 1 43  ? 12.170  1.440   5.374   1.00 22.11 ? 134 PHE A O     1 
ATOM   146  C  CB    . PHE A 1 43  ? 8.977   1.780   4.970   1.00 19.49 ? 134 PHE A CB    1 
ATOM   147  C  CG    . PHE A 1 43  ? 9.630   2.748   4.051   1.00 19.36 ? 134 PHE A CG    1 
ATOM   148  C  CD1   . PHE A 1 43  ? 10.355  2.310   2.956   1.00 21.35 ? 134 PHE A CD1   1 
ATOM   149  C  CD2   . PHE A 1 43  ? 9.495   4.145   4.250   1.00 17.26 ? 134 PHE A CD2   1 
ATOM   150  C  CE1   . PHE A 1 43  ? 10.939  3.202   2.092   1.00 21.18 ? 134 PHE A CE1   1 
ATOM   151  C  CE2   . PHE A 1 43  ? 10.078  5.039   3.379   1.00 18.59 ? 134 PHE A CE2   1 
ATOM   152  C  CZ    . PHE A 1 43  ? 10.799  4.576   2.292   1.00 20.94 ? 134 PHE A CZ    1 
ATOM   153  N  N     . GLY A 1 44  ? 11.222  1.445   7.411   1.00 21.62 ? 135 GLY A N     1 
ATOM   154  C  CA    . GLY A 1 44  ? 12.343  2.077   8.101   1.00 22.04 ? 135 GLY A CA    1 
ATOM   155  C  C     . GLY A 1 44  ? 12.525  3.547   7.803   1.00 23.06 ? 135 GLY A C     1 
ATOM   156  O  O     . GLY A 1 44  ? 13.657  4.061   7.792   1.00 20.31 ? 135 GLY A O     1 
ATOM   157  N  N     . GLY A 1 45  ? 11.422  4.248   7.559   1.00 18.70 ? 136 GLY A N     1 
ATOM   158  C  CA    . GLY A 1 45  ? 11.498  5.646   7.174   1.00 18.86 ? 136 GLY A CA    1 
ATOM   159  C  C     . GLY A 1 45  ? 11.466  6.547   8.407   1.00 13.92 ? 136 GLY A C     1 
ATOM   160  O  O     . GLY A 1 45  ? 11.183  6.090   9.505   1.00 17.93 ? 136 GLY A O     1 
ATOM   161  N  N     . LEU A 1 46  ? 11.749  7.835   8.201   1.00 16.49 ? 137 LEU A N     1 
ATOM   162  C  CA    . LEU A 1 46  ? 11.672  8.811   9.257   1.00 14.40 ? 137 LEU A CA    1 
ATOM   163  C  C     . LEU A 1 46  ? 10.201  9.198   9.427   1.00 16.30 ? 137 LEU A C     1 
ATOM   164  O  O     . LEU A 1 46  ? 9.555   9.676   8.473   1.00 15.98 ? 137 LEU A O     1 
ATOM   165  C  CB    . LEU A 1 46  ? 12.491  10.060  8.906   1.00 18.03 ? 137 LEU A CB    1 
ATOM   166  C  CG    . LEU A 1 46  ? 14.022  9.940   8.773   1.00 23.61 ? 137 LEU A CG    1 
ATOM   167  C  CD1   . LEU A 1 46  ? 14.617  11.290  8.348   1.00 26.92 ? 137 LEU A CD1   1 
ATOM   168  C  CD2   . LEU A 1 46  ? 14.645  9.450   10.074  1.00 25.12 ? 137 LEU A CD2   1 
ATOM   169  N  N     . GLN A 1 47  ? 9.675   8.973   10.611  1.00 19.55 ? 138 GLN A N     1 
ATOM   170  C  CA    . GLN A 1 47  ? 8.243   9.169   10.830  1.00 21.36 ? 138 GLN A CA    1 
ATOM   171  C  C     . GLN A 1 47  ? 7.882   10.641  11.017  1.00 17.04 ? 138 GLN A C     1 
ATOM   172  O  O     . GLN A 1 47  ? 8.533   11.375  11.789  1.00 18.77 ? 138 GLN A O     1 
ATOM   173  C  CB    . GLN A 1 47  ? 7.768   8.348   12.005  1.00 22.60 ? 138 GLN A CB    1 
ATOM   174  C  CG    . GLN A 1 47  ? 6.269   8.516   12.310  1.00 25.87 ? 138 GLN A CG    1 
ATOM   175  C  CD    . GLN A 1 47  ? 5.842   7.586   13.380  1.00 27.58 ? 138 GLN A CD    1 
ATOM   176  O  OE1   . GLN A 1 47  ? 6.690   6.974   14.031  1.00 32.41 ? 138 GLN A OE1   1 
ATOM   177  N  NE2   . GLN A 1 47  ? 4.538   7.451   13.579  1.00 27.98 ? 138 GLN A NE2   1 
ATOM   178  N  N     . GLY A 1 48  ? 6.791   11.039  10.372  1.00 16.51 ? 139 GLY A N     1 
ATOM   179  C  CA    . GLY A 1 48  ? 6.285   12.383  10.458  1.00 15.15 ? 139 GLY A CA    1 
ATOM   180  C  C     . GLY A 1 48  ? 5.526   12.653  11.749  1.00 19.50 ? 139 GLY A C     1 
ATOM   181  O  O     . GLY A 1 48  ? 5.374   11.774  12.577  1.00 20.50 ? 139 GLY A O     1 
ATOM   182  N  N     . ASP A 1 49  ? 5.037   13.889  11.907  1.00 18.51 ? 140 ASP A N     1 
ATOM   183  C  CA    . ASP A 1 49  ? 4.280   14.260  13.102  1.00 21.53 ? 140 ASP A CA    1 
ATOM   184  C  C     . ASP A 1 49  ? 3.549   15.579  12.855  1.00 18.94 ? 140 ASP A C     1 
ATOM   185  O  O     . ASP A 1 49  ? 3.684   16.178  11.801  1.00 18.43 ? 140 ASP A O     1 
ATOM   186  C  CB    . ASP A 1 49  ? 5.191   14.342  14.350  1.00 22.72 ? 140 ASP A CB    1 
ATOM   187  C  CG    . ASP A 1 49  ? 6.349   15.300  14.178  1.00 24.30 ? 140 ASP A CG    1 
ATOM   188  O  OD1   . ASP A 1 49  ? 6.209   16.317  13.481  1.00 23.54 ? 140 ASP A OD1   1 
ATOM   189  O  OD2   . ASP A 1 49  ? 7.445   15.018  14.741  1.00 25.11 ? 140 ASP A OD2   1 
ATOM   190  N  N     . SER A 1 50  ? 2.806   16.061  13.832  1.00 22.52 ? 141 SER A N     1 
ATOM   191  C  CA    . SER A 1 50  ? 1.984   17.256  13.578  1.00 25.55 ? 141 SER A CA    1 
ATOM   192  C  C     . SER A 1 50  ? 2.872   18.487  13.301  1.00 24.02 ? 141 SER A C     1 
ATOM   193  O  O     . SER A 1 50  ? 2.508   19.357  12.500  1.00 27.70 ? 141 SER A O     1 
ATOM   194  C  CB    . SER A 1 50  ? 0.998   17.506  14.720  1.00 24.59 ? 141 SER A CB    1 
ATOM   195  O  OG    . SER A 1 50  ? 1.664   17.824  15.913  1.00 28.07 ? 141 SER A OG    1 
ATOM   196  N  N     . ALA A 1 51  ? 4.053   18.496  13.917  1.00 21.23 ? 142 ALA A N     1 
ATOM   197  C  CA    . ALA A 1 51  ? 5.045   19.541  13.723  1.00 25.81 ? 142 ALA A CA    1 
ATOM   198  C  C     . ALA A 1 51  ? 5.594   19.620  12.290  1.00 25.40 ? 142 ALA A C     1 
ATOM   199  O  O     . ALA A 1 51  ? 6.193   20.638  11.885  1.00 24.73 ? 142 ALA A O     1 
ATOM   200  C  CB    . ALA A 1 51  ? 6.189   19.356  14.711  1.00 28.82 ? 142 ALA A CB    1 
ATOM   201  N  N     . HIS A 1 52  ? 5.442   18.542  11.521  1.00 21.60 ? 143 HIS A N     1 
ATOM   202  C  CA    . HIS A 1 52  ? 5.931   18.531  10.148  1.00 18.37 ? 143 HIS A CA    1 
ATOM   203  C  C     . HIS A 1 52  ? 4.812   18.382  9.118   1.00 20.09 ? 143 HIS A C     1 
ATOM   204  O  O     . HIS A 1 52  ? 5.069   18.121  7.918   1.00 20.09 ? 143 HIS A O     1 
ATOM   205  C  CB    . HIS A 1 52  ? 6.991   17.446  10.021  1.00 23.01 ? 143 HIS A CB    1 
ATOM   206  C  CG    . HIS A 1 52  ? 8.174   17.678  10.910  1.00 21.36 ? 143 HIS A CG    1 
ATOM   207  N  ND1   . HIS A 1 52  ? 8.185   17.319  12.235  1.00 22.85 ? 143 HIS A ND1   1 
ATOM   208  C  CD2   . HIS A 1 52  ? 9.362   18.280  10.673  1.00 27.84 ? 143 HIS A CD2   1 
ATOM   209  C  CE1   . HIS A 1 52  ? 9.343   17.658  12.777  1.00 29.22 ? 143 HIS A CE1   1 
ATOM   210  N  NE2   . HIS A 1 52  ? 10.080  18.240  11.850  1.00 26.23 ? 143 HIS A NE2   1 
ATOM   211  N  N     . GLU A 1 53  ? 3.574   18.603  9.564   1.00 21.35 ? 144 GLU A N     1 
ATOM   212  C  CA    . GLU A 1 53  ? 2.457   18.814  8.641   1.00 22.65 ? 144 GLU A CA    1 
ATOM   213  C  C     . GLU A 1 53  ? 2.707   20.104  7.831   1.00 20.52 ? 144 GLU A C     1 
ATOM   214  O  O     . GLU A 1 53  ? 3.336   21.045  8.360   1.00 20.26 ? 144 GLU A O     1 
ATOM   215  C  CB    . GLU A 1 53  ? 1.163   18.991  9.431   1.00 20.97 ? 144 GLU A CB    1 
ATOM   216  C  CG    . GLU A 1 53  ? 0.698   17.789  10.211  1.00 24.82 ? 144 GLU A CG    1 
ATOM   217  C  CD    . GLU A 1 53  ? -0.609  18.030  10.966  1.00 24.69 ? 144 GLU A CD    1 
ATOM   218  O  OE1   . GLU A 1 53  ? -1.338  19.009  10.669  1.00 23.11 ? 144 GLU A OE1   1 
ATOM   219  O  OE2   . GLU A 1 53  ? -0.894  17.237  11.865  1.00 30.58 ? 144 GLU A OE2   1 
ATOM   220  N  N     . PRO A 1 54  ? 2.143   20.202  6.598   1.00 21.95 ? 145 PRO A N     1 
ATOM   221  C  CA    . PRO A 1 54  ? 1.283   19.231  5.915   1.00 24.31 ? 145 PRO A CA    1 
ATOM   222  C  C     . PRO A 1 54  ? 1.982   18.113  5.143   1.00 24.45 ? 145 PRO A C     1 
ATOM   223  O  O     . PRO A 1 54  ? 1.314   17.144  4.744   1.00 27.44 ? 145 PRO A O     1 
ATOM   224  C  CB    . PRO A 1 54  ? 0.510   20.110  4.920   1.00 22.67 ? 145 PRO A CB    1 
ATOM   225  C  CG    . PRO A 1 54  ? 1.461   21.171  4.533   1.00 21.38 ? 145 PRO A CG    1 
ATOM   226  C  CD    . PRO A 1 54  ? 2.283   21.448  5.792   1.00 22.27 ? 145 PRO A CD    1 
ATOM   227  N  N     . GLU A 1 55  ? 3.289   18.220  4.929   1.00 23.38 ? 146 GLU A N     1 
ATOM   228  C  CA    . GLU A 1 55  ? 3.964   17.320  3.971   1.00 27.78 ? 146 GLU A CA    1 
ATOM   229  C  C     . GLU A 1 55  ? 4.481   16.028  4.605   1.00 26.19 ? 146 GLU A C     1 
ATOM   230  O  O     . GLU A 1 55  ? 4.664   15.013  3.912   1.00 24.76 ? 146 GLU A O     1 
ATOM   231  C  CB    . GLU A 1 55  ? 5.100   18.042  3.248   1.00 30.29 ? 146 GLU A CB    1 
ATOM   232  C  CG    . GLU A 1 55  ? 4.606   19.141  2.259   1.00 36.21 ? 146 GLU A CG    1 
ATOM   233  C  CD    . GLU A 1 55  ? 3.792   18.585  1.081   1.00 41.92 ? 146 GLU A CD    1 
ATOM   234  O  OE1   . GLU A 1 55  ? 4.345   17.762  0.311   1.00 48.17 ? 146 GLU A OE1   1 
ATOM   235  O  OE2   . GLU A 1 55  ? 2.601   18.968  0.920   1.00 45.25 ? 146 GLU A OE2   1 
ATOM   236  N  N     . ASN A 1 56  ? 4.748   16.077  5.903   1.00 18.68 ? 147 ASN A N     1 
ATOM   237  C  CA    . ASN A 1 56  ? 5.175   14.875  6.639   1.00 18.07 ? 147 ASN A CA    1 
ATOM   238  C  C     . ASN A 1 56  ? 4.443   14.786  7.982   1.00 18.85 ? 147 ASN A C     1 
ATOM   239  O  O     . ASN A 1 56  ? 5.054   14.915  9.033   1.00 16.42 ? 147 ASN A O     1 
ATOM   240  C  CB    . ASN A 1 56  ? 6.690   14.899  6.871   1.00 18.85 ? 147 ASN A CB    1 
ATOM   241  C  CG    . ASN A 1 56  ? 7.490   14.739  5.587   1.00 23.13 ? 147 ASN A CG    1 
ATOM   242  O  OD1   . ASN A 1 56  ? 7.883   13.619  5.220   1.00 22.43 ? 147 ASN A OD1   1 
ATOM   243  N  ND2   . ASN A 1 56  ? 7.771   15.858  4.920   1.00 20.57 ? 147 ASN A ND2   1 
ATOM   244  N  N     . PRO A 1 57  ? 3.119   14.543  7.944   1.00 19.25 ? 148 PRO A N     1 
ATOM   245  C  CA    . PRO A 1 57  ? 2.337   14.464  9.138   1.00 20.78 ? 148 PRO A CA    1 
ATOM   246  C  C     . PRO A 1 57  ? 2.546   13.144  9.827   1.00 24.02 ? 148 PRO A C     1 
ATOM   247  O  O     . PRO A 1 57  ? 3.329   12.290  9.350   1.00 18.32 ? 148 PRO A O     1 
ATOM   248  C  CB    . PRO A 1 57  ? 0.894   14.525  8.602   1.00 22.57 ? 148 PRO A CB    1 
ATOM   249  C  CG    . PRO A 1 57  ? 0.984   13.882  7.308   1.00 21.71 ? 148 PRO A CG    1 
ATOM   250  C  CD    . PRO A 1 57  ? 2.294   14.324  6.751   1.00 21.03 ? 148 PRO A CD    1 
ATOM   251  N  N     . GLU A 1 58  ? 1.829   12.967  10.933  1.00 23.85 ? 149 GLU A N     1 
ATOM   252  C  CA    . GLU A 1 58  ? 1.808   11.718  11.623  1.00 26.27 ? 149 GLU A CA    1 
ATOM   253  C  C     . GLU A 1 58  ? 1.386   10.653  10.582  1.00 21.41 ? 149 GLU A C     1 
ATOM   254  O  O     . GLU A 1 58  ? 0.713   10.964  9.610   1.00 26.68 ? 149 GLU A O     1 
ATOM   255  C  CB    . GLU A 1 58  ? 0.791   11.780  12.779  1.00 30.42 ? 149 GLU A CB    1 
ATOM   256  C  CG    . GLU A 1 58  ? 0.788   10.582  13.712  1.00 35.06 ? 149 GLU A CG    1 
ATOM   257  C  CD    . GLU A 1 58  ? 1.846   10.620  14.808  1.00 39.15 ? 149 GLU A CD    1 
ATOM   258  O  OE1   . GLU A 1 58  ? 2.474   11.682  15.046  1.00 44.21 ? 149 GLU A OE1   1 
ATOM   259  O  OE2   . GLU A 1 58  ? 2.046   9.561   15.458  1.00 40.46 ? 149 GLU A OE2   1 
ATOM   260  N  N     . ASP A 1 59  ? 1.835   9.448   10.776  1.00 21.84 ? 150 ASP A N     1 
ATOM   261  C  CA    . ASP A 1 59  ? 1.516   8.331   9.873   1.00 22.47 ? 150 ASP A CA    1 
ATOM   262  C  C     . ASP A 1 59  ? 2.071   8.490   8.453   1.00 22.70 ? 150 ASP A C     1 
ATOM   263  O  O     . ASP A 1 59  ? 1.483   7.984   7.462   1.00 19.76 ? 150 ASP A O     1 
ATOM   264  C  CB    . ASP A 1 59  ? 0.005   8.087   9.847   1.00 24.40 ? 150 ASP A CB    1 
ATOM   265  C  CG    . ASP A 1 59  ? -0.560  7.936   11.208  1.00 24.73 ? 150 ASP A CG    1 
ATOM   266  O  OD1   . ASP A 1 59  ? 0.034   7.176   12.017  1.00 28.01 ? 150 ASP A OD1   1 
ATOM   267  O  OD2   . ASP A 1 59  ? -1.569  8.614   11.491  1.00 25.67 ? 150 ASP A OD2   1 
ATOM   268  N  N     . THR A 1 60  ? 3.190   9.218   8.338   1.00 16.26 ? 151 THR A N     1 
ATOM   269  C  CA    . THR A 1 60  ? 3.971   9.198   7.095   1.00 16.21 ? 151 THR A CA    1 
ATOM   270  C  C     . THR A 1 60  ? 5.416   8.871   7.475   1.00 18.95 ? 151 THR A C     1 
ATOM   271  O  O     . THR A 1 60  ? 5.836   9.174   8.574   1.00 16.69 ? 151 THR A O     1 
ATOM   272  C  CB    . THR A 1 60  ? 3.933   10.495  6.317   1.00 14.52 ? 151 THR A CB    1 
ATOM   273  O  OG1   . THR A 1 60  ? 4.561   11.591  7.062   1.00 14.63 ? 151 THR A OG1   1 
ATOM   274  C  CG2   . THR A 1 60  ? 2.437   10.840  5.939   1.00 16.48 ? 151 THR A CG2   1 
ATOM   275  N  N     . TYR A 1 61  ? 6.134   8.278   6.532   1.00 16.21 ? 152 TYR A N     1 
ATOM   276  C  CA    . TYR A 1 61  ? 7.481   7.711   6.766   1.00 16.21 ? 152 TYR A CA    1 
ATOM   277  C  C     . TYR A 1 61  ? 8.343   7.979   5.534   1.00 19.05 ? 152 TYR A C     1 
ATOM   278  O  O     . TYR A 1 61  ? 8.069   7.453   4.444   1.00 18.91 ? 152 TYR A O     1 
ATOM   279  C  CB    . TYR A 1 61  ? 7.360   6.209   7.019   1.00 16.43 ? 152 TYR A CB    1 
ATOM   280  C  CG    . TYR A 1 61  ? 6.431   5.878   8.127   1.00 17.88 ? 152 TYR A CG    1 
ATOM   281  C  CD1   . TYR A 1 61  ? 6.920   5.721   9.412   1.00 13.28 ? 152 TYR A CD1   1 
ATOM   282  C  CD2   . TYR A 1 61  ? 5.023   5.792   7.918   1.00 16.03 ? 152 TYR A CD2   1 
ATOM   283  C  CE1   . TYR A 1 61  ? 6.090   5.431   10.464  1.00 21.24 ? 152 TYR A CE1   1 
ATOM   284  C  CE2   . TYR A 1 61  ? 4.183   5.538   8.981   1.00 19.22 ? 152 TYR A CE2   1 
ATOM   285  C  CZ    . TYR A 1 61  ? 4.732   5.353   10.258  1.00 19.97 ? 152 TYR A CZ    1 
ATOM   286  O  OH    . TYR A 1 61  ? 3.988   5.122   11.363  1.00 20.29 ? 152 TYR A OH    1 
ATOM   287  N  N     . GLU A 1 62  ? 9.423   8.762   5.693   1.00 19.12 ? 153 GLU A N     1 
ATOM   288  C  CA    . GLU A 1 62  ? 10.193  9.211   4.545   1.00 18.87 ? 153 GLU A CA    1 
ATOM   289  C  C     . GLU A 1 62  ? 11.594  8.629   4.513   1.00 18.20 ? 153 GLU A C     1 
ATOM   290  O  O     . GLU A 1 62  ? 12.271  8.595   5.525   1.00 16.13 ? 153 GLU A O     1 
ATOM   291  C  CB    . GLU A 1 62  ? 10.296  10.754  4.529   1.00 17.40 ? 153 GLU A CB    1 
ATOM   292  C  CG    . GLU A 1 62  ? 11.276  11.287  3.453   1.00 19.48 ? 153 GLU A CG    1 
ATOM   293  C  CD    . GLU A 1 62  ? 11.239  12.804  3.292   1.00 21.04 ? 153 GLU A CD    1 
ATOM   294  O  OE1   . GLU A 1 62  ? 10.128  13.351  3.256   1.00 16.03 ? 153 GLU A OE1   1 
ATOM   295  O  OE2   . GLU A 1 62  ? 12.335  13.418  3.167   1.00 18.03 ? 153 GLU A OE2   1 
ATOM   296  N  N     . ARG A 1 63  ? 12.051  8.232   3.341   1.00 18.92 ? 154 ARG A N     1 
ATOM   297  C  CA    . ARG A 1 63  ? 13.424  7.742   3.230   1.00 24.58 ? 154 ARG A CA    1 
ATOM   298  C  C     . ARG A 1 63  ? 13.924  7.779   1.799   1.00 23.69 ? 154 ARG A C     1 
ATOM   299  O  O     . ARG A 1 63  ? 13.186  7.514   0.843   1.00 22.22 ? 154 ARG A O     1 
ATOM   300  C  CB    . ARG A 1 63  ? 13.532  6.327   3.788   1.00 28.69 ? 154 ARG A CB    1 
ATOM   301  C  CG    . ARG A 1 63  ? 14.934  5.788   3.860   1.00 32.37 ? 154 ARG A CG    1 
ATOM   302  C  CD    . ARG A 1 63  ? 14.976  4.452   4.579   1.00 34.44 ? 154 ARG A CD    1 
ATOM   303  N  NE    . ARG A 1 63  ? 14.225  3.404   3.889   1.00 37.08 ? 154 ARG A NE    1 
ATOM   304  C  CZ    . ARG A 1 63  ? 14.625  2.138   3.772   1.00 42.62 ? 154 ARG A CZ    1 
ATOM   305  N  NH1   . ARG A 1 63  ? 15.790  1.732   4.293   1.00 47.10 ? 154 ARG A NH1   1 
ATOM   306  N  NH2   . ARG A 1 63  ? 13.854  1.261   3.125   1.00 41.31 ? 154 ARG A NH2   1 
ATOM   307  N  N     . ARG A 1 64  ? 15.192  8.126   1.673   1.00 21.05 ? 155 ARG A N     1 
ATOM   308  C  CA    . ARG A 1 64  ? 15.888  8.077   0.408   1.00 23.51 ? 155 ARG A CA    1 
ATOM   309  C  C     . ARG A 1 64  ? 16.249  6.628   0.241   1.00 27.78 ? 155 ARG A C     1 
ATOM   310  O  O     . ARG A 1 64  ? 16.821  6.037   1.167   1.00 28.99 ? 155 ARG A O     1 
ATOM   311  C  CB    . ARG A 1 64  ? 17.144  8.931   0.475   1.00 26.66 ? 155 ARG A CB    1 
ATOM   312  C  CG    . ARG A 1 64  ? 16.829  10.412  0.573   1.00 30.47 ? 155 ARG A CG    1 
ATOM   313  C  CD    . ARG A 1 64  ? 18.076  11.183  0.866   1.00 34.46 ? 155 ARG A CD    1 
ATOM   314  N  NE    . ARG A 1 64  ? 18.516  10.978  2.244   1.00 34.29 ? 155 ARG A NE    1 
ATOM   315  C  CZ    . ARG A 1 64  ? 19.768  10.725  2.638   1.00 35.69 ? 155 ARG A CZ    1 
ATOM   316  N  NH1   . ARG A 1 64  ? 20.788  10.617  1.773   1.00 38.99 ? 155 ARG A NH1   1 
ATOM   317  N  NH2   . ARG A 1 64  ? 20.003  10.560  3.918   1.00 34.38 ? 155 ARG A NH2   1 
ATOM   318  N  N     . ILE A 1 65  ? 15.909  6.051   -0.902  1.00 26.02 ? 156 ILE A N     1 
ATOM   319  C  CA    . ILE A 1 65  ? 16.259  4.658   -1.179  1.00 27.86 ? 156 ILE A CA    1 
ATOM   320  C  C     . ILE A 1 65  ? 16.803  4.466   -2.591  1.00 26.49 ? 156 ILE A C     1 
ATOM   321  O  O     . ILE A 1 65  ? 16.607  5.303   -3.488  1.00 25.79 ? 156 ILE A O     1 
ATOM   322  C  CB    . ILE A 1 65  ? 15.075  3.676   -0.916  1.00 26.93 ? 156 ILE A CB    1 
ATOM   323  C  CG1   . ILE A 1 65  ? 13.911  3.949   -1.860  1.00 27.14 ? 156 ILE A CG1   1 
ATOM   324  C  CG2   . ILE A 1 65  ? 14.639  3.731   0.561   1.00 28.05 ? 156 ILE A CG2   1 
ATOM   325  C  CD1   . ILE A 1 65  ? 12.958  2.793   -1.938  1.00 27.51 ? 156 ILE A CD1   1 
ATOM   326  N  N     . MET A 1 66  ? 17.507  3.361   -2.765  1.00 27.17 ? 157 MET A N     1 
ATOM   327  C  CA    . MET A 1 66  ? 18.112  3.015   -4.057  1.00 27.10 ? 157 MET A CA    1 
ATOM   328  C  C     . MET A 1 66  ? 17.355  1.860   -4.653  1.00 21.77 ? 157 MET A C     1 
ATOM   329  O  O     . MET A 1 66  ? 17.230  0.821   -4.016  1.00 23.92 ? 157 MET A O     1 
ATOM   330  C  CB    . MET A 1 66  ? 19.573  2.602   -3.847  1.00 34.09 ? 157 MET A CB    1 
ATOM   331  C  CG    . MET A 1 66  ? 20.312  2.161   -5.113  1.00 36.49 ? 157 MET A CG    1 
ATOM   332  S  SD    . MET A 1 66  ? 20.617  3.458   -6.326  1.00 45.69 ? 157 MET A SD    1 
ATOM   333  C  CE    . MET A 1 66  ? 21.065  4.825   -5.250  1.00 46.66 ? 157 MET A CE    1 
ATOM   334  N  N     . VAL A 1 67  ? 16.821  2.032   -5.861  1.00 22.18 ? 158 VAL A N     1 
ATOM   335  C  CA    . VAL A 1 67  ? 16.134  0.926   -6.576  1.00 25.66 ? 158 VAL A CA    1 
ATOM   336  C  C     . VAL A 1 67  ? 16.655  0.850   -8.006  1.00 24.97 ? 158 VAL A C     1 
ATOM   337  O  O     . VAL A 1 67  ? 16.582  1.821   -8.735  1.00 29.22 ? 158 VAL A O     1 
ATOM   338  C  CB    . VAL A 1 67  ? 14.592  1.075   -6.566  1.00 25.52 ? 158 VAL A CB    1 
ATOM   339  C  CG1   . VAL A 1 67  ? 13.917  -0.084  -7.317  1.00 24.74 ? 158 VAL A CG1   1 
ATOM   340  C  CG2   . VAL A 1 67  ? 14.062  1.120   -5.104  1.00 27.51 ? 158 VAL A CG2   1 
ATOM   341  N  N     . ASP A 1 68  ? 17.208  -0.302  -8.380  1.00 32.24 ? 159 ASP A N     1 
ATOM   342  C  CA    . ASP A 1 68  ? 17.768  -0.509  -9.738  1.00 32.06 ? 159 ASP A CA    1 
ATOM   343  C  C     . ASP A 1 68  ? 18.778  0.582   -10.129 1.00 29.38 ? 159 ASP A C     1 
ATOM   344  O  O     . ASP A 1 68  ? 18.680  1.162   -11.189 1.00 32.64 ? 159 ASP A O     1 
ATOM   345  C  CB    . ASP A 1 68  ? 16.652  -0.571  -10.788 1.00 32.82 ? 159 ASP A CB    1 
ATOM   346  C  CG    . ASP A 1 68  ? 15.663  -1.669  -10.517 1.00 30.03 ? 159 ASP A CG    1 
ATOM   347  O  OD1   . ASP A 1 68  ? 16.055  -2.662  -9.893  1.00 34.75 ? 159 ASP A OD1   1 
ATOM   348  O  OD2   . ASP A 1 68  ? 14.499  -1.519  -10.901 1.00 30.73 ? 159 ASP A OD2   1 
ATOM   349  N  N     . LYS A 1 69  ? 19.721  0.858   -9.243  1.00 34.56 ? 160 LYS A N     1 
ATOM   350  C  CA    . LYS A 1 69  ? 20.801  1.833   -9.490  1.00 38.21 ? 160 LYS A CA    1 
ATOM   351  C  C     . LYS A 1 69  ? 20.342  3.276   -9.588  1.00 37.47 ? 160 LYS A C     1 
ATOM   352  O  O     . LYS A 1 69  ? 21.094  4.127   -10.059 1.00 39.86 ? 160 LYS A O     1 
ATOM   353  C  CB    . LYS A 1 69  ? 21.607  1.493   -10.761 1.00 40.70 ? 160 LYS A CB    1 
ATOM   354  C  CG    . LYS A 1 69  ? 22.186  0.084   -10.845 1.00 43.14 ? 160 LYS A CG    1 
ATOM   355  C  CD    . LYS A 1 69  ? 23.036  -0.051  -12.131 1.00 43.97 ? 160 LYS A CD    1 
ATOM   356  C  CE    . LYS A 1 69  ? 22.989  -1.457  -12.728 1.00 46.46 ? 160 LYS A CE    1 
ATOM   357  N  NZ    . LYS A 1 69  ? 23.805  -1.575  -13.998 1.00 47.03 ? 160 LYS A NZ    1 
ATOM   358  N  N     . GLU A 1 70  ? 19.121  3.574   -9.143  1.00 34.19 ? 161 GLU A N     1 
ATOM   359  C  CA    . GLU A 1 70  ? 18.637  4.948   -9.163  1.00 33.79 ? 161 GLU A CA    1 
ATOM   360  C  C     . GLU A 1 70  ? 18.025  5.293   -7.808  1.00 27.95 ? 161 GLU A C     1 
ATOM   361  O  O     . GLU A 1 70  ? 17.179  4.581   -7.317  1.00 26.76 ? 161 GLU A O     1 
ATOM   362  C  CB    . GLU A 1 70  ? 17.629  5.150   -10.290 1.00 33.34 ? 161 GLU A CB    1 
ATOM   363  C  CG    . GLU A 1 70  ? 17.278  6.606   -10.549 1.00 39.47 ? 161 GLU A CG    1 
ATOM   364  C  CD    . GLU A 1 70  ? 16.135  6.766   -11.541 1.00 41.28 ? 161 GLU A CD    1 
ATOM   365  O  OE1   . GLU A 1 70  ? 16.026  5.923   -12.467 1.00 46.11 ? 161 GLU A OE1   1 
ATOM   366  O  OE2   . GLU A 1 70  ? 15.349  7.731   -11.386 1.00 45.16 ? 161 GLU A OE2   1 
ATOM   367  N  N     . GLU A 1 71  ? 18.476  6.393   -7.210  1.00 29.19 ? 162 GLU A N     1 
ATOM   368  C  CA    . GLU A 1 71  ? 17.986  6.827   -5.912  1.00 29.32 ? 162 GLU A CA    1 
ATOM   369  C  C     . GLU A 1 71  ? 16.647  7.575   -6.091  1.00 29.38 ? 162 GLU A C     1 
ATOM   370  O  O     . GLU A 1 71  ? 16.392  8.192   -7.157  1.00 26.01 ? 162 GLU A O     1 
ATOM   371  C  CB    . GLU A 1 71  ? 19.037  7.706   -5.235  1.00 34.34 ? 162 GLU A CB    1 
ATOM   372  C  CG    . GLU A 1 71  ? 18.803  7.985   -3.754  1.00 37.18 ? 162 GLU A CG    1 
ATOM   373  C  CD    . GLU A 1 71  ? 20.002  8.685   -3.089  1.00 38.37 ? 162 GLU A CD    1 
ATOM   374  O  OE1   . GLU A 1 71  ? 20.657  9.516   -3.756  1.00 41.43 ? 162 GLU A OE1   1 
ATOM   375  O  OE2   . GLU A 1 71  ? 20.287  8.401   -1.904  1.00 42.28 ? 162 GLU A OE2   1 
ATOM   376  N  N     . VAL A 1 72  ? 15.783  7.494   -5.074  1.00 23.13 ? 163 VAL A N     1 
ATOM   377  C  CA    . VAL A 1 72  ? 14.555  8.251   -5.058  1.00 23.47 ? 163 VAL A CA    1 
ATOM   378  C  C     . VAL A 1 72  ? 14.201  8.535   -3.618  1.00 18.95 ? 163 VAL A C     1 
ATOM   379  O  O     . VAL A 1 72  ? 14.528  7.746   -2.744  1.00 20.39 ? 163 VAL A O     1 
ATOM   380  C  CB    . VAL A 1 72  ? 13.392  7.454   -5.773  1.00 24.84 ? 163 VAL A CB    1 
ATOM   381  C  CG1   . VAL A 1 72  ? 12.954  6.257   -4.934  1.00 26.32 ? 163 VAL A CG1   1 
ATOM   382  C  CG2   . VAL A 1 72  ? 12.220  8.378   -6.126  1.00 29.19 ? 163 VAL A CG2   1 
ATOM   383  N  N     . THR A 1 73  ? 13.539  9.664   -3.367  1.00 20.36 ? 164 THR A N     1 
ATOM   384  C  CA    . THR A 1 73  ? 13.005  9.942   -2.056  1.00 19.29 ? 164 THR A CA    1 
ATOM   385  C  C     . THR A 1 73  ? 11.583  9.408   -2.060  1.00 21.28 ? 164 THR A C     1 
ATOM   386  O  O     . THR A 1 73  ? 10.752  9.825   -2.870  1.00 20.27 ? 164 THR A O     1 
ATOM   387  C  CB    . THR A 1 73  ? 12.969  11.456  -1.747  1.00 23.36 ? 164 THR A CB    1 
ATOM   388  O  OG1   . THR A 1 73  ? 14.295  12.015  -1.867  1.00 20.22 ? 164 THR A OG1   1 
ATOM   389  C  CG2   . THR A 1 73  ? 12.422  11.684  -0.367  1.00 21.25 ? 164 THR A CG2   1 
ATOM   390  N  N     . LEU A 1 74  ? 11.331  8.462   -1.180  1.00 18.82 ? 165 LEU A N     1 
ATOM   391  C  CA    . LEU A 1 74  ? 10.041  7.805   -1.113  1.00 20.61 ? 165 LEU A CA    1 
ATOM   392  C  C     . LEU A 1 74  ? 9.371   8.211   0.205   1.00 17.27 ? 165 LEU A C     1 
ATOM   393  O  O     . LEU A 1 74  ? 9.991   8.138   1.267   1.00 21.68 ? 165 LEU A O     1 
ATOM   394  C  CB    . LEU A 1 74  ? 10.242  6.277   -1.170  1.00 20.17 ? 165 LEU A CB    1 
ATOM   395  C  CG    . LEU A 1 74  ? 9.024   5.351   -1.153  1.00 22.45 ? 165 LEU A CG    1 
ATOM   396  C  CD1   . LEU A 1 74  ? 7.953   5.810   -2.178  1.00 24.56 ? 165 LEU A CD1   1 
ATOM   397  C  CD2   . LEU A 1 74  ? 9.490   3.974   -1.447  1.00 22.81 ? 165 LEU A CD2   1 
ATOM   398  N  N     . VAL A 1 75  ? 8.109   8.623   0.122   1.00 17.10 ? 166 VAL A N     1 
ATOM   399  C  CA    . VAL A 1 75  ? 7.305   8.870   1.319   1.00 17.63 ? 166 VAL A CA    1 
ATOM   400  C  C     . VAL A 1 75  ? 6.166   7.838   1.335   1.00 19.53 ? 166 VAL A C     1 
ATOM   401  O  O     . VAL A 1 75  ? 5.349   7.747   0.384   1.00 17.73 ? 166 VAL A O     1 
ATOM   402  C  CB    . VAL A 1 75  ? 6.747   10.295  1.436   1.00 18.82 ? 166 VAL A CB    1 
ATOM   403  C  CG1   . VAL A 1 75  ? 5.964   10.446  2.752   1.00 18.54 ? 166 VAL A CG1   1 
ATOM   404  C  CG2   . VAL A 1 75  ? 7.872   11.393  1.343   1.00 20.48 ? 166 VAL A CG2   1 
ATOM   405  N  N     . VAL A 1 76  ? 6.159   7.027   2.392   1.00 16.90 ? 167 VAL A N     1 
ATOM   406  C  CA    . VAL A 1 76  ? 5.154   5.970   2.550   1.00 18.54 ? 167 VAL A CA    1 
ATOM   407  C  C     . VAL A 1 76  ? 4.087   6.502   3.487   1.00 16.60 ? 167 VAL A C     1 
ATOM   408  O  O     . VAL A 1 76  ? 4.384   6.940   4.616   1.00 14.78 ? 167 VAL A O     1 
ATOM   409  C  CB    . VAL A 1 76  ? 5.764   4.657   3.063   1.00 17.21 ? 167 VAL A CB    1 
ATOM   410  C  CG1   . VAL A 1 76  ? 4.631   3.647   3.535   1.00 13.92 ? 167 VAL A CG1   1 
ATOM   411  C  CG2   . VAL A 1 76  ? 6.678   4.016   1.960   1.00 19.25 ? 167 VAL A CG2   1 
ATOM   412  N  N     . TYR A 1 77  ? 2.838   6.494   3.005   1.00 16.85 ? 168 TYR A N     1 
ATOM   413  C  CA    . TYR A 1 77  ? 1.702   7.016   3.743   1.00 17.71 ? 168 TYR A CA    1 
ATOM   414  C  C     . TYR A 1 77  ? 0.829   5.892   4.343   1.00 16.75 ? 168 TYR A C     1 
ATOM   415  O  O     . TYR A 1 77  ? 0.543   4.906   3.697   1.00 17.62 ? 168 TYR A O     1 
ATOM   416  C  CB    . TYR A 1 77  ? 0.810   7.867   2.814   1.00 23.73 ? 168 TYR A CB    1 
ATOM   417  C  CG    . TYR A 1 77  ? 1.392   9.206   2.414   1.00 25.19 ? 168 TYR A CG    1 
ATOM   418  C  CD1   . TYR A 1 77  ? 0.873   10.397  2.919   1.00 27.20 ? 168 TYR A CD1   1 
ATOM   419  C  CD2   . TYR A 1 77  ? 2.443   9.277   1.504   1.00 25.43 ? 168 TYR A CD2   1 
ATOM   420  C  CE1   . TYR A 1 77  ? 1.407   11.633  2.519   1.00 26.55 ? 168 TYR A CE1   1 
ATOM   421  C  CE2   . TYR A 1 77  ? 2.977   10.472  1.124   1.00 28.66 ? 168 TYR A CE2   1 
ATOM   422  C  CZ    . TYR A 1 77  ? 2.465   11.641  1.630   1.00 28.30 ? 168 TYR A CZ    1 
ATOM   423  O  OH    . TYR A 1 77  ? 3.026   12.815  1.220   1.00 33.75 ? 168 TYR A OH    1 
ATOM   424  N  N     . ASP A 1 78  ? 0.373   6.119   5.554   1.00 14.93 ? 169 ASP A N     1 
ATOM   425  C  CA    . ASP A 1 78  ? -0.506  5.231   6.270   1.00 17.08 ? 169 ASP A CA    1 
ATOM   426  C  C     . ASP A 1 78  ? -1.667  6.082   6.835   1.00 14.27 ? 169 ASP A C     1 
ATOM   427  O  O     . ASP A 1 78  ? -1.867  6.194   8.054   1.00 17.37 ? 169 ASP A O     1 
ATOM   428  C  CB    . ASP A 1 78  ? 0.282   4.570   7.385   1.00 16.73 ? 169 ASP A CB    1 
ATOM   429  C  CG    . ASP A 1 78  ? -0.554  3.661   8.237   1.00 19.62 ? 169 ASP A CG    1 
ATOM   430  O  OD1   . ASP A 1 78  ? -1.480  3.013   7.684   1.00 17.08 ? 169 ASP A OD1   1 
ATOM   431  O  OD2   . ASP A 1 78  ? -0.284  3.597   9.461   1.00 18.03 ? 169 ASP A OD2   1 
ATOM   432  N  N     . ILE A 1 79  ? -2.422  6.683   5.937   1.00 14.55 ? 170 ILE A N     1 
ATOM   433  C  CA    . ILE A 1 79  ? -3.456  7.649   6.339   1.00 20.18 ? 170 ILE A CA    1 
ATOM   434  C  C     . ILE A 1 79  ? -4.832  7.238   5.847   1.00 20.74 ? 170 ILE A C     1 
ATOM   435  O  O     . ILE A 1 79  ? -5.758  8.085   5.755   1.00 22.34 ? 170 ILE A O     1 
ATOM   436  C  CB    . ILE A 1 79  ? -3.114  9.101   5.816   1.00 20.51 ? 170 ILE A CB    1 
ATOM   437  C  CG1   . ILE A 1 79  ? -3.122  9.102   4.286   1.00 19.32 ? 170 ILE A CG1   1 
ATOM   438  C  CG2   . ILE A 1 79  ? -1.785  9.578   6.464   1.00 16.97 ? 170 ILE A CG2   1 
ATOM   439  C  CD1   . ILE A 1 79  ? -3.083  10.453  3.616   1.00 19.85 ? 170 ILE A CD1   1 
ATOM   440  N  N     . TRP A 1 80  ? -4.985  5.954   5.524   1.00 19.70 ? 171 TRP A N     1 
ATOM   441  C  CA    . TRP A 1 80  ? -6.270  5.432   5.046   1.00 20.15 ? 171 TRP A CA    1 
ATOM   442  C  C     . TRP A 1 80  ? -7.119  5.039   6.255   1.00 24.64 ? 171 TRP A C     1 
ATOM   443  O  O     . TRP A 1 80  ? -7.115  3.898   6.736   1.00 27.37 ? 171 TRP A O     1 
ATOM   444  C  CB    . TRP A 1 80  ? -6.076  4.257   4.077   1.00 19.24 ? 171 TRP A CB    1 
ATOM   445  C  CG    . TRP A 1 80  ? -7.360  3.813   3.347   1.00 18.41 ? 171 TRP A CG    1 
ATOM   446  C  CD1   . TRP A 1 80  ? -8.190  2.785   3.726   1.00 21.06 ? 171 TRP A CD1   1 
ATOM   447  C  CD2   . TRP A 1 80  ? -7.902  4.316   2.112   1.00 20.72 ? 171 TRP A CD2   1 
ATOM   448  N  NE1   . TRP A 1 80  ? -9.214  2.644   2.828   1.00 19.61 ? 171 TRP A NE1   1 
ATOM   449  C  CE2   . TRP A 1 80  ? -9.064  3.555   1.824   1.00 22.08 ? 171 TRP A CE2   1 
ATOM   450  C  CE3   . TRP A 1 80  ? -7.532  5.333   1.225   1.00 20.74 ? 171 TRP A CE3   1 
ATOM   451  C  CZ2   . TRP A 1 80  ? -9.862  3.795   0.700   1.00 22.42 ? 171 TRP A CZ2   1 
ATOM   452  C  CZ3   . TRP A 1 80  ? -8.318  5.547   0.081   1.00 22.84 ? 171 TRP A CZ3   1 
ATOM   453  C  CH2   . TRP A 1 80  ? -9.479  4.789   -0.147  1.00 21.60 ? 171 TRP A CH2   1 
ATOM   454  N  N     . GLU A 1 81  ? -7.831  6.021   6.747   1.00 29.55 ? 172 GLU A N     1 
ATOM   455  C  CA    . GLU A 1 81  ? -8.566  5.918   7.989   1.00 37.76 ? 172 GLU A CA    1 
ATOM   456  C  C     . GLU A 1 81  ? -9.994  5.529   7.646   1.00 35.67 ? 172 GLU A C     1 
ATOM   457  O  O     . GLU A 1 81  ? -10.503 5.935   6.602   1.00 35.00 ? 172 GLU A O     1 
ATOM   458  C  CB    . GLU A 1 81  ? -8.487  7.272   8.693   1.00 38.96 ? 172 GLU A CB    1 
ATOM   459  C  CG    . GLU A 1 81  ? -9.490  7.542   9.779   1.00 44.66 ? 172 GLU A CG    1 
ATOM   460  C  CD    . GLU A 1 81  ? -9.123  8.796   10.552  1.00 45.06 ? 172 GLU A CD    1 
ATOM   461  O  OE1   . GLU A 1 81  ? -7.905  9.075   10.659  1.00 49.88 ? 172 GLU A OE1   1 
ATOM   462  O  OE2   . GLU A 1 81  ? -10.033 9.494   11.042  1.00 49.56 ? 172 GLU A OE2   1 
ATOM   463  N  N     . GLN A 1 82  ? -10.609 4.714   8.501   1.00 35.60 ? 173 GLN A N     1 
ATOM   464  C  CA    . GLN A 1 82  ? -12.000 4.282   8.322   1.00 35.10 ? 173 GLN A CA    1 
ATOM   465  C  C     . GLN A 1 82  ? -12.963 5.321   8.941   1.00 35.30 ? 173 GLN A C     1 
ATOM   466  O  O     . GLN A 1 82  ? -12.601 6.067   9.855   1.00 34.28 ? 173 GLN A O     1 
ATOM   467  C  CB    . GLN A 1 82  ? -12.250 2.899   8.961   1.00 35.85 ? 173 GLN A CB    1 
ATOM   468  C  CG    . GLN A 1 82  ? -11.163 1.826   8.706   1.00 34.15 ? 173 GLN A CG    1 
ATOM   469  C  CD    . GLN A 1 82  ? -10.955 1.489   7.225   1.00 34.75 ? 173 GLN A CD    1 
ATOM   470  O  OE1   . GLN A 1 82  ? -11.907 1.436   6.446   1.00 33.79 ? 173 GLN A OE1   1 
ATOM   471  N  NE2   . GLN A 1 82  ? -9.693  1.246   6.841   1.00 31.69 ? 173 GLN A NE2   1 
ATOM   472  N  N     . GLY A 1 83  ? -14.177 5.377   8.418   1.00 32.02 ? 174 GLY A N     1 
ATOM   473  C  CA    . GLY A 1 83  ? -15.217 6.219   8.992   1.00 30.02 ? 174 GLY A CA    1 
ATOM   474  C  C     . GLY A 1 83  ? -15.309 7.597   8.398   1.00 30.95 ? 174 GLY A C     1 
ATOM   475  O  O     . GLY A 1 83  ? -14.447 8.009   7.621   1.00 29.98 ? 174 GLY A O     1 
ATOM   476  N  N     . ASP A 1 84  ? -16.366 8.318   8.801   1.00 32.14 ? 175 ASP A N     1 
ATOM   477  C  CA    . ASP A 1 84  ? -16.728 9.619   8.247   1.00 33.86 ? 175 ASP A CA    1 
ATOM   478  C  C     . ASP A 1 84  ? -15.647 10.648  8.438   1.00 34.02 ? 175 ASP A C     1 
ATOM   479  O  O     . ASP A 1 84  ? -15.296 11.373  7.495   1.00 35.72 ? 175 ASP A O     1 
ATOM   480  C  CB    . ASP A 1 84  ? -18.034 10.126  8.893   1.00 35.36 ? 175 ASP A CB    1 
ATOM   481  N  N     . ALA A 1 85  ? -15.106 10.711  9.651   1.00 32.64 ? 176 ALA A N     1 
ATOM   482  C  CA    . ALA A 1 85  ? -14.056 11.666  9.982   1.00 34.14 ? 176 ALA A CA    1 
ATOM   483  C  C     . ALA A 1 85  ? -12.778 11.466  9.129   1.00 35.22 ? 176 ALA A C     1 
ATOM   484  O  O     . ALA A 1 85  ? -11.986 12.404  8.974   1.00 34.11 ? 176 ALA A O     1 
ATOM   485  C  CB    . ALA A 1 85  ? -13.724 11.588  11.471  1.00 34.38 ? 176 ALA A CB    1 
ATOM   486  N  N     . GLY A 1 86  ? -12.573 10.251  8.602   1.00 32.90 ? 177 GLY A N     1 
ATOM   487  C  CA    . GLY A 1 86  ? -11.439 9.963   7.732   1.00 30.32 ? 177 GLY A CA    1 
ATOM   488  C  C     . GLY A 1 86  ? -11.603 10.255  6.242   1.00 28.07 ? 177 GLY A C     1 
ATOM   489  O  O     . GLY A 1 86  ? -10.667 10.065  5.483   1.00 23.21 ? 177 GLY A O     1 
ATOM   490  N  N     . GLY A 1 87  ? -12.794 10.698  5.814   1.00 27.73 ? 178 GLY A N     1 
ATOM   491  C  CA    . GLY A 1 87  ? -13.064 10.996  4.405   1.00 25.48 ? 178 GLY A CA    1 
ATOM   492  C  C     . GLY A 1 87  ? -12.088 11.938  3.714   1.00 26.12 ? 178 GLY A C     1 
ATOM   493  O  O     . GLY A 1 87  ? -11.628 11.653  2.604   1.00 22.19 ? 178 GLY A O     1 
ATOM   494  N  N     . TRP A 1 88  ? -11.784 13.070  4.337   1.00 23.94 ? 179 TRP A N     1 
ATOM   495  C  CA    . TRP A 1 88  ? -10.868 14.039  3.713   1.00 25.50 ? 179 TRP A CA    1 
ATOM   496  C  C     . TRP A 1 88  ? -9.445  13.463  3.567   1.00 24.39 ? 179 TRP A C     1 
ATOM   497  O  O     . TRP A 1 88  ? -8.702  13.856  2.684   1.00 27.17 ? 179 TRP A O     1 
ATOM   498  C  CB    . TRP A 1 88  ? -10.814 15.354  4.501   1.00 30.14 ? 179 TRP A CB    1 
ATOM   499  C  CG    . TRP A 1 88  ? -10.116 15.252  5.823   1.00 29.42 ? 179 TRP A CG    1 
ATOM   500  C  CD1   . TRP A 1 88  ? -10.626 14.743  6.979   1.00 32.29 ? 179 TRP A CD1   1 
ATOM   501  C  CD2   . TRP A 1 88  ? -8.771  15.654  6.124   1.00 31.79 ? 179 TRP A CD2   1 
ATOM   502  N  NE1   . TRP A 1 88  ? -9.687  14.804  7.980   1.00 31.88 ? 179 TRP A NE1   1 
ATOM   503  C  CE2   . TRP A 1 88  ? -8.546  15.377  7.487   1.00 30.34 ? 179 TRP A CE2   1 
ATOM   504  C  CE3   . TRP A 1 88  ? -7.740  16.226  5.374   1.00 30.80 ? 179 TRP A CE3   1 
ATOM   505  C  CZ2   . TRP A 1 88  ? -7.331  15.635  8.116   1.00 30.01 ? 179 TRP A CZ2   1 
ATOM   506  C  CZ3   . TRP A 1 88  ? -6.532  16.510  6.010   1.00 30.66 ? 179 TRP A CZ3   1 
ATOM   507  C  CH2   . TRP A 1 88  ? -6.346  16.218  7.374   1.00 31.27 ? 179 TRP A CH2   1 
ATOM   508  N  N     . LEU A 1 89  ? -9.079  12.568  4.465   1.00 26.36 ? 180 LEU A N     1 
ATOM   509  C  CA    . LEU A 1 89  ? -7.766  11.909  4.415   1.00 26.23 ? 180 LEU A CA    1 
ATOM   510  C  C     . LEU A 1 89  ? -7.702  10.851  3.297   1.00 24.19 ? 180 LEU A C     1 
ATOM   511  O  O     . LEU A 1 89  ? -6.711  10.754  2.599   1.00 23.79 ? 180 LEU A O     1 
ATOM   512  C  CB    . LEU A 1 89  ? -7.423  11.304  5.784   1.00 26.67 ? 180 LEU A CB    1 
ATOM   513  C  CG    . LEU A 1 89  ? -6.706  12.263  6.751   1.00 29.15 ? 180 LEU A CG    1 
ATOM   514  C  CD1   . LEU A 1 89  ? -6.535  11.627  8.123   1.00 32.47 ? 180 LEU A CD1   1 
ATOM   515  C  CD2   . LEU A 1 89  ? -5.332  12.730  6.195   1.00 28.19 ? 180 LEU A CD2   1 
ATOM   516  N  N     . ARG A 1 90  ? -8.770  10.078  3.126   1.00 24.32 ? 181 ARG A N     1 
ATOM   517  C  CA    . ARG A 1 90  ? -8.864  9.158   1.981   1.00 23.80 ? 181 ARG A CA    1 
ATOM   518  C  C     . ARG A 1 90  ? -8.839  9.916   0.650   1.00 21.39 ? 181 ARG A C     1 
ATOM   519  O  O     . ARG A 1 90  ? -8.230  9.466   -0.298  1.00 17.69 ? 181 ARG A O     1 
ATOM   520  C  CB    . ARG A 1 90  ? -10.104 8.281   2.079   1.00 25.28 ? 181 ARG A CB    1 
ATOM   521  C  CG    . ARG A 1 90  ? -10.114 7.395   3.275   1.00 24.67 ? 181 ARG A CG    1 
ATOM   522  C  CD    . ARG A 1 90  ? -11.202 6.357   3.202   1.00 28.68 ? 181 ARG A CD    1 
ATOM   523  N  NE    . ARG A 1 90  ? -12.539 6.952   3.203   1.00 29.53 ? 181 ARG A NE    1 
ATOM   524  C  CZ    . ARG A 1 90  ? -13.237 7.256   4.295   1.00 29.31 ? 181 ARG A CZ    1 
ATOM   525  N  NH1   . ARG A 1 90  ? -12.728 7.047   5.505   1.00 27.96 ? 181 ARG A NH1   1 
ATOM   526  N  NH2   . ARG A 1 90  ? -14.449 7.799   4.178   1.00 28.16 ? 181 ARG A NH2   1 
ATOM   527  N  N     . ASP A 1 91  ? -9.484  11.083  0.605   1.00 21.42 ? 182 ASP A N     1 
ATOM   528  C  CA    . ASP A 1 91  ? -9.480  11.916  -0.592  1.00 23.73 ? 182 ASP A CA    1 
ATOM   529  C  C     . ASP A 1 91  ? -8.078  12.465  -0.872  1.00 21.23 ? 182 ASP A C     1 
ATOM   530  O  O     . ASP A 1 91  ? -7.612  12.437  -1.987  1.00 23.57 ? 182 ASP A O     1 
ATOM   531  C  CB    . ASP A 1 91  ? -10.453 13.081  -0.430  1.00 24.75 ? 182 ASP A CB    1 
ATOM   532  C  CG    . ASP A 1 91  ? -11.924 12.655  -0.475  1.00 27.89 ? 182 ASP A CG    1 
ATOM   533  O  OD1   . ASP A 1 91  ? -12.257 11.500  -0.839  1.00 25.16 ? 182 ASP A OD1   1 
ATOM   534  O  OD2   . ASP A 1 91  ? -12.745 13.508  -0.114  1.00 29.44 ? 182 ASP A OD2   1 
ATOM   535  N  N     . HIS A 1 92  ? -7.425  12.961  0.163   1.00 24.65 ? 183 HIS A N     1 
ATOM   536  C  CA    . HIS A 1 92  ? -6.056  13.480  0.043   1.00 23.84 ? 183 HIS A CA    1 
ATOM   537  C  C     . HIS A 1 92  ? -5.130  12.348  -0.410  1.00 21.79 ? 183 HIS A C     1 
ATOM   538  O  O     . HIS A 1 92  ? -4.304  12.518  -1.320  1.00 23.82 ? 183 HIS A O     1 
ATOM   539  C  CB    . HIS A 1 92  ? -5.610  14.047  1.399   1.00 24.99 ? 183 HIS A CB    1 
ATOM   540  C  CG    . HIS A 1 92  ? -4.179  14.497  1.431   1.00 23.25 ? 183 HIS A CG    1 
ATOM   541  N  ND1   . HIS A 1 92  ? -3.672  15.413  0.536   1.00 21.76 ? 183 HIS A ND1   1 
ATOM   542  C  CD2   . HIS A 1 92  ? -3.158  14.174  2.261   1.00 23.42 ? 183 HIS A CD2   1 
ATOM   543  C  CE1   . HIS A 1 92  ? -2.398  15.636  0.813   1.00 22.14 ? 183 HIS A CE1   1 
ATOM   544  N  NE2   . HIS A 1 92  ? -2.056  14.887  1.843   1.00 19.97 ? 183 HIS A NE2   1 
ATOM   545  N  N     . CYS A 1 93  ? -5.328  11.182  0.198   1.00 21.44 ? 184 CYS A N     1 
ATOM   546  C  CA    . CYS A 1 93  ? -4.587  9.968   -0.168  1.00 20.50 ? 184 CYS A CA    1 
ATOM   547  C  C     . CYS A 1 93  ? -4.692  9.681   -1.663  1.00 20.98 ? 184 CYS A C     1 
ATOM   548  O  O     . CYS A 1 93  ? -3.692  9.579   -2.351  1.00 17.99 ? 184 CYS A O     1 
ATOM   549  C  CB    . CYS A 1 93  ? -5.096  8.801   0.698   1.00 26.17 ? 184 CYS A CB    1 
ATOM   550  S  SG    . CYS A 1 93  ? -4.283  7.233   0.409   1.00 25.97 ? 184 CYS A SG    1 
ATOM   551  N  N     . LEU A 1 94  ? -5.909  9.569   -2.182  1.00 19.73 ? 185 LEU A N     1 
ATOM   552  C  CA    . LEU A 1 94  ? -6.104  9.363   -3.603  1.00 22.15 ? 185 LEU A CA    1 
ATOM   553  C  C     . LEU A 1 94  ? -5.585  10.520  -4.479  1.00 22.57 ? 185 LEU A C     1 
ATOM   554  O  O     . LEU A 1 94  ? -5.027  10.288  -5.555  1.00 23.57 ? 185 LEU A O     1 
ATOM   555  C  CB    . LEU A 1 94  ? -7.570  9.096   -3.903  1.00 24.89 ? 185 LEU A CB    1 
ATOM   556  C  CG    . LEU A 1 94  ? -7.947  8.871   -5.371  1.00 23.09 ? 185 LEU A CG    1 
ATOM   557  C  CD1   . LEU A 1 94  ? -7.164  7.695   -5.986  1.00 24.84 ? 185 LEU A CD1   1 
ATOM   558  C  CD2   . LEU A 1 94  ? -9.424  8.678   -5.504  1.00 25.89 ? 185 LEU A CD2   1 
ATOM   559  N  N     . GLN A 1 95  ? -5.782  11.761  -4.042  1.00 23.78 ? 186 GLN A N     1 
ATOM   560  C  CA    . GLN A 1 95  ? -5.397  12.905  -4.881  1.00 23.91 ? 186 GLN A CA    1 
ATOM   561  C  C     . GLN A 1 95  ? -3.876  12.976  -5.079  1.00 26.87 ? 186 GLN A C     1 
ATOM   562  O  O     . GLN A 1 95  ? -3.395  13.335  -6.153  1.00 26.73 ? 186 GLN A O     1 
ATOM   563  C  CB    . GLN A 1 95  ? -5.934  14.220  -4.275  1.00 26.94 ? 186 GLN A CB    1 
ATOM   564  N  N     . THR A 1 96  ? -3.126  12.618  -4.033  1.00 24.43 ? 187 THR A N     1 
ATOM   565  C  CA    . THR A 1 96  ? -1.686  12.878  -4.005  1.00 25.28 ? 187 THR A CA    1 
ATOM   566  C  C     . THR A 1 96  ? -0.777  11.621  -4.219  1.00 22.83 ? 187 THR A C     1 
ATOM   567  O  O     . THR A 1 96  ? 0.405   11.757  -4.471  1.00 22.12 ? 187 THR A O     1 
ATOM   568  C  CB    . THR A 1 96  ? -1.309  13.645  -2.714  1.00 26.06 ? 187 THR A CB    1 
ATOM   569  O  OG1   . THR A 1 96  ? -1.578  12.843  -1.555  1.00 23.34 ? 187 THR A OG1   1 
ATOM   570  C  CG2   . THR A 1 96  ? -2.090  14.940  -2.608  1.00 27.43 ? 187 THR A CG2   1 
ATOM   571  N  N     . GLY A 1 97  ? -1.336  10.407  -4.150  1.00 24.37 ? 188 GLY A N     1 
ATOM   572  C  CA    . GLY A 1 97  ? -0.520  9.198   -4.294  1.00 21.26 ? 188 GLY A CA    1 
ATOM   573  C  C     . GLY A 1 97  ? 0.022   8.970   -5.691  1.00 20.61 ? 188 GLY A C     1 
ATOM   574  O  O     . GLY A 1 97  ? -0.671  9.198   -6.667  1.00 20.78 ? 188 GLY A O     1 
ATOM   575  N  N     . ASP A 1 98  ? 1.279   8.519   -5.779  1.00 18.44 ? 189 ASP A N     1 
ATOM   576  C  CA    . ASP A 1 98  ? 1.882   8.097   -7.032  1.00 18.90 ? 189 ASP A CA    1 
ATOM   577  C  C     . ASP A 1 98  ? 1.659   6.598   -7.271  1.00 18.17 ? 189 ASP A C     1 
ATOM   578  O  O     . ASP A 1 98  ? 1.632   6.145   -8.418  1.00 19.41 ? 189 ASP A O     1 
ATOM   579  C  CB    . ASP A 1 98  ? 3.376   8.431   -7.033  1.00 19.90 ? 189 ASP A CB    1 
ATOM   580  C  CG    . ASP A 1 98  ? 3.625   9.920   -6.936  1.00 20.91 ? 189 ASP A CG    1 
ATOM   581  O  OD1   . ASP A 1 98  ? 2.975   10.676  -7.659  1.00 22.37 ? 189 ASP A OD1   1 
ATOM   582  O  OD2   . ASP A 1 98  ? 4.402   10.350  -6.085  1.00 24.28 ? 189 ASP A OD2   1 
ATOM   583  N  N     . ALA A 1 99  ? 1.521   5.850   -6.176  1.00 17.84 ? 190 ALA A N     1 
ATOM   584  C  CA    . ALA A 1 99  ? 1.179   4.442   -6.200  1.00 18.55 ? 190 ALA A CA    1 
ATOM   585  C  C     . ALA A 1 99  ? 0.429   4.028   -4.927  1.00 14.72 ? 190 ALA A C     1 
ATOM   586  O  O     . ALA A 1 99  ? 0.510   4.662   -3.877  1.00 18.84 ? 190 ALA A O     1 
ATOM   587  C  CB    . ALA A 1 99  ? 2.456   3.546   -6.422  1.00 14.88 ? 190 ALA A CB    1 
ATOM   588  N  N     . PHE A 1 100 ? -0.319  2.936   -5.050  1.00 12.38 ? 191 PHE A N     1 
ATOM   589  C  CA    . PHE A 1 100 ? -1.251  2.486   -4.037  1.00 14.52 ? 191 PHE A CA    1 
ATOM   590  C  C     . PHE A 1 100 ? -1.001  1.032   -3.763  1.00 14.34 ? 191 PHE A C     1 
ATOM   591  O  O     . PHE A 1 100 ? -0.925  0.203   -4.689  1.00 17.58 ? 191 PHE A O     1 
ATOM   592  C  CB    . PHE A 1 100 ? -2.678  2.742   -4.524  1.00 16.10 ? 191 PHE A CB    1 
ATOM   593  C  CG    . PHE A 1 100 ? -2.972  4.196   -4.703  1.00 16.70 ? 191 PHE A CG    1 
ATOM   594  C  CD1   . PHE A 1 100 ? -3.486  4.943   -3.645  1.00 16.87 ? 191 PHE A CD1   1 
ATOM   595  C  CD2   . PHE A 1 100 ? -2.633  4.852   -5.898  1.00 19.97 ? 191 PHE A CD2   1 
ATOM   596  C  CE1   . PHE A 1 100 ? -3.742  6.305   -3.795  1.00 15.90 ? 191 PHE A CE1   1 
ATOM   597  C  CE2   . PHE A 1 100 ? -2.862  6.234   -6.026  1.00 19.01 ? 191 PHE A CE2   1 
ATOM   598  C  CZ    . PHE A 1 100 ? -3.410  6.942   -4.980  1.00 19.25 ? 191 PHE A CZ    1 
ATOM   599  N  N     . LEU A 1 101 ? -0.819  0.726   -2.486  1.00 15.52 ? 192 LEU A N     1 
ATOM   600  C  CA    . LEU A 1 101 ? -0.678  -0.631  -2.020  1.00 14.48 ? 192 LEU A CA    1 
ATOM   601  C  C     . LEU A 1 101 ? -1.984  -1.027  -1.342  1.00 15.85 ? 192 LEU A C     1 
ATOM   602  O  O     . LEU A 1 101 ? -2.304  -0.560  -0.235  1.00 15.36 ? 192 LEU A O     1 
ATOM   603  C  CB    . LEU A 1 101 ? 0.508   -0.750  -1.060  1.00 15.82 ? 192 LEU A CB    1 
ATOM   604  C  CG    . LEU A 1 101 ? 1.787   -0.106  -1.617  1.00 17.48 ? 192 LEU A CG    1 
ATOM   605  C  CD1   . LEU A 1 101 ? 2.867   -0.084  -0.546  1.00 18.42 ? 192 LEU A CD1   1 
ATOM   606  C  CD2   . LEU A 1 101 ? 2.266   -0.812  -2.897  1.00 22.37 ? 192 LEU A CD2   1 
ATOM   607  N  N     . ILE A 1 102 ? -2.764  -1.848  -2.031  1.00 16.96 ? 193 ILE A N     1 
ATOM   608  C  CA    . ILE A 1 102 ? -4.070  -2.289  -1.501  1.00 15.44 ? 193 ILE A CA    1 
ATOM   609  C  C     . ILE A 1 102 ? -3.810  -3.554  -0.687  1.00 15.35 ? 193 ILE A C     1 
ATOM   610  O  O     . ILE A 1 102 ? -3.513  -4.618  -1.221  1.00 16.20 ? 193 ILE A O     1 
ATOM   611  C  CB    . ILE A 1 102 ? -5.131  -2.569  -2.600  1.00 18.16 ? 193 ILE A CB    1 
ATOM   612  C  CG1   . ILE A 1 102 ? -5.356  -1.347  -3.519  1.00 16.64 ? 193 ILE A CG1   1 
ATOM   613  C  CG2   . ILE A 1 102 ? -6.452  -2.986  -1.933  1.00 15.64 ? 193 ILE A CG2   1 
ATOM   614  C  CD1   . ILE A 1 102 ? -6.334  -1.635  -4.685  1.00 15.14 ? 193 ILE A CD1   1 
ATOM   615  N  N     . VAL A 1 103 ? -3.873  -3.396  0.624   1.00 16.16 ? 194 VAL A N     1 
ATOM   616  C  CA    . VAL A 1 103 ? -3.501  -4.424  1.570   1.00 15.59 ? 194 VAL A CA    1 
ATOM   617  C  C     . VAL A 1 103 ? -4.770  -5.125  2.114   1.00 15.92 ? 194 VAL A C     1 
ATOM   618  O  O     . VAL A 1 103 ? -5.708  -4.468  2.601   1.00 14.54 ? 194 VAL A O     1 
ATOM   619  C  CB    . VAL A 1 103 ? -2.738  -3.861  2.807   1.00 14.97 ? 194 VAL A CB    1 
ATOM   620  C  CG1   . VAL A 1 103 ? -2.314  -5.038  3.741   1.00 15.00 ? 194 VAL A CG1   1 
ATOM   621  C  CG2   . VAL A 1 103 ? -1.524  -2.923  2.385   1.00 14.08 ? 194 VAL A CG2   1 
ATOM   622  N  N     . PHE A 1 104 ? -4.777  -6.444  1.992   1.00 17.10 ? 195 PHE A N     1 
ATOM   623  C  CA    . PHE A 1 104 ? -5.705  -7.303  2.707   1.00 15.02 ? 195 PHE A CA    1 
ATOM   624  C  C     . PHE A 1 104 ? -4.902  -8.292  3.580   1.00 14.08 ? 195 PHE A C     1 
ATOM   625  O  O     . PHE A 1 104 ? -3.653  -8.369  3.495   1.00 16.42 ? 195 PHE A O     1 
ATOM   626  C  CB    . PHE A 1 104 ? -6.625  -8.023  1.690   1.00 15.09 ? 195 PHE A CB    1 
ATOM   627  C  CG    . PHE A 1 104 ? -5.946  -9.101  0.901   1.00 15.44 ? 195 PHE A CG    1 
ATOM   628  C  CD1   . PHE A 1 104 ? -6.001  -10.430 1.340   1.00 19.45 ? 195 PHE A CD1   1 
ATOM   629  C  CD2   . PHE A 1 104 ? -5.236  -8.812  -0.254  1.00 15.83 ? 195 PHE A CD2   1 
ATOM   630  C  CE1   . PHE A 1 104 ? -5.390  -11.444 0.622   1.00 17.66 ? 195 PHE A CE1   1 
ATOM   631  C  CE2   . PHE A 1 104 ? -4.603  -9.824  -0.964  1.00 18.12 ? 195 PHE A CE2   1 
ATOM   632  C  CZ    . PHE A 1 104 ? -4.660  -11.141 -0.517  1.00 17.38 ? 195 PHE A CZ    1 
ATOM   633  N  N     . SER A 1 105 ? -5.602  -8.983  4.490   1.00 18.05 ? 196 SER A N     1 
ATOM   634  C  CA    . SER A 1 105 ? -4.943  -9.981  5.353   1.00 17.85 ? 196 SER A CA    1 
ATOM   635  C  C     . SER A 1 105 ? -5.333  -11.362 4.862   1.00 16.16 ? 196 SER A C     1 
ATOM   636  O  O     . SER A 1 105 ? -6.519  -11.640 4.636   1.00 18.75 ? 196 SER A O     1 
ATOM   637  C  CB    . SER A 1 105 ? -5.292  -9.798  6.831   1.00 21.97 ? 196 SER A CB    1 
ATOM   638  O  OG    . SER A 1 105 ? -4.864  -10.905 7.629   1.00 20.95 ? 196 SER A OG    1 
ATOM   639  N  N     . VAL A 1 106 ? -4.345  -12.245 4.684   1.00 18.33 ? 197 VAL A N     1 
ATOM   640  C  CA    . VAL A 1 106 ? -4.638  -13.587 4.221   1.00 18.54 ? 197 VAL A CA    1 
ATOM   641  C  C     . VAL A 1 106 ? -5.491  -14.370 5.244   1.00 19.05 ? 197 VAL A C     1 
ATOM   642  O  O     . VAL A 1 106 ? -6.085  -15.402 4.892   1.00 21.14 ? 197 VAL A O     1 
ATOM   643  C  CB    . VAL A 1 106 ? -3.364  -14.404 3.861   1.00 18.80 ? 197 VAL A CB    1 
ATOM   644  C  CG1   . VAL A 1 106 ? -2.640  -13.759 2.656   1.00 19.80 ? 197 VAL A CG1   1 
ATOM   645  C  CG2   . VAL A 1 106 ? -2.451  -14.596 5.065   1.00 21.63 ? 197 VAL A CG2   1 
ATOM   646  N  N     . THR A 1 107 ? -5.508  -13.861 6.480   1.00 19.21 ? 198 THR A N     1 
ATOM   647  C  CA    . THR A 1 107 ? -6.312  -14.402 7.590   1.00 23.22 ? 198 THR A CA    1 
ATOM   648  C  C     . THR A 1 107 ? -7.722  -13.813 7.655   1.00 25.44 ? 198 THR A C     1 
ATOM   649  O  O     . THR A 1 107 ? -8.495  -14.202 8.522   1.00 24.38 ? 198 THR A O     1 
ATOM   650  C  CB    . THR A 1 107 ? -5.621  -14.211 8.981   1.00 20.52 ? 198 THR A CB    1 
ATOM   651  O  OG1   . THR A 1 107 ? -5.654  -12.829 9.415   1.00 23.28 ? 198 THR A OG1   1 
ATOM   652  C  CG2   . THR A 1 107 ? -4.155  -14.727 8.947   1.00 22.88 ? 198 THR A CG2   1 
ATOM   653  N  N     . ASP A 1 108 ? -8.049  -12.878 6.756   1.00 23.05 ? 199 ASP A N     1 
ATOM   654  C  CA    . ASP A 1 108 ? -9.323  -12.141 6.814   1.00 21.31 ? 199 ASP A CA    1 
ATOM   655  C  C     . ASP A 1 108 ? -9.949  -12.070 5.409   1.00 24.29 ? 199 ASP A C     1 
ATOM   656  O  O     . ASP A 1 108 ? -9.702  -11.141 4.627   1.00 21.10 ? 199 ASP A O     1 
ATOM   657  C  CB    . ASP A 1 108 ? -9.110  -10.777 7.476   1.00 21.84 ? 199 ASP A CB    1 
ATOM   658  C  CG    . ASP A 1 108 ? -10.393 -9.939  7.578   1.00 27.60 ? 199 ASP A CG    1 
ATOM   659  O  OD1   . ASP A 1 108 ? -11.478 -10.460 7.289   1.00 27.24 ? 199 ASP A OD1   1 
ATOM   660  O  OD2   . ASP A 1 108 ? -10.297 -8.751  7.963   1.00 31.74 ? 199 ASP A OD2   1 
ATOM   661  N  N     . ARG A 1 109 ? -10.785 -13.066 5.100   1.00 22.75 ? 200 ARG A N     1 
ATOM   662  C  CA    . ARG A 1 109 ? -11.467 -13.124 3.804   1.00 24.13 ? 200 ARG A CA    1 
ATOM   663  C  C     . ARG A 1 109 ? -12.314 -11.889 3.505   1.00 20.82 ? 200 ARG A C     1 
ATOM   664  O  O     . ARG A 1 109 ? -12.470 -11.514 2.339   1.00 20.15 ? 200 ARG A O     1 
ATOM   665  C  CB    . ARG A 1 109 ? -12.343 -14.383 3.718   1.00 28.03 ? 200 ARG A CB    1 
ATOM   666  C  CG    . ARG A 1 109 ? -13.070 -14.518 2.392   1.00 30.37 ? 200 ARG A CG    1 
ATOM   667  C  CD    . ARG A 1 109 ? -13.616 -15.913 2.204   1.00 32.94 ? 200 ARG A CD    1 
ATOM   668  N  NE    . ARG A 1 109 ? -12.551 -16.869 1.875   1.00 35.25 ? 200 ARG A NE    1 
ATOM   669  C  CZ    . ARG A 1 109 ? -11.935 -16.947 0.684   1.00 34.37 ? 200 ARG A CZ    1 
ATOM   670  N  NH1   . ARG A 1 109 ? -12.255 -16.136 -0.332  1.00 29.84 ? 200 ARG A NH1   1 
ATOM   671  N  NH2   . ARG A 1 109 ? -10.997 -17.858 0.521   1.00 35.30 ? 200 ARG A NH2   1 
ATOM   672  N  N     . ARG A 1 110 ? -12.880 -11.286 4.544   1.00 23.68 ? 201 ARG A N     1 
ATOM   673  C  CA    . ARG A 1 110 ? -13.684 -10.077 4.401   1.00 25.63 ? 201 ARG A CA    1 
ATOM   674  C  C     . ARG A 1 110 ? -12.861 -8.915  3.789   1.00 24.94 ? 201 ARG A C     1 
ATOM   675  O  O     . ARG A 1 110 ? -13.359 -8.172  2.920   1.00 17.98 ? 201 ARG A O     1 
ATOM   676  C  CB    . ARG A 1 110 ? -14.224 -9.657  5.749   1.00 29.41 ? 201 ARG A CB    1 
ATOM   677  C  CG    . ARG A 1 110 ? -15.119 -10.692 6.447   1.00 34.51 ? 201 ARG A CG    1 
ATOM   678  C  CD    . ARG A 1 110 ? -15.491 -10.180 7.843   1.00 38.73 ? 201 ARG A CD    1 
ATOM   679  N  NE    . ARG A 1 110 ? -14.319 -10.108 8.725   1.00 43.66 ? 201 ARG A NE    1 
ATOM   680  C  CZ    . ARG A 1 110 ? -14.244 -9.380  9.842   1.00 45.56 ? 201 ARG A CZ    1 
ATOM   681  N  NH1   . ARG A 1 110 ? -15.269 -8.627  10.249  1.00 47.80 ? 201 ARG A NH1   1 
ATOM   682  N  NH2   . ARG A 1 110 ? -13.126 -9.406  10.552  1.00 47.18 ? 201 ARG A NH2   1 
ATOM   683  N  N     . SER A 1 111 ? -11.614 -8.752  4.255   1.00 23.02 ? 202 SER A N     1 
ATOM   684  C  CA    . SER A 1 111 ? -10.681 -7.762  3.663   1.00 18.09 ? 202 SER A CA    1 
ATOM   685  C  C     . SER A 1 111 ? -10.383 -8.066  2.193   1.00 18.77 ? 202 SER A C     1 
ATOM   686  O  O     . SER A 1 111 ? -10.363 -7.146  1.355   1.00 19.10 ? 202 SER A O     1 
ATOM   687  C  CB    . SER A 1 111 ? -9.397  -7.603  4.532   1.00 20.32 ? 202 SER A CB    1 
ATOM   688  O  OG    . SER A 1 111 ? -8.523  -8.732  4.453   1.00 19.17 ? 202 SER A OG    1 
ATOM   689  N  N     . PHE A 1 112 ? -10.188 -9.340  1.856   1.00 17.90 ? 203 PHE A N     1 
ATOM   690  C  CA    . PHE A 1 112 ? -9.951  -9.777  0.463   1.00 18.67 ? 203 PHE A CA    1 
ATOM   691  C  C     . PHE A 1 112 ? -11.147 -9.414  -0.442  1.00 20.80 ? 203 PHE A C     1 
ATOM   692  O  O     . PHE A 1 112 ? -10.986 -8.879  -1.560  1.00 19.74 ? 203 PHE A O     1 
ATOM   693  C  CB    . PHE A 1 112 ? -9.666  -11.301 0.437   1.00 16.74 ? 203 PHE A CB    1 
ATOM   694  C  CG    . PHE A 1 112 ? -9.300  -11.860 -0.912  1.00 19.25 ? 203 PHE A CG    1 
ATOM   695  C  CD1   . PHE A 1 112 ? -8.162  -11.430 -1.582  1.00 15.98 ? 203 PHE A CD1   1 
ATOM   696  C  CD2   . PHE A 1 112 ? -10.062 -12.896 -1.496  1.00 16.35 ? 203 PHE A CD2   1 
ATOM   697  C  CE1   . PHE A 1 112 ? -7.812  -11.970 -2.843  1.00 22.32 ? 203 PHE A CE1   1 
ATOM   698  C  CE2   . PHE A 1 112 ? -9.719  -13.433 -2.719  1.00 16.49 ? 203 PHE A CE2   1 
ATOM   699  C  CZ    . PHE A 1 112 ? -8.588  -12.996 -3.396  1.00 18.39 ? 203 PHE A CZ    1 
ATOM   700  N  N     . SER A 1 113 ? -12.342 -9.720  0.058   1.00 19.63 ? 204 SER A N     1 
ATOM   701  C  CA    . SER A 1 113 ? -13.587 -9.467  -0.673  1.00 21.03 ? 204 SER A CA    1 
ATOM   702  C  C     . SER A 1 113 ? -13.777 -7.997  -1.070  1.00 19.23 ? 204 SER A C     1 
ATOM   703  O  O     . SER A 1 113 ? -14.411 -7.696  -2.099  1.00 23.01 ? 204 SER A O     1 
ATOM   704  C  CB    . SER A 1 113 ? -14.758 -9.978  0.163   1.00 21.59 ? 204 SER A CB    1 
ATOM   705  O  OG    . SER A 1 113 ? -14.697 -11.406 0.186   1.00 24.96 ? 204 SER A OG    1 
ATOM   706  N  N     . LYS A 1 114 ? -13.223 -7.097  -0.275  1.00 22.98 ? 205 LYS A N     1 
ATOM   707  C  CA    . LYS A 1 114 ? -13.322 -5.651  -0.558  1.00 21.62 ? 205 LYS A CA    1 
ATOM   708  C  C     . LYS A 1 114 ? -12.269 -5.061  -1.470  1.00 18.67 ? 205 LYS A C     1 
ATOM   709  O  O     . LYS A 1 114 ? -12.366 -3.902  -1.811  1.00 17.29 ? 205 LYS A O     1 
ATOM   710  C  CB    . LYS A 1 114 ? -13.356 -4.884  0.739   1.00 23.90 ? 205 LYS A CB    1 
ATOM   711  C  CG    . LYS A 1 114 ? -14.645 -5.130  1.476   1.00 28.87 ? 205 LYS A CG    1 
ATOM   712  C  CD    . LYS A 1 114 ? -14.937 -4.109  2.504   1.00 31.25 ? 205 LYS A CD    1 
ATOM   713  C  CE    . LYS A 1 114 ? -16.464 -3.906  2.629   1.00 31.57 ? 205 LYS A CE    1 
ATOM   714  N  NZ    . LYS A 1 114 ? -17.034 -3.312  1.364   1.00 34.35 ? 205 LYS A NZ    1 
ATOM   715  N  N     . VAL A 1 115 ? -11.306 -5.870  -1.893  1.00 19.43 ? 206 VAL A N     1 
ATOM   716  C  CA    . VAL A 1 115 ? -10.223 -5.439  -2.779  1.00 19.73 ? 206 VAL A CA    1 
ATOM   717  C  C     . VAL A 1 115 ? -10.725 -4.840  -4.128  1.00 22.41 ? 206 VAL A C     1 
ATOM   718  O  O     . VAL A 1 115 ? -10.294 -3.760  -4.505  1.00 24.85 ? 206 VAL A O     1 
ATOM   719  C  CB    . VAL A 1 115 ? -9.201  -6.591  -2.985  1.00 19.69 ? 206 VAL A CB    1 
ATOM   720  C  CG1   . VAL A 1 115 ? -8.289  -6.363  -4.195  1.00 17.80 ? 206 VAL A CG1   1 
ATOM   721  C  CG2   . VAL A 1 115 ? -8.367  -6.778  -1.721  1.00 22.41 ? 206 VAL A CG2   1 
ATOM   722  N  N     . PRO A 1 116 ? -11.641 -5.531  -4.836  1.00 22.28 ? 207 PRO A N     1 
ATOM   723  C  CA    . PRO A 1 116 ? -12.096 -5.002  -6.120  1.00 22.54 ? 207 PRO A CA    1 
ATOM   724  C  C     . PRO A 1 116 ? -12.816 -3.642  -5.987  1.00 21.62 ? 207 PRO A C     1 
ATOM   725  O  O     . PRO A 1 116 ? -12.604 -2.746  -6.807  1.00 19.21 ? 207 PRO A O     1 
ATOM   726  C  CB    . PRO A 1 116 ? -13.060 -6.090  -6.630  1.00 25.79 ? 207 PRO A CB    1 
ATOM   727  C  CG    . PRO A 1 116 ? -12.736 -7.331  -5.810  1.00 25.83 ? 207 PRO A CG    1 
ATOM   728  C  CD    . PRO A 1 116 ? -12.281 -6.816  -4.499  1.00 24.66 ? 207 PRO A CD    1 
ATOM   729  N  N     . GLU A 1 117 ? -13.657 -3.486  -4.967  1.00 23.10 ? 208 GLU A N     1 
ATOM   730  C  CA    . GLU A 1 117 ? -14.363 -2.228  -4.765  1.00 24.10 ? 208 GLU A CA    1 
ATOM   731  C  C     . GLU A 1 117 ? -13.371 -1.106  -4.458  1.00 20.88 ? 208 GLU A C     1 
ATOM   732  O  O     . GLU A 1 117 ? -13.487 0.000   -4.976  1.00 19.87 ? 208 GLU A O     1 
ATOM   733  C  CB    . GLU A 1 117 ? -15.368 -2.300  -3.594  1.00 26.03 ? 208 GLU A CB    1 
ATOM   734  C  CG    . GLU A 1 117 ? -16.064 -0.958  -3.394  1.00 32.82 ? 208 GLU A CG    1 
ATOM   735  C  CD    . GLU A 1 117 ? -16.991 -0.934  -2.224  1.00 35.30 ? 208 GLU A CD    1 
ATOM   736  O  OE1   . GLU A 1 117 ? -16.557 -1.315  -1.103  1.00 36.80 ? 208 GLU A OE1   1 
ATOM   737  O  OE2   . GLU A 1 117 ? -18.159 -0.519  -2.430  1.00 43.78 ? 208 GLU A OE2   1 
ATOM   738  N  N     . THR A 1 118 ? -12.427 -1.387  -3.561  1.00 19.82 ? 209 THR A N     1 
ATOM   739  C  CA    . THR A 1 118 ? -11.389 -0.395  -3.208  1.00 16.81 ? 209 THR A CA    1 
ATOM   740  C  C     . THR A 1 118 ? -10.587 -0.008  -4.453  1.00 17.74 ? 209 THR A C     1 
ATOM   741  O  O     . THR A 1 118 ? -10.347 1.199   -4.702  1.00 17.39 ? 209 THR A O     1 
ATOM   742  C  CB    . THR A 1 118 ? -10.479 -0.900  -2.109  1.00 18.52 ? 209 THR A CB    1 
ATOM   743  O  OG1   . THR A 1 118 ? -11.257 -1.140  -0.926  1.00 19.08 ? 209 THR A OG1   1 
ATOM   744  C  CG2   . THR A 1 118 ? -9.337  0.122   -1.796  1.00 19.43 ? 209 THR A CG2   1 
ATOM   745  N  N     . LEU A 1 119 ? -10.204 -0.998  -5.245  1.00 17.56 ? 210 LEU A N     1 
ATOM   746  C  CA    . LEU A 1 119 ? -9.419  -0.746  -6.456  1.00 19.61 ? 210 LEU A CA    1 
ATOM   747  C  C     . LEU A 1 119 ? -10.226 0.085   -7.433  1.00 18.56 ? 210 LEU A C     1 
ATOM   748  O  O     . LEU A 1 119 ? -9.751  1.089   -7.964  1.00 20.20 ? 210 LEU A O     1 
ATOM   749  C  CB    . LEU A 1 119 ? -8.933  -2.044  -7.109  1.00 20.44 ? 210 LEU A CB    1 
ATOM   750  C  CG    . LEU A 1 119 ? -8.169  -1.934  -8.437  1.00 18.62 ? 210 LEU A CG    1 
ATOM   751  C  CD1   . LEU A 1 119 ? -6.951  -0.983  -8.352  1.00 17.19 ? 210 LEU A CD1   1 
ATOM   752  C  CD2   . LEU A 1 119 ? -7.720  -3.295  -8.964  1.00 22.62 ? 210 LEU A CD2   1 
ATOM   753  N  N     . LEU A 1 120 ? -11.470 -0.305  -7.663  1.00 18.44 ? 211 LEU A N     1 
ATOM   754  C  CA    . LEU A 1 120 ? -12.324 0.493   -8.553  1.00 22.89 ? 211 LEU A CA    1 
ATOM   755  C  C     . LEU A 1 120 ? -12.572 1.936   -8.090  1.00 23.45 ? 211 LEU A C     1 
ATOM   756  O  O     . LEU A 1 120 ? -12.616 2.837   -8.919  1.00 19.63 ? 211 LEU A O     1 
ATOM   757  C  CB    . LEU A 1 120 ? -13.655 -0.229  -8.805  1.00 22.71 ? 211 LEU A CB    1 
ATOM   758  C  CG    . LEU A 1 120 ? -14.642 0.530   -9.706  1.00 26.73 ? 211 LEU A CG    1 
ATOM   759  C  CD1   . LEU A 1 120 ? -14.004 0.877   -11.102 1.00 29.17 ? 211 LEU A CD1   1 
ATOM   760  C  CD2   . LEU A 1 120 ? -15.897 -0.261  -9.838  1.00 27.99 ? 211 LEU A CD2   1 
ATOM   761  N  N     . ARG A 1 121 ? -12.756 2.174   -6.785  1.00 18.95 ? 212 ARG A N     1 
ATOM   762  C  CA    . ARG A 1 121 ? -12.872 3.544   -6.263  1.00 22.12 ? 212 ARG A CA    1 
ATOM   763  C  C     . ARG A 1 121 ? -11.638 4.374   -6.575  1.00 21.56 ? 212 ARG A C     1 
ATOM   764  O  O     . ARG A 1 121 ? -11.751 5.522   -7.001  1.00 23.10 ? 212 ARG A O     1 
ATOM   765  C  CB    . ARG A 1 121 ? -13.060 3.584   -4.750  1.00 21.50 ? 212 ARG A CB    1 
ATOM   766  C  CG    . ARG A 1 121 ? -14.386 3.126   -4.201  1.00 26.08 ? 212 ARG A CG    1 
ATOM   767  C  CD    . ARG A 1 121 ? -14.225 2.794   -2.688  1.00 27.69 ? 212 ARG A CD    1 
ATOM   768  N  NE    . ARG A 1 121 ? -13.966 3.976   -1.850  1.00 30.63 ? 212 ARG A NE    1 
ATOM   769  C  CZ    . ARG A 1 121 ? -13.634 3.931   -0.557  1.00 24.78 ? 212 ARG A CZ    1 
ATOM   770  N  NH1   . ARG A 1 121 ? -13.486 2.784   0.048   1.00 28.73 ? 212 ARG A NH1   1 
ATOM   771  N  NH2   . ARG A 1 121 ? -13.466 5.040   0.132   1.00 25.42 ? 212 ARG A NH2   1 
ATOM   772  N  N     . LEU A 1 122 ? -10.450 3.804   -6.326  1.00 17.99 ? 213 LEU A N     1 
ATOM   773  C  CA    . LEU A 1 122 ? -9.203  4.491   -6.644  1.00 18.44 ? 213 LEU A CA    1 
ATOM   774  C  C     . LEU A 1 122 ? -9.120  4.812   -8.137  1.00 16.44 ? 213 LEU A C     1 
ATOM   775  O  O     . LEU A 1 122 ? -8.869  5.978   -8.534  1.00 19.29 ? 213 LEU A O     1 
ATOM   776  C  CB    . LEU A 1 122 ? -7.974  3.680   -6.210  1.00 17.35 ? 213 LEU A CB    1 
ATOM   777  C  CG    . LEU A 1 122 ? -7.774  3.362   -4.718  1.00 19.16 ? 213 LEU A CG    1 
ATOM   778  C  CD1   . LEU A 1 122 ? -6.536  2.443   -4.533  1.00 20.46 ? 213 LEU A CD1   1 
ATOM   779  C  CD2   . LEU A 1 122 ? -7.711  4.634   -3.887  1.00 22.09 ? 213 LEU A CD2   1 
ATOM   780  N  N     . ARG A 1 123 ? -9.293  3.785   -8.977  1.00 17.88 ? 214 ARG A N     1 
ATOM   781  C  CA    . ARG A 1 123 ? -9.236  3.973   -10.429 1.00 19.72 ? 214 ARG A CA    1 
ATOM   782  C  C     . ARG A 1 123 ? -10.266 4.994   -10.943 1.00 21.09 ? 214 ARG A C     1 
ATOM   783  O  O     . ARG A 1 123 ? -9.905  5.903   -11.719 1.00 17.42 ? 214 ARG A O     1 
ATOM   784  C  CB    . ARG A 1 123 ? -9.399  2.639   -11.156 1.00 20.60 ? 214 ARG A CB    1 
ATOM   785  C  CG    . ARG A 1 123 ? -8.186  1.758   -10.995 1.00 21.36 ? 214 ARG A CG    1 
ATOM   786  C  CD    . ARG A 1 123 ? -8.374  0.416   -11.649 1.00 24.79 ? 214 ARG A CD    1 
ATOM   787  N  NE    . ARG A 1 123 ? -7.091  -0.313  -11.757 1.00 25.93 ? 214 ARG A NE    1 
ATOM   788  C  CZ    . ARG A 1 123 ? -6.978  -1.582  -12.165 1.00 27.25 ? 214 ARG A CZ    1 
ATOM   789  N  NH1   . ARG A 1 123 ? -8.059  -2.304  -12.487 1.00 26.74 ? 214 ARG A NH1   1 
ATOM   790  N  NH2   . ARG A 1 123 ? -5.770  -2.143  -12.221 1.00 29.87 ? 214 ARG A NH2   1 
ATOM   791  N  N     . ALA A 1 124 ? -11.521 4.847   -10.505 1.00 21.94 ? 215 ALA A N     1 
ATOM   792  C  CA    . ALA A 1 124 ? -12.604 5.736   -10.919 1.00 22.63 ? 215 ALA A CA    1 
ATOM   793  C  C     . ALA A 1 124 ? -12.427 7.153   -10.394 1.00 23.65 ? 215 ALA A C     1 
ATOM   794  O  O     . ALA A 1 124 ? -12.858 8.103   -11.027 1.00 23.09 ? 215 ALA A O     1 
ATOM   795  C  CB    . ALA A 1 124 ? -13.965 5.167   -10.483 1.00 21.22 ? 215 ALA A CB    1 
ATOM   796  N  N     . GLY A 1 125 ? -11.806 7.297   -9.224  1.00 23.53 ? 216 GLY A N     1 
ATOM   797  C  CA    . GLY A 1 125 ? -11.548 8.580   -8.643  1.00 25.16 ? 216 GLY A CA    1 
ATOM   798  C  C     . GLY A 1 125 ? -10.437 9.383   -9.294  1.00 26.55 ? 216 GLY A C     1 
ATOM   799  O  O     . GLY A 1 125 ? -10.316 10.562  -9.010  1.00 31.52 ? 216 GLY A O     1 
ATOM   800  N  N     . ARG A 1 126 ? -9.591  8.749   -10.115 1.00 27.71 ? 217 ARG A N     1 
ATOM   801  C  CA    . ARG A 1 126 ? -8.493  9.445   -10.838 1.00 31.69 ? 217 ARG A CA    1 
ATOM   802  C  C     . ARG A 1 126 ? -8.617  9.018   -12.289 1.00 32.16 ? 217 ARG A C     1 
ATOM   803  O  O     . ARG A 1 126 ? -7.782  8.268   -12.775 1.00 34.28 ? 217 ARG A O     1 
ATOM   804  C  CB    . ARG A 1 126 ? -7.098  9.039   -10.327 1.00 34.78 ? 217 ARG A CB    1 
ATOM   805  C  CG    . ARG A 1 126 ? -6.730  9.482   -8.904  1.00 38.62 ? 217 ARG A CG    1 
ATOM   806  C  CD    . ARG A 1 126 ? -5.803  10.700  -8.878  1.00 40.50 ? 217 ARG A CD    1 
ATOM   807  N  NE    . ARG A 1 126 ? -4.498  10.466  -9.514  1.00 40.02 ? 217 ARG A NE    1 
ATOM   808  C  CZ    . ARG A 1 126 ? -3.365  10.079  -8.902  1.00 41.10 ? 217 ARG A CZ    1 
ATOM   809  N  NH1   . ARG A 1 126 ? -3.314  9.845   -7.597  1.00 37.34 ? 217 ARG A NH1   1 
ATOM   810  N  NH2   . ARG A 1 126 ? -2.252  9.918   -9.622  1.00 42.29 ? 217 ARG A NH2   1 
ATOM   811  N  N     . PRO A 1 127 ? -9.690  9.459   -12.968 1.00 34.49 ? 218 PRO A N     1 
ATOM   812  C  CA    . PRO A 1 127 ? -10.048 8.876   -14.257 1.00 36.32 ? 218 PRO A CA    1 
ATOM   813  C  C     . PRO A 1 127 ? -9.081  9.236   -15.389 1.00 41.24 ? 218 PRO A C     1 
ATOM   814  O  O     . PRO A 1 127 ? -9.044  8.550   -16.403 1.00 41.46 ? 218 PRO A O     1 
ATOM   815  C  CB    . PRO A 1 127 ? -11.441 9.454   -14.531 1.00 35.69 ? 218 PRO A CB    1 
ATOM   816  C  CG    . PRO A 1 127 ? -11.512 10.701  -13.744 1.00 35.47 ? 218 PRO A CG    1 
ATOM   817  C  CD    . PRO A 1 127 ? -10.616 10.532  -12.561 1.00 34.43 ? 218 PRO A CD    1 
ATOM   818  N  N     . HIS A 1 128 ? -8.304  10.293  -15.197 1.00 43.83 ? 219 HIS A N     1 
ATOM   819  C  CA    . HIS A 1 128 ? -7.349  10.743  -16.197 1.00 48.14 ? 219 HIS A CA    1 
ATOM   820  C  C     . HIS A 1 128 ? -5.972  10.086  -16.025 1.00 48.24 ? 219 HIS A C     1 
ATOM   821  O  O     . HIS A 1 128 ? -5.109  10.220  -16.905 1.00 48.82 ? 219 HIS A O     1 
ATOM   822  C  CB    . HIS A 1 128 ? -7.221  12.270  -16.119 1.00 50.94 ? 219 HIS A CB    1 
ATOM   823  C  CG    . HIS A 1 128 ? -8.537  12.973  -15.997 1.00 51.90 ? 219 HIS A CG    1 
ATOM   824  N  ND1   . HIS A 1 128 ? -9.628  12.645  -16.773 1.00 52.24 ? 219 HIS A ND1   1 
ATOM   825  C  CD2   . HIS A 1 128 ? -8.943  13.974  -15.178 1.00 54.32 ? 219 HIS A CD2   1 
ATOM   826  C  CE1   . HIS A 1 128 ? -10.644 13.426  -16.454 1.00 53.56 ? 219 HIS A CE1   1 
ATOM   827  N  NE2   . HIS A 1 128 ? -10.257 14.239  -15.483 1.00 54.27 ? 219 HIS A NE2   1 
ATOM   828  N  N     . HIS A 1 129 ? -5.774  9.381   -14.903 1.00 45.41 ? 220 HIS A N     1 
ATOM   829  C  CA    . HIS A 1 129 ? -4.476  8.776   -14.565 1.00 44.40 ? 220 HIS A CA    1 
ATOM   830  C  C     . HIS A 1 129 ? -4.515  7.250   -14.641 1.00 40.70 ? 220 HIS A C     1 
ATOM   831  O  O     . HIS A 1 129 ? -5.534  6.631   -14.328 1.00 39.68 ? 220 HIS A O     1 
ATOM   832  C  CB    . HIS A 1 129 ? -4.078  9.143   -13.137 1.00 46.30 ? 220 HIS A CB    1 
ATOM   833  C  CG    . HIS A 1 129 ? -3.758  10.592  -12.933 1.00 48.81 ? 220 HIS A CG    1 
ATOM   834  N  ND1   . HIS A 1 129 ? -2.484  11.035  -12.638 1.00 50.88 ? 220 HIS A ND1   1 
ATOM   835  C  CD2   . HIS A 1 129 ? -4.549  11.692  -12.933 1.00 50.37 ? 220 HIS A CD2   1 
ATOM   836  C  CE1   . HIS A 1 129 ? -2.504  12.347  -12.483 1.00 51.54 ? 220 HIS A CE1   1 
ATOM   837  N  NE2   . HIS A 1 129 ? -3.746  12.769  -12.655 1.00 51.48 ? 220 HIS A NE2   1 
ATOM   838  N  N     . ASP A 1 130 ? -3.398  6.642   -15.035 1.00 35.66 ? 221 ASP A N     1 
ATOM   839  C  CA    . ASP A 1 130 ? -3.229  5.199   -14.892 1.00 33.66 ? 221 ASP A CA    1 
ATOM   840  C  C     . ASP A 1 130 ? -2.553  4.990   -13.550 1.00 34.02 ? 221 ASP A C     1 
ATOM   841  O  O     . ASP A 1 130 ? -1.375  5.333   -13.393 1.00 35.67 ? 221 ASP A O     1 
ATOM   842  C  CB    . ASP A 1 130 ? -2.367  4.623   -16.016 1.00 36.03 ? 221 ASP A CB    1 
ATOM   843  C  CG    . ASP A 1 130 ? -2.196  3.073   -15.922 1.00 38.73 ? 221 ASP A CG    1 
ATOM   844  O  OD1   . ASP A 1 130 ? -2.836  2.435   -15.051 1.00 38.32 ? 221 ASP A OD1   1 
ATOM   845  O  OD2   . ASP A 1 130 ? -1.429  2.498   -16.721 1.00 38.39 ? 221 ASP A OD2   1 
ATOM   846  N  N     . LEU A 1 131 ? -3.289  4.415   -12.601 1.00 28.85 ? 222 LEU A N     1 
ATOM   847  C  CA    . LEU A 1 131 ? -2.845  4.303   -11.221 1.00 28.03 ? 222 LEU A CA    1 
ATOM   848  C  C     . LEU A 1 131 ? -1.978  3.076   -10.937 1.00 24.17 ? 222 LEU A C     1 
ATOM   849  O  O     . LEU A 1 131 ? -2.471  1.929   -11.008 1.00 21.30 ? 222 LEU A O     1 
ATOM   850  C  CB    . LEU A 1 131 ? -4.040  4.263   -10.274 1.00 28.03 ? 222 LEU A CB    1 
ATOM   851  C  CG    . LEU A 1 131 ? -4.839  5.559   -10.089 1.00 29.97 ? 222 LEU A CG    1 
ATOM   852  C  CD1   . LEU A 1 131 ? -5.670  5.403   -8.839  1.00 28.21 ? 222 LEU A CD1   1 
ATOM   853  C  CD2   . LEU A 1 131 ? -3.957  6.840   -10.007 1.00 28.89 ? 222 LEU A CD2   1 
ATOM   854  N  N     . PRO A 1 132 ? -0.709  3.310   -10.593 1.00 21.44 ? 223 PRO A N     1 
ATOM   855  C  CA    . PRO A 1 132 ? 0.141   2.190   -10.214 1.00 23.61 ? 223 PRO A CA    1 
ATOM   856  C  C     . PRO A 1 132 ? -0.357  1.561   -8.912  1.00 18.10 ? 223 PRO A C     1 
ATOM   857  O  O     . PRO A 1 132 ? -0.578  2.273   -7.919  1.00 16.04 ? 223 PRO A O     1 
ATOM   858  C  CB    . PRO A 1 132 ? 1.533   2.843   -10.021 1.00 25.80 ? 223 PRO A CB    1 
ATOM   859  C  CG    . PRO A 1 132 ? 1.460   4.107   -10.703 1.00 25.26 ? 223 PRO A CG    1 
ATOM   860  C  CD    . PRO A 1 132 ? 0.038   4.567   -10.538 1.00 26.43 ? 223 PRO A CD    1 
ATOM   861  N  N     . VAL A 1 133 ? -0.577  0.240   -8.938  1.00 19.71 ? 224 VAL A N     1 
ATOM   862  C  CA    . VAL A 1 133 ? -1.138  -0.474  -7.781  1.00 20.64 ? 224 VAL A CA    1 
ATOM   863  C  C     . VAL A 1 133 ? -0.409  -1.808  -7.558  1.00 19.16 ? 224 VAL A C     1 
ATOM   864  O  O     . VAL A 1 133 ? 0.025   -2.449  -8.516  1.00 24.57 ? 224 VAL A O     1 
ATOM   865  C  CB    . VAL A 1 133 ? -2.669  -0.727  -7.954  1.00 21.43 ? 224 VAL A CB    1 
ATOM   866  C  CG1   . VAL A 1 133 ? -3.271  -1.441  -6.758  1.00 24.69 ? 224 VAL A CG1   1 
ATOM   867  C  CG2   . VAL A 1 133 ? -3.424  0.579   -8.180  1.00 22.50 ? 224 VAL A CG2   1 
ATOM   868  N  N     . ILE A 1 134 ? -0.279  -2.204  -6.294  1.00 19.53 ? 225 ILE A N     1 
ATOM   869  C  CA    . ILE A 1 134 ? 0.082   -3.574  -5.940  1.00 17.89 ? 225 ILE A CA    1 
ATOM   870  C  C     . ILE A 1 134 ? -0.959  -4.109  -4.943  1.00 16.65 ? 225 ILE A C     1 
ATOM   871  O  O     . ILE A 1 134 ? -1.338  -3.416  -3.981  1.00 15.51 ? 225 ILE A O     1 
ATOM   872  C  CB    . ILE A 1 134 ? 1.511   -3.697  -5.307  1.00 19.78 ? 225 ILE A CB    1 
ATOM   873  C  CG1   . ILE A 1 134 ? 2.592   -3.063  -6.210  1.00 19.82 ? 225 ILE A CG1   1 
ATOM   874  C  CG2   . ILE A 1 134 ? 1.835   -5.167  -5.040  1.00 17.49 ? 225 ILE A CG2   1 
ATOM   875  C  CD1   . ILE A 1 134 ? 4.063   -3.090  -5.622  1.00 16.63 ? 225 ILE A CD1   1 
ATOM   876  N  N     . LEU A 1 135 ? -1.410  -5.343  -5.179  1.00 16.79 ? 226 LEU A N     1 
ATOM   877  C  CA    . LEU A 1 135 ? -2.271  -6.072  -4.219  1.00 18.43 ? 226 LEU A CA    1 
ATOM   878  C  C     . LEU A 1 135 ? -1.388  -6.842  -3.268  1.00 16.54 ? 226 LEU A C     1 
ATOM   879  O  O     . LEU A 1 135 ? -0.601  -7.694  -3.690  1.00 18.24 ? 226 LEU A O     1 
ATOM   880  C  CB    . LEU A 1 135 ? -3.217  -7.011  -4.971  1.00 19.96 ? 226 LEU A CB    1 
ATOM   881  C  CG    . LEU A 1 135 ? -4.274  -7.737  -4.153  1.00 24.63 ? 226 LEU A CG    1 
ATOM   882  C  CD1   . LEU A 1 135 ? -5.096  -6.731  -3.308  1.00 24.77 ? 226 LEU A CD1   1 
ATOM   883  C  CD2   . LEU A 1 135 ? -5.211  -8.634  -5.055  1.00 23.91 ? 226 LEU A CD2   1 
ATOM   884  N  N     . VAL A 1 136 ? -1.536  -6.534  -1.978  1.00 15.78 ? 227 VAL A N     1 
ATOM   885  C  CA    . VAL A 1 136 ? -0.688  -7.090  -0.927  1.00 16.71 ? 227 VAL A CA    1 
ATOM   886  C  C     . VAL A 1 136 ? -1.504  -7.993  -0.003  1.00 16.88 ? 227 VAL A C     1 
ATOM   887  O  O     . VAL A 1 136 ? -2.438  -7.548  0.676   1.00 17.50 ? 227 VAL A O     1 
ATOM   888  C  CB    . VAL A 1 136 ? -0.003  -6.016  -0.119  1.00 15.02 ? 227 VAL A CB    1 
ATOM   889  C  CG1   . VAL A 1 136 ? 0.962   -6.680  0.889   1.00 16.69 ? 227 VAL A CG1   1 
ATOM   890  C  CG2   . VAL A 1 136 ? 0.768   -5.049  -1.040  1.00 15.13 ? 227 VAL A CG2   1 
ATOM   891  N  N     . GLY A 1 137 ? -1.156  -9.273  -0.002  1.00 17.29 ? 228 GLY A N     1 
ATOM   892  C  CA    . GLY A 1 137 ? -1.722  -10.255 0.925   1.00 16.03 ? 228 GLY A CA    1 
ATOM   893  C  C     . GLY A 1 137 ? -0.830  -10.357 2.140   1.00 15.15 ? 228 GLY A C     1 
ATOM   894  O  O     . GLY A 1 137 ? 0.199   -11.045 2.111   1.00 14.66 ? 228 GLY A O     1 
ATOM   895  N  N     . ASN A 1 138 ? -1.176  -9.641  3.214   1.00 18.35 ? 229 ASN A N     1 
ATOM   896  C  CA    . ASN A 1 138 ? -0.303  -9.576  4.392   1.00 18.55 ? 229 ASN A CA    1 
ATOM   897  C  C     . ASN A 1 138 ? -0.641  -10.692 5.423   1.00 21.46 ? 229 ASN A C     1 
ATOM   898  O  O     . ASN A 1 138 ? -1.648  -11.370 5.300   1.00 19.08 ? 229 ASN A O     1 
ATOM   899  C  CB    . ASN A 1 138 ? -0.385  -8.180  5.034   1.00 18.33 ? 229 ASN A CB    1 
ATOM   900  C  CG    . ASN A 1 138 ? 0.650   -7.955  6.138   1.00 16.72 ? 229 ASN A CG    1 
ATOM   901  O  OD1   . ASN A 1 138 ? 1.847   -8.255  5.981   1.00 16.13 ? 229 ASN A OD1   1 
ATOM   902  N  ND2   . ASN A 1 138 ? 0.179   -7.455  7.284   1.00 16.24 ? 229 ASN A ND2   1 
ATOM   903  N  N     . LYS A 1 139 ? 0.237   -10.861 6.412   1.00 19.72 ? 230 LYS A N     1 
ATOM   904  C  CA    . LYS A 1 139 ? 0.120   -11.863 7.531   1.00 21.34 ? 230 LYS A CA    1 
ATOM   905  C  C     . LYS A 1 139 ? 0.336   -13.280 7.066   1.00 22.91 ? 230 LYS A C     1 
ATOM   906  O  O     . LYS A 1 139 ? -0.235  -14.229 7.646   1.00 21.15 ? 230 LYS A O     1 
ATOM   907  C  CB    . LYS A 1 139 ? -1.202  -11.755 8.331   1.00 20.41 ? 230 LYS A CB    1 
ATOM   908  C  CG    . LYS A 1 139 ? -1.562  -10.375 8.738   1.00 20.16 ? 230 LYS A CG    1 
ATOM   909  C  CD    . LYS A 1 139 ? -2.468  -10.348 9.969   1.00 21.14 ? 230 LYS A CD    1 
ATOM   910  C  CE    . LYS A 1 139 ? -2.987  -8.952  10.247  1.00 20.24 ? 230 LYS A CE    1 
ATOM   911  N  NZ    . LYS A 1 139 ? -4.023  -8.882  11.361  1.00 16.93 ? 230 LYS A NZ    1 
ATOM   912  N  N     . SER A 1 140 ? 1.174   -13.428 6.041   1.00 21.54 ? 231 SER A N     1 
ATOM   913  C  CA    . SER A 1 140 ? 1.511   -14.731 5.484   1.00 23.07 ? 231 SER A CA    1 
ATOM   914  C  C     . SER A 1 140 ? 2.148   -15.688 6.513   1.00 23.63 ? 231 SER A C     1 
ATOM   915  O  O     . SER A 1 140 ? 2.172   -16.865 6.282   1.00 22.57 ? 231 SER A O     1 
ATOM   916  C  CB    . SER A 1 140 ? 2.470   -14.590 4.324   1.00 20.73 ? 231 SER A CB    1 
ATOM   917  O  OG    . SER A 1 140 ? 3.746   -14.156 4.776   1.00 21.74 ? 231 SER A OG    1 
ATOM   918  N  N     . ASP A 1 141 ? 2.697   -15.165 7.597   1.00 25.81 ? 232 ASP A N     1 
ATOM   919  C  CA    . ASP A 1 141 ? 3.274   -16.023 8.643   1.00 27.81 ? 232 ASP A CA    1 
ATOM   920  C  C     . ASP A 1 141 ? 2.213   -16.785 9.461   1.00 29.07 ? 232 ASP A C     1 
ATOM   921  O  O     . ASP A 1 141 ? 2.539   -17.812 10.084  1.00 28.12 ? 232 ASP A O     1 
ATOM   922  C  CB    . ASP A 1 141 ? 4.165   -15.212 9.571   1.00 25.98 ? 232 ASP A CB    1 
ATOM   923  C  CG    . ASP A 1 141 ? 3.405   -14.096 10.293  1.00 27.69 ? 232 ASP A CG    1 
ATOM   924  O  OD1   . ASP A 1 141 ? 3.017   -13.127 9.609   1.00 24.66 ? 232 ASP A OD1   1 
ATOM   925  O  OD2   . ASP A 1 141 ? 3.209   -14.173 11.531  1.00 26.05 ? 232 ASP A OD2   1 
ATOM   926  N  N     . LEU A 1 142 ? 0.965   -16.299 9.455   1.00 25.39 ? 233 LEU A N     1 
ATOM   927  C  CA    . LEU A 1 142 ? -0.114  -16.867 10.288  1.00 28.95 ? 233 LEU A CA    1 
ATOM   928  C  C     . LEU A 1 142 ? -0.797  -18.036 9.585   1.00 30.11 ? 233 LEU A C     1 
ATOM   929  O  O     . LEU A 1 142 ? -1.972  -17.964 9.194   1.00 30.77 ? 233 LEU A O     1 
ATOM   930  C  CB    . LEU A 1 142 ? -1.129  -15.767 10.692  1.00 28.66 ? 233 LEU A CB    1 
ATOM   931  C  CG    . LEU A 1 142 ? -0.632  -14.720 11.710  1.00 29.10 ? 233 LEU A CG    1 
ATOM   932  C  CD1   . LEU A 1 142 ? -1.754  -13.753 12.144  1.00 26.11 ? 233 LEU A CD1   1 
ATOM   933  C  CD2   . LEU A 1 142 ? 0.039   -15.326 12.932  1.00 31.84 ? 233 LEU A CD2   1 
ATOM   934  N  N     . ALA A 1 143 ? -0.047  -19.129 9.450   1.00 31.35 ? 234 ALA A N     1 
ATOM   935  C  CA    . ALA A 1 143 ? -0.479  -20.311 8.694   1.00 34.04 ? 234 ALA A CA    1 
ATOM   936  C  C     . ALA A 1 143 ? -1.763  -20.929 9.259   1.00 32.97 ? 234 ALA A C     1 
ATOM   937  O  O     . ALA A 1 143 ? -2.628  -21.339 8.501   1.00 36.58 ? 234 ALA A O     1 
ATOM   938  C  CB    . ALA A 1 143 ? 0.642   -21.356 8.664   1.00 35.54 ? 234 ALA A CB    1 
ATOM   939  N  N     . ARG A 1 144 ? -1.877  -20.962 10.584  1.00 36.37 ? 235 ARG A N     1 
ATOM   940  C  CA    . ARG A 1 144 ? -3.048  -21.566 11.262  1.00 37.38 ? 235 ARG A CA    1 
ATOM   941  C  C     . ARG A 1 144 ? -4.319  -20.787 10.950  1.00 39.47 ? 235 ARG A C     1 
ATOM   942  O  O     . ARG A 1 144 ? -5.387  -21.378 10.758  1.00 40.53 ? 235 ARG A O     1 
ATOM   943  C  CB    . ARG A 1 144 ? -2.837  -21.605 12.784  1.00 35.54 ? 235 ARG A CB    1 
ATOM   944  N  N     . SER A 1 145 ? -4.189  -19.460 10.873  1.00 36.25 ? 236 SER A N     1 
ATOM   945  C  CA    . SER A 1 145 ? -5.338  -18.563 10.678  1.00 35.34 ? 236 SER A CA    1 
ATOM   946  C  C     . SER A 1 145 ? -5.678  -18.205 9.197   1.00 31.92 ? 236 SER A C     1 
ATOM   947  O  O     . SER A 1 145 ? -6.645  -17.486 8.955   1.00 28.39 ? 236 SER A O     1 
ATOM   948  C  CB    . SER A 1 145 ? -5.128  -17.285 11.498  1.00 37.37 ? 236 SER A CB    1 
ATOM   949  O  OG    . SER A 1 145 ? -5.170  -17.542 12.896  1.00 39.37 ? 236 SER A OG    1 
ATOM   950  N  N     . ARG A 1 146 ? -4.929  -18.739 8.229   1.00 29.31 ? 237 ARG A N     1 
ATOM   951  C  CA    . ARG A 1 146 ? -5.121  -18.374 6.812   1.00 30.90 ? 237 ARG A CA    1 
ATOM   952  C  C     . ARG A 1 146 ? -6.506  -18.736 6.286   1.00 30.49 ? 237 ARG A C     1 
ATOM   953  O  O     . ARG A 1 146 ? -6.969  -19.863 6.453   1.00 30.17 ? 237 ARG A O     1 
ATOM   954  C  CB    . ARG A 1 146 ? -4.056  -19.013 5.917   1.00 27.70 ? 237 ARG A CB    1 
ATOM   955  C  CG    . ARG A 1 146 ? -4.131  -18.573 4.449   1.00 26.89 ? 237 ARG A CG    1 
ATOM   956  C  CD    . ARG A 1 146 ? -3.085  -19.225 3.526   1.00 27.44 ? 237 ARG A CD    1 
ATOM   957  N  NE    . ARG A 1 146 ? -1.751  -18.647 3.660   1.00 26.17 ? 237 ARG A NE    1 
ATOM   958  C  CZ    . ARG A 1 146 ? -1.213  -17.726 2.852   1.00 28.04 ? 237 ARG A CZ    1 
ATOM   959  N  NH1   . ARG A 1 146 ? -1.882  -17.254 1.798   1.00 27.41 ? 237 ARG A NH1   1 
ATOM   960  N  NH2   . ARG A 1 146 ? 0.028   -17.279 3.095   1.00 28.41 ? 237 ARG A NH2   1 
ATOM   961  N  N     . GLU A 1 147 ? -7.138  -17.770 5.628   1.00 27.50 ? 238 GLU A N     1 
ATOM   962  C  CA    . GLU A 1 147 ? -8.452  -17.934 4.992   1.00 27.50 ? 238 GLU A CA    1 
ATOM   963  C  C     . GLU A 1 147 ? -8.426  -17.789 3.480   1.00 28.44 ? 238 GLU A C     1 
ATOM   964  O  O     . GLU A 1 147 ? -9.362  -18.221 2.822   1.00 28.61 ? 238 GLU A O     1 
ATOM   965  C  CB    . GLU A 1 147 ? -9.435  -16.900 5.565   1.00 29.83 ? 238 GLU A CB    1 
ATOM   966  C  CG    . GLU A 1 147 ? -9.785  -17.115 7.026   1.00 31.29 ? 238 GLU A CG    1 
ATOM   967  C  CD    . GLU A 1 147 ? -10.832 -16.147 7.552   1.00 31.86 ? 238 GLU A CD    1 
ATOM   968  O  OE1   . GLU A 1 147 ? -11.311 -15.265 6.793   1.00 27.50 ? 238 GLU A OE1   1 
ATOM   969  O  OE2   . GLU A 1 147 ? -11.157 -16.238 8.755   1.00 30.85 ? 238 GLU A OE2   1 
ATOM   970  N  N     . VAL A 1 148 ? -7.391  -17.133 2.939   1.00 24.05 ? 239 VAL A N     1 
ATOM   971  C  CA    . VAL A 1 148 ? -7.237  -16.890 1.493   1.00 23.03 ? 239 VAL A CA    1 
ATOM   972  C  C     . VAL A 1 148 ? -5.913  -17.444 1.044   1.00 20.99 ? 239 VAL A C     1 
ATOM   973  O  O     . VAL A 1 148 ? -4.873  -17.168 1.677   1.00 20.71 ? 239 VAL A O     1 
ATOM   974  C  CB    . VAL A 1 148 ? -7.198  -15.329 1.159   1.00 21.89 ? 239 VAL A CB    1 
ATOM   975  C  CG1   . VAL A 1 148 ? -7.135  -15.088 -0.357  1.00 19.93 ? 239 VAL A CG1   1 
ATOM   976  C  CG2   . VAL A 1 148 ? -8.351  -14.595 1.816   1.00 20.70 ? 239 VAL A CG2   1 
ATOM   977  N  N     . SER A 1 149 ? -5.916  -18.157 -0.075  1.00 22.93 ? 240 SER A N     1 
ATOM   978  C  CA    . SER A 1 149 ? -4.715  -18.824 -0.561  1.00 23.08 ? 240 SER A CA    1 
ATOM   979  C  C     . SER A 1 149 ? -3.824  -17.908 -1.415  1.00 24.18 ? 240 SER A C     1 
ATOM   980  O  O     . SER A 1 149 ? -4.270  -16.902 -1.944  1.00 20.44 ? 240 SER A O     1 
ATOM   981  C  CB    . SER A 1 149 ? -5.103  -20.096 -1.333  1.00 23.93 ? 240 SER A CB    1 
ATOM   982  O  OG    . SER A 1 149 ? -5.654  -19.800 -2.603  1.00 22.55 ? 240 SER A OG    1 
ATOM   983  N  N     . LEU A 1 150 ? -2.556  -18.300 -1.571  1.00 24.81 ? 241 LEU A N     1 
ATOM   984  C  CA    . LEU A 1 150 ? -1.648  -17.623 -2.487  1.00 23.03 ? 241 LEU A CA    1 
ATOM   985  C  C     . LEU A 1 150 ? -2.240  -17.638 -3.884  1.00 27.54 ? 241 LEU A C     1 
ATOM   986  O  O     . LEU A 1 150 ? -2.173  -16.654 -4.613  1.00 23.71 ? 241 LEU A O     1 
ATOM   987  C  CB    . LEU A 1 150 ? -0.278  -18.329 -2.487  1.00 23.53 ? 241 LEU A CB    1 
ATOM   988  C  CG    . LEU A 1 150 ? 0.820   -17.764 -3.381  1.00 24.77 ? 241 LEU A CG    1 
ATOM   989  C  CD1   . LEU A 1 150 ? 1.228   -16.401 -2.902  1.00 21.39 ? 241 LEU A CD1   1 
ATOM   990  C  CD2   . LEU A 1 150 ? 2.018   -18.682 -3.403  1.00 24.83 ? 241 LEU A CD2   1 
ATOM   991  N  N     . GLU A 1 151 ? -2.827  -18.776 -4.258  1.00 24.66 ? 242 GLU A N     1 
ATOM   992  C  CA    . GLU A 1 151 ? -3.372  -18.954 -5.597  1.00 25.47 ? 242 GLU A CA    1 
ATOM   993  C  C     . GLU A 1 151 ? -4.548  -18.025 -5.857  1.00 22.51 ? 242 GLU A C     1 
ATOM   994  O  O     . GLU A 1 151 ? -4.648  -17.443 -6.931  1.00 19.23 ? 242 GLU A O     1 
ATOM   995  C  CB    . GLU A 1 151 ? -3.820  -20.395 -5.806  1.00 26.65 ? 242 GLU A CB    1 
ATOM   996  C  CG    . GLU A 1 151 ? -2.661  -21.359 -5.898  1.00 32.19 ? 242 GLU A CG    1 
ATOM   997  C  CD    . GLU A 1 151 ? -1.817  -21.393 -4.639  1.00 35.99 ? 242 GLU A CD    1 
ATOM   998  O  OE1   . GLU A 1 151 ? -2.391  -21.461 -3.519  1.00 37.71 ? 242 GLU A OE1   1 
ATOM   999  O  OE2   . GLU A 1 151 ? -0.573  -21.324 -4.767  1.00 43.70 ? 242 GLU A OE2   1 
ATOM   1000 N  N     . GLU A 1 152 ? -5.426  -17.920 -4.869  1.00 21.21 ? 243 GLU A N     1 
ATOM   1001 C  CA    . GLU A 1 152 ? -6.626  -17.096 -4.972  1.00 23.87 ? 243 GLU A CA    1 
ATOM   1002 C  C     . GLU A 1 152 ? -6.264  -15.633 -5.149  1.00 23.41 ? 243 GLU A C     1 
ATOM   1003 O  O     . GLU A 1 152 ? -6.893  -14.903 -5.921  1.00 21.67 ? 243 GLU A O     1 
ATOM   1004 C  CB    . GLU A 1 152 ? -7.423  -17.160 -3.689  1.00 26.57 ? 243 GLU A CB    1 
ATOM   1005 C  CG    . GLU A 1 152 ? -8.285  -18.359 -3.459  1.00 28.73 ? 243 GLU A CG    1 
ATOM   1006 C  CD    . GLU A 1 152 ? -9.069  -18.152 -2.198  1.00 29.73 ? 243 GLU A CD    1 
ATOM   1007 O  OE1   . GLU A 1 152 ? -10.076 -17.428 -2.287  1.00 26.78 ? 243 GLU A OE1   1 
ATOM   1008 O  OE2   . GLU A 1 152 ? -8.655  -18.674 -1.126  1.00 26.36 ? 243 GLU A OE2   1 
ATOM   1009 N  N     . GLY A 1 153 ? -5.295  -15.198 -4.353  1.00 24.17 ? 244 GLY A N     1 
ATOM   1010 C  CA    . GLY A 1 153 ? -4.832  -13.793 -4.368  1.00 22.75 ? 244 GLY A CA    1 
ATOM   1011 C  C     . GLY A 1 153 ? -4.174  -13.486 -5.690  1.00 19.37 ? 244 GLY A C     1 
ATOM   1012 O  O     . GLY A 1 153 ? -4.426  -12.449 -6.290  1.00 20.74 ? 244 GLY A O     1 
ATOM   1013 N  N     . ARG A 1 154 ? -3.345  -14.408 -6.179  1.00 21.86 ? 245 ARG A N     1 
ATOM   1014 C  CA    . ARG A 1 154 ? -2.766  -14.282 -7.524  1.00 24.03 ? 245 ARG A CA    1 
ATOM   1015 C  C     . ARG A 1 154 ? -3.796  -14.245 -8.641  1.00 23.85 ? 245 ARG A C     1 
ATOM   1016 O  O     . ARG A 1 154 ? -3.662  -13.456 -9.592  1.00 23.93 ? 245 ARG A O     1 
ATOM   1017 C  CB    . ARG A 1 154 ? -1.780  -15.411 -7.790  1.00 27.96 ? 245 ARG A CB    1 
ATOM   1018 C  CG    . ARG A 1 154 ? -0.495  -15.246 -7.072  1.00 28.40 ? 245 ARG A CG    1 
ATOM   1019 C  CD    . ARG A 1 154 ? 0.394   -16.457 -7.318  1.00 32.26 ? 245 ARG A CD    1 
ATOM   1020 N  NE    . ARG A 1 154 ? 1.724   -16.253 -6.759  1.00 33.88 ? 245 ARG A NE    1 
ATOM   1021 C  CZ    . ARG A 1 154 ? 2.668   -17.189 -6.710  1.00 35.84 ? 245 ARG A CZ    1 
ATOM   1022 N  NH1   . ARG A 1 154 ? 2.437   -18.403 -7.186  1.00 36.83 ? 245 ARG A NH1   1 
ATOM   1023 N  NH2   . ARG A 1 154 ? 3.854   -16.898 -6.189  1.00 36.69 ? 245 ARG A NH2   1 
ATOM   1024 N  N     . HIS A 1 155 ? -4.817  -15.084 -8.547  1.00 23.58 ? 246 HIS A N     1 
ATOM   1025 C  CA    . HIS A 1 155 ? -5.854  -15.103 -9.552  1.00 21.88 ? 246 HIS A CA    1 
ATOM   1026 C  C     . HIS A 1 155 ? -6.655  -13.792 -9.580  1.00 19.17 ? 246 HIS A C     1 
ATOM   1027 O  O     . HIS A 1 155 ? -6.918  -13.250 -10.648 1.00 19.36 ? 246 HIS A O     1 
ATOM   1028 C  CB    . HIS A 1 155 ? -6.804  -16.293 -9.362  1.00 24.56 ? 246 HIS A CB    1 
ATOM   1029 C  CG    . HIS A 1 155 ? -7.832  -16.387 -10.436 1.00 25.81 ? 246 HIS A CG    1 
ATOM   1030 N  ND1   . HIS A 1 155 ? -9.025  -15.693 -10.387 1.00 27.12 ? 246 HIS A ND1   1 
ATOM   1031 C  CD2   . HIS A 1 155 ? -7.816  -17.027 -11.631 1.00 26.26 ? 246 HIS A CD2   1 
ATOM   1032 C  CE1   . HIS A 1 155 ? -9.711  -15.930 -11.491 1.00 28.18 ? 246 HIS A CE1   1 
ATOM   1033 N  NE2   . HIS A 1 155 ? -9.004  -16.736 -12.258 1.00 24.32 ? 246 HIS A NE2   1 
ATOM   1034 N  N     . LEU A 1 156 ? -7.011  -13.259 -8.418  1.00 19.25 ? 247 LEU A N     1 
ATOM   1035 C  CA    . LEU A 1 156 ? -7.779  -12.010 -8.369  1.00 18.49 ? 247 LEU A CA    1 
ATOM   1036 C  C     . LEU A 1 156 ? -6.962  -10.855 -8.915  1.00 20.62 ? 247 LEU A C     1 
ATOM   1037 O  O     . LEU A 1 156 ? -7.485  -9.976  -9.575  1.00 20.57 ? 247 LEU A O     1 
ATOM   1038 C  CB    . LEU A 1 156 ? -8.274  -11.713 -6.959  1.00 19.74 ? 247 LEU A CB    1 
ATOM   1039 C  CG    . LEU A 1 156 ? -9.116  -10.428 -6.822  1.00 16.62 ? 247 LEU A CG    1 
ATOM   1040 C  CD1   . LEU A 1 156 ? -10.481 -10.567 -7.559  1.00 14.57 ? 247 LEU A CD1   1 
ATOM   1041 C  CD2   . LEU A 1 156 ? -9.305  -10.058 -5.323  1.00 16.42 ? 247 LEU A CD2   1 
ATOM   1042 N  N     . ALA A 1 157 ? -5.661  -10.856 -8.638  1.00 21.55 ? 248 ALA A N     1 
ATOM   1043 C  CA    . ALA A 1 157 ? -4.796  -9.820  -9.148  1.00 21.13 ? 248 ALA A CA    1 
ATOM   1044 C  C     . ALA A 1 157 ? -4.780  -9.887  -10.671 1.00 19.06 ? 248 ALA A C     1 
ATOM   1045 O  O     . ALA A 1 157 ? -4.863  -8.860  -11.323 1.00 24.98 ? 248 ALA A O     1 
ATOM   1046 C  CB    . ALA A 1 157 ? -3.372  -9.966  -8.567  1.00 23.76 ? 248 ALA A CB    1 
ATOM   1047 N  N     . GLY A 1 158 ? -4.677  -11.098 -11.227 1.00 19.96 ? 249 GLY A N     1 
ATOM   1048 C  CA    . GLY A 1 158 ? -4.752  -11.294 -12.680 1.00 20.94 ? 249 GLY A CA    1 
ATOM   1049 C  C     . GLY A 1 158 ? -6.009  -10.680 -13.246 1.00 21.23 ? 249 GLY A C     1 
ATOM   1050 O  O     . GLY A 1 158 ? -5.960  -9.895  -14.185 1.00 24.95 ? 249 GLY A O     1 
ATOM   1051 N  N     . THR A 1 159 ? -7.136  -11.022 -12.641 1.00 21.07 ? 250 THR A N     1 
ATOM   1052 C  CA    . THR A 1 159 ? -8.438  -10.499 -13.031 1.00 23.28 ? 250 THR A CA    1 
ATOM   1053 C  C     . THR A 1 159 ? -8.504  -8.977  -13.024 1.00 21.38 ? 250 THR A C     1 
ATOM   1054 O  O     . THR A 1 159 ? -9.061  -8.362  -13.963 1.00 21.30 ? 250 THR A O     1 
ATOM   1055 C  CB    . THR A 1 159 ? -9.551  -11.075 -12.118 1.00 23.64 ? 250 THR A CB    1 
ATOM   1056 O  OG1   . THR A 1 159 ? -9.657  -12.480 -12.376 1.00 25.26 ? 250 THR A OG1   1 
ATOM   1057 C  CG2   . THR A 1 159 ? -10.909 -10.388 -12.400 1.00 23.65 ? 250 THR A CG2   1 
ATOM   1058 N  N     . LEU A 1 160 ? -7.903  -8.389  -11.997 1.00 22.80 ? 251 LEU A N     1 
ATOM   1059 C  CA    . LEU A 1 160 ? -7.912  -6.947  -11.767 1.00 21.41 ? 251 LEU A CA    1 
ATOM   1060 C  C     . LEU A 1 160 ? -6.732  -6.214  -12.433 1.00 19.46 ? 251 LEU A C     1 
ATOM   1061 O  O     . LEU A 1 160 ? -6.583  -5.048  -12.221 1.00 24.26 ? 251 LEU A O     1 
ATOM   1062 C  CB    . LEU A 1 160 ? -7.866  -6.666  -10.268 1.00 23.29 ? 251 LEU A CB    1 
ATOM   1063 C  CG    . LEU A 1 160 ? -9.044  -7.081  -9.379  1.00 22.49 ? 251 LEU A CG    1 
ATOM   1064 C  CD1   . LEU A 1 160 ? -8.756  -6.665  -7.922  1.00 26.22 ? 251 LEU A CD1   1 
ATOM   1065 C  CD2   . LEU A 1 160 ? -10.344 -6.477  -9.875  1.00 20.67 ? 251 LEU A CD2   1 
ATOM   1066 N  N     . SER A 1 161 ? -5.929  -6.925  -13.224 1.00 24.62 ? 252 SER A N     1 
ATOM   1067 C  CA    . SER A 1 161 ? -4.785  -6.363  -13.967 1.00 24.60 ? 252 SER A CA    1 
ATOM   1068 C  C     . SER A 1 161 ? -3.749  -5.725  -13.080 1.00 26.63 ? 252 SER A C     1 
ATOM   1069 O  O     . SER A 1 161 ? -3.252  -4.649  -13.406 1.00 29.86 ? 252 SER A O     1 
ATOM   1070 C  CB    . SER A 1 161 ? -5.260  -5.324  -14.989 1.00 28.45 ? 252 SER A CB    1 
ATOM   1071 O  OG    . SER A 1 161 ? -6.148  -5.908  -15.875 1.00 30.77 ? 252 SER A OG    1 
ATOM   1072 N  N     . CYS A 1 162 ? -3.407  -6.361  -11.956 1.00 21.56 ? 253 CYS A N     1 
ATOM   1073 C  CA    . CYS A 1 162 ? -2.345  -5.826  -11.144 1.00 26.86 ? 253 CYS A CA    1 
ATOM   1074 C  C     . CYS A 1 162 ? -1.449  -6.880  -10.544 1.00 21.67 ? 253 CYS A C     1 
ATOM   1075 O  O     . CYS A 1 162 ? -1.802  -8.049  -10.482 1.00 24.18 ? 253 CYS A O     1 
ATOM   1076 C  CB    . CYS A 1 162 ? -2.904  -4.924  -10.051 1.00 31.66 ? 253 CYS A CB    1 
ATOM   1077 S  SG    . CYS A 1 162 ? -3.786  -5.731  -8.756  1.00 38.57 ? 253 CYS A SG    1 
ATOM   1078 N  N     . LYS A 1 163 ? -0.289  -6.408  -10.102 1.00 23.84 ? 254 LYS A N     1 
ATOM   1079 C  CA    . LYS A 1 163 ? 0.737   -7.214  -9.463  1.00 21.05 ? 254 LYS A CA    1 
ATOM   1080 C  C     . LYS A 1 163 ? 0.285   -7.621  -8.074  1.00 21.16 ? 254 LYS A C     1 
ATOM   1081 O  O     . LYS A 1 163 ? -0.411  -6.865  -7.399  1.00 22.46 ? 254 LYS A O     1 
ATOM   1082 C  CB    . LYS A 1 163 ? 2.049   -6.417  -9.351  1.00 22.74 ? 254 LYS A CB    1 
ATOM   1083 C  CG    . LYS A 1 163 ? 3.251   -7.282  -8.901  1.00 23.79 ? 254 LYS A CG    1 
ATOM   1084 N  N     . HIS A 1 164 ? 0.678   -8.820  -7.670  1.00 19.67 ? 255 HIS A N     1 
ATOM   1085 C  CA    . HIS A 1 164 ? 0.326   -9.386  -6.380  1.00 18.70 ? 255 HIS A CA    1 
ATOM   1086 C  C     . HIS A 1 164 ? 1.583   -9.759  -5.642  1.00 19.40 ? 255 HIS A C     1 
ATOM   1087 O  O     . HIS A 1 164 ? 2.526   -10.216 -6.258  1.00 21.13 ? 255 HIS A O     1 
ATOM   1088 C  CB    . HIS A 1 164 ? -0.544  -10.640 -6.597  1.00 23.97 ? 255 HIS A CB    1 
ATOM   1089 C  CG    . HIS A 1 164 ? -0.731  -11.497 -5.374  1.00 22.59 ? 255 HIS A CG    1 
ATOM   1090 N  ND1   . HIS A 1 164 ? 0.080   -12.576 -5.099  1.00 26.22 ? 255 HIS A ND1   1 
ATOM   1091 C  CD2   . HIS A 1 164 ? -1.651  -11.458 -4.381  1.00 23.79 ? 255 HIS A CD2   1 
ATOM   1092 C  CE1   . HIS A 1 164 ? -0.328  -13.162 -3.988  1.00 24.98 ? 255 HIS A CE1   1 
ATOM   1093 N  NE2   . HIS A 1 164 ? -1.377  -12.503 -3.530  1.00 24.82 ? 255 HIS A NE2   1 
ATOM   1094 N  N     . ILE A 1 165 ? 1.594   -9.543  -4.329  1.00 18.60 ? 256 ILE A N     1 
ATOM   1095 C  CA    . ILE A 1 165 ? 2.685   -9.992  -3.474  1.00 20.54 ? 256 ILE A CA    1 
ATOM   1096 C  C     . ILE A 1 165 ? 2.143   -10.340 -2.114  1.00 20.69 ? 256 ILE A C     1 
ATOM   1097 O  O     . ILE A 1 165 ? 1.209   -9.683  -1.626  1.00 18.39 ? 256 ILE A O     1 
ATOM   1098 C  CB    . ILE A 1 165 ? 3.802   -8.911  -3.357  1.00 21.49 ? 256 ILE A CB    1 
ATOM   1099 C  CG1   . ILE A 1 165 ? 5.026   -9.430  -2.605  1.00 22.20 ? 256 ILE A CG1   1 
ATOM   1100 C  CG2   . ILE A 1 165 ? 3.327   -7.636  -2.709  1.00 19.70 ? 256 ILE A CG2   1 
ATOM   1101 C  CD1   . ILE A 1 165 ? 6.230   -8.485  -2.811  1.00 21.78 ? 256 ILE A CD1   1 
ATOM   1102 N  N     . GLU A 1 166 ? 2.728   -11.377 -1.498  1.00 17.05 ? 257 GLU A N     1 
ATOM   1103 C  CA    . GLU A 1 166 ? 2.370   -11.738 -0.144  1.00 19.22 ? 257 GLU A CA    1 
ATOM   1104 C  C     . GLU A 1 166 ? 3.485   -11.283 0.782   1.00 17.36 ? 257 GLU A C     1 
ATOM   1105 O  O     . GLU A 1 166 ? 4.680   -11.419 0.433   1.00 19.12 ? 257 GLU A O     1 
ATOM   1106 C  CB    . GLU A 1 166 ? 2.138   -13.245 -0.035  1.00 22.27 ? 257 GLU A CB    1 
ATOM   1107 C  CG    . GLU A 1 166 ? 0.795   -13.679 -0.527  1.00 23.95 ? 257 GLU A CG    1 
ATOM   1108 C  CD    . GLU A 1 166 ? 0.305   -14.983 0.143   1.00 26.74 ? 257 GLU A CD    1 
ATOM   1109 O  OE1   . GLU A 1 166 ? -0.873  -15.318 -0.048  1.00 27.21 ? 257 GLU A OE1   1 
ATOM   1110 O  OE2   . GLU A 1 166 ? 1.091   -15.662 0.851   1.00 25.20 ? 257 GLU A OE2   1 
ATOM   1111 N  N     . THR A 1 167 ? 3.099   -10.753 1.945   1.00 16.66 ? 258 THR A N     1 
ATOM   1112 C  CA    . THR A 1 167 ? 4.017   -10.235 2.927   1.00 17.87 ? 258 THR A CA    1 
ATOM   1113 C  C     . THR A 1 167 ? 3.740   -10.772 4.349   1.00 19.95 ? 258 THR A C     1 
ATOM   1114 O  O     . THR A 1 167 ? 2.606   -11.064 4.770   1.00 16.86 ? 258 THR A O     1 
ATOM   1115 C  CB    . THR A 1 167 ? 3.968   -8.668  2.973   1.00 18.30 ? 258 THR A CB    1 
ATOM   1116 O  OG1   . THR A 1 167 ? 2.637   -8.254  3.315   1.00 15.66 ? 258 THR A OG1   1 
ATOM   1117 C  CG2   . THR A 1 167 ? 4.350   -8.045  1.585   1.00 15.11 ? 258 THR A CG2   1 
ATOM   1118 N  N     . SER A 1 168 ? 4.797   -10.834 5.117   1.00 18.50 ? 259 SER A N     1 
ATOM   1119 C  CA    . SER A 1 168 ? 4.654   -10.827 6.544   1.00 17.69 ? 259 SER A CA    1 
ATOM   1120 C  C     . SER A 1 168 ? 5.287   -9.595  7.062   1.00 21.13 ? 259 SER A C     1 
ATOM   1121 O  O     . SER A 1 168 ? 6.549   -9.534  7.190   1.00 19.96 ? 259 SER A O     1 
ATOM   1122 C  CB    . SER A 1 168 ? 5.311   -12.040 7.164   1.00 18.97 ? 259 SER A CB    1 
ATOM   1123 O  OG    . SER A 1 168 ? 5.179   -11.964 8.544   1.00 19.22 ? 259 SER A OG    1 
ATOM   1124 N  N     . ALA A 1 169 ? 4.460   -8.585  7.388   1.00 15.23 ? 260 ALA A N     1 
ATOM   1125 C  CA    . ALA A 1 169 ? 4.963   -7.371  8.002   1.00 17.22 ? 260 ALA A CA    1 
ATOM   1126 C  C     . ALA A 1 169 ? 5.702   -7.692  9.341   1.00 18.06 ? 260 ALA A C     1 
ATOM   1127 O  O     . ALA A 1 169 ? 6.690   -7.033  9.685   1.00 20.49 ? 260 ALA A O     1 
ATOM   1128 C  CB    . ALA A 1 169 ? 3.784   -6.388  8.276   1.00 15.88 ? 260 ALA A CB    1 
ATOM   1129 N  N     . ALA A 1 170 ? 5.199   -8.704  10.079  1.00 17.66 ? 261 ALA A N     1 
ATOM   1130 C  CA    . ALA A 1 170 ? 5.758   -9.101  11.384  1.00 18.16 ? 261 ALA A CA    1 
ATOM   1131 C  C     . ALA A 1 170 ? 7.188   -9.599  11.225  1.00 20.01 ? 261 ALA A C     1 
ATOM   1132 O  O     . ALA A 1 170 ? 8.061   -9.240  12.024  1.00 23.96 ? 261 ALA A O     1 
ATOM   1133 C  CB    . ALA A 1 170 ? 4.917   -10.185 12.009  1.00 15.45 ? 261 ALA A CB    1 
ATOM   1134 N  N     . LEU A 1 171 ? 7.410   -10.443 10.215  1.00 16.02 ? 262 LEU A N     1 
ATOM   1135 C  CA    . LEU A 1 171 ? 8.770   -11.029 9.955   1.00 20.80 ? 262 LEU A CA    1 
ATOM   1136 C  C     . LEU A 1 171 ? 9.612   -10.222 8.944   1.00 20.43 ? 262 LEU A C     1 
ATOM   1137 O  O     . LEU A 1 171 ? 10.731  -10.610 8.599   1.00 18.53 ? 262 LEU A O     1 
ATOM   1138 C  CB    . LEU A 1 171 ? 8.637   -12.475 9.475   1.00 19.03 ? 262 LEU A CB    1 
ATOM   1139 C  CG    . LEU A 1 171 ? 7.894   -13.440 10.403  1.00 22.38 ? 262 LEU A CG    1 
ATOM   1140 C  CD1   . LEU A 1 171 ? 7.664   -14.782 9.678   1.00 26.63 ? 262 LEU A CD1   1 
ATOM   1141 C  CD2   . LEU A 1 171 ? 8.629   -13.645 11.683  1.00 27.58 ? 262 LEU A CD2   1 
ATOM   1142 N  N     . HIS A 1 172 ? 9.085   -9.090  8.470   1.00 21.77 ? 263 HIS A N     1 
ATOM   1143 C  CA    . HIS A 1 172 ? 9.705   -8.333  7.368   1.00 18.56 ? 263 HIS A CA    1 
ATOM   1144 C  C     . HIS A 1 172 ? 9.961   -9.240  6.160   1.00 19.17 ? 263 HIS A C     1 
ATOM   1145 O  O     . HIS A 1 172 ? 11.017  -9.154  5.547   1.00 21.37 ? 263 HIS A O     1 
ATOM   1146 C  CB    . HIS A 1 172 ? 11.060  -7.693  7.790   1.00 20.76 ? 263 HIS A CB    1 
ATOM   1147 C  CG    . HIS A 1 172 ? 10.946  -6.661  8.867   1.00 22.61 ? 263 HIS A CG    1 
ATOM   1148 N  ND1   . HIS A 1 172 ? 11.525  -5.416  8.760   1.00 23.89 ? 263 HIS A ND1   1 
ATOM   1149 C  CD2   . HIS A 1 172 ? 10.304  -6.678  10.059  1.00 24.15 ? 263 HIS A CD2   1 
ATOM   1150 C  CE1   . HIS A 1 172 ? 11.239  -4.712  9.843   1.00 22.80 ? 263 HIS A CE1   1 
ATOM   1151 N  NE2   . HIS A 1 172 ? 10.507  -5.461  10.648  1.00 22.64 ? 263 HIS A NE2   1 
ATOM   1152 N  N     . HIS A 1 173 ? 9.045   -10.147 5.855   1.00 20.88 ? 264 HIS A N     1 
ATOM   1153 C  CA    . HIS A 1 173 ? 9.204   -11.010 4.678   1.00 20.73 ? 264 HIS A CA    1 
ATOM   1154 C  C     . HIS A 1 173 ? 8.498   -10.346 3.491   1.00 20.01 ? 264 HIS A C     1 
ATOM   1155 O  O     . HIS A 1 173 ? 7.287   -10.000 3.594   1.00 18.31 ? 264 HIS A O     1 
ATOM   1156 C  CB    . HIS A 1 173 ? 8.669   -12.413 4.912   1.00 20.58 ? 264 HIS A CB    1 
ATOM   1157 C  CG    . HIS A 1 173 ? 8.912   -13.353 3.766   1.00 24.50 ? 264 HIS A CG    1 
ATOM   1158 N  ND1   . HIS A 1 173 ? 7.982   -13.578 2.774   1.00 24.65 ? 264 HIS A ND1   1 
ATOM   1159 C  CD2   . HIS A 1 173 ? 9.996   -14.108 3.445   1.00 24.98 ? 264 HIS A CD2   1 
ATOM   1160 C  CE1   . HIS A 1 173 ? 8.468   -14.450 1.906   1.00 26.40 ? 264 HIS A CE1   1 
ATOM   1161 N  NE2   . HIS A 1 173 ? 9.699   -14.769 2.280   1.00 28.13 ? 264 HIS A NE2   1 
ATOM   1162 N  N     . ASN A 1 174 ? 9.276   -10.129 2.414   1.00 17.31 ? 265 ASN A N     1 
ATOM   1163 C  CA    . ASN A 1 174 ? 8.853   -9.452  1.151   1.00 17.61 ? 265 ASN A CA    1 
ATOM   1164 C  C     . ASN A 1 174 ? 8.533   -7.948  1.285   1.00 16.91 ? 265 ASN A C     1 
ATOM   1165 O  O     . ASN A 1 174 ? 7.989   -7.312  0.348   1.00 18.42 ? 265 ASN A O     1 
ATOM   1166 C  CB    . ASN A 1 174 ? 7.687   -10.180 0.487   1.00 16.53 ? 265 ASN A CB    1 
ATOM   1167 C  CG    . ASN A 1 174 ? 8.145   -11.405 -0.317  1.00 22.24 ? 265 ASN A CG    1 
ATOM   1168 O  OD1   . ASN A 1 174 ? 9.331   -11.513 -0.676  1.00 23.42 ? 265 ASN A OD1   1 
ATOM   1169 N  ND2   . ASN A 1 174 ? 7.206   -12.310 -0.641  1.00 21.21 ? 265 ASN A ND2   1 
ATOM   1170 N  N     . THR A 1 175 ? 8.878   -7.378  2.427   1.00 15.38 ? 266 THR A N     1 
ATOM   1171 C  CA    . THR A 1 175 ? 8.626   -5.955  2.645   1.00 15.26 ? 266 THR A CA    1 
ATOM   1172 C  C     . THR A 1 175 ? 9.608   -5.059  1.867   1.00 17.83 ? 266 THR A C     1 
ATOM   1173 O  O     . THR A 1 175 ? 9.223   -4.009  1.387   1.00 17.81 ? 266 THR A O     1 
ATOM   1174 C  CB    . THR A 1 175 ? 8.610   -5.596  4.131   1.00 19.41 ? 266 THR A CB    1 
ATOM   1175 O  OG1   . THR A 1 175 ? 9.826   -6.041  4.733   1.00 16.32 ? 266 THR A OG1   1 
ATOM   1176 C  CG2   . THR A 1 175 ? 7.396   -6.263  4.843   1.00 20.43 ? 266 THR A CG2   1 
ATOM   1177 N  N     . ARG A 1 176 ? 10.877  -5.474  1.746   1.00 16.02 ? 267 ARG A N     1 
ATOM   1178 C  CA    . ARG A 1 176 ? 11.817  -4.772  0.854   1.00 18.51 ? 267 ARG A CA    1 
ATOM   1179 C  C     . ARG A 1 176 ? 11.320  -4.865  -0.587  1.00 18.40 ? 267 ARG A C     1 
ATOM   1180 O  O     . ARG A 1 176 ? 11.325  -3.879  -1.325  1.00 18.99 ? 267 ARG A O     1 
ATOM   1181 C  CB    . ARG A 1 176 ? 13.257  -5.335  0.996   1.00 18.61 ? 267 ARG A CB    1 
ATOM   1182 C  CG    . ARG A 1 176 ? 14.205  -4.768  -0.007  1.00 19.29 ? 267 ARG A CG    1 
ATOM   1183 C  CD    . ARG A 1 176 ? 15.666  -5.191  0.221   1.00 19.66 ? 267 ARG A CD    1 
ATOM   1184 N  NE    . ARG A 1 176 ? 16.431  -4.877  -0.987  1.00 19.52 ? 267 ARG A NE    1 
ATOM   1185 C  CZ    . ARG A 1 176 ? 17.765  -4.951  -1.105  1.00 22.32 ? 267 ARG A CZ    1 
ATOM   1186 N  NH1   . ARG A 1 176 ? 18.516  -5.302  -0.076  1.00 19.69 ? 267 ARG A NH1   1 
ATOM   1187 N  NH2   . ARG A 1 176 ? 18.346  -4.650  -2.277  1.00 23.27 ? 267 ARG A NH2   1 
ATOM   1188 N  N     . GLU A 1 177 ? 10.880  -6.061  -0.978  1.00 17.86 ? 268 GLU A N     1 
ATOM   1189 C  CA    . GLU A 1 177 ? 10.361  -6.271  -2.308  1.00 19.22 ? 268 GLU A CA    1 
ATOM   1190 C  C     . GLU A 1 177 ? 9.121   -5.428  -2.619  1.00 17.80 ? 268 GLU A C     1 
ATOM   1191 O  O     . GLU A 1 177 ? 8.975   -4.931  -3.722  1.00 16.69 ? 268 GLU A O     1 
ATOM   1192 C  CB    . GLU A 1 177 ? 10.071  -7.758  -2.542  1.00 21.29 ? 268 GLU A CB    1 
ATOM   1193 C  CG    . GLU A 1 177 ? 11.326  -8.596  -2.743  1.00 22.95 ? 268 GLU A CG    1 
ATOM   1194 C  CD    . GLU A 1 177 ? 12.072  -8.928  -1.481  1.00 25.29 ? 268 GLU A CD    1 
ATOM   1195 O  OE1   . GLU A 1 177 ? 11.622  -8.588  -0.335  1.00 21.54 ? 268 GLU A OE1   1 
ATOM   1196 O  OE2   . GLU A 1 177 ? 13.144  -9.563  -1.643  1.00 26.88 ? 268 GLU A OE2   1 
ATOM   1197 N  N     . LEU A 1 178 ? 8.247   -5.286  -1.640  1.00 18.70 ? 269 LEU A N     1 
ATOM   1198 C  CA    . LEU A 1 178 ? 7.050   -4.458  -1.737  1.00 18.95 ? 269 LEU A CA    1 
ATOM   1199 C  C     . LEU A 1 178 ? 7.350   -2.989  -2.078  1.00 17.95 ? 269 LEU A C     1 
ATOM   1200 O  O     . LEU A 1 178 ? 6.813   -2.453  -3.041  1.00 16.52 ? 269 LEU A O     1 
ATOM   1201 C  CB    . LEU A 1 178 ? 6.285   -4.514  -0.405  1.00 14.64 ? 269 LEU A CB    1 
ATOM   1202 C  CG    . LEU A 1 178 ? 4.960   -3.705  -0.326  1.00 13.85 ? 269 LEU A CG    1 
ATOM   1203 C  CD1   . LEU A 1 178 ? 4.016   -4.155  -1.475  1.00 14.51 ? 269 LEU A CD1   1 
ATOM   1204 C  CD2   . LEU A 1 178 ? 4.344   -3.805  1.079   1.00 17.43 ? 269 LEU A CD2   1 
ATOM   1205 N  N     . PHE A 1 179 ? 8.221   -2.362  -1.289  1.00 18.13 ? 270 PHE A N     1 
ATOM   1206 C  CA    . PHE A 1 179 ? 8.535   -0.948  -1.456  1.00 17.79 ? 270 PHE A CA    1 
ATOM   1207 C  C     . PHE A 1 179 ? 9.383   -0.684  -2.702  1.00 17.74 ? 270 PHE A C     1 
ATOM   1208 O  O     . PHE A 1 179 ? 9.102   0.246   -3.451  1.00 17.67 ? 270 PHE A O     1 
ATOM   1209 C  CB    . PHE A 1 179 ? 9.108   -0.359  -0.168  1.00 20.99 ? 270 PHE A CB    1 
ATOM   1210 C  CG    . PHE A 1 179 ? 8.142   -0.389  0.987   1.00 20.37 ? 270 PHE A CG    1 
ATOM   1211 C  CD1   . PHE A 1 179 ? 6.945   0.302   0.938   1.00 18.21 ? 270 PHE A CD1   1 
ATOM   1212 C  CD2   . PHE A 1 179 ? 8.428   -1.124  2.131   1.00 20.30 ? 270 PHE A CD2   1 
ATOM   1213 C  CE1   . PHE A 1 179 ? 6.055   0.241   1.987   1.00 20.70 ? 270 PHE A CE1   1 
ATOM   1214 C  CE2   . PHE A 1 179 ? 7.546   -1.172  3.199   1.00 22.04 ? 270 PHE A CE2   1 
ATOM   1215 C  CZ    . PHE A 1 179 ? 6.363   -0.496  3.130   1.00 20.29 ? 270 PHE A CZ    1 
ATOM   1216 N  N     . GLU A 1 180 ? 10.349  -1.554  -2.977  1.00 19.66 ? 271 GLU A N     1 
ATOM   1217 C  CA    . GLU A 1 180 ? 11.059  -1.534  -4.256  1.00 21.68 ? 271 GLU A CA    1 
ATOM   1218 C  C     . GLU A 1 180 ? 10.100  -1.703  -5.433  1.00 19.32 ? 271 GLU A C     1 
ATOM   1219 O  O     . GLU A 1 180 ? 10.198  -0.952  -6.409  1.00 18.87 ? 271 GLU A O     1 
ATOM   1220 C  CB    . GLU A 1 180 ? 12.117  -2.601  -4.313  1.00 23.17 ? 271 GLU A CB    1 
ATOM   1221 C  CG    . GLU A 1 180 ? 13.279  -2.296  -3.412  1.00 24.71 ? 271 GLU A CG    1 
ATOM   1222 C  CD    . GLU A 1 180 ? 14.439  -3.283  -3.570  1.00 26.54 ? 271 GLU A CD    1 
ATOM   1223 O  OE1   . GLU A 1 180 ? 14.247  -4.346  -4.198  1.00 32.42 ? 271 GLU A OE1   1 
ATOM   1224 O  OE2   . GLU A 1 180 ? 15.525  -2.983  -3.031  1.00 29.29 ? 271 GLU A OE2   1 
ATOM   1225 N  N     . GLY A 1 181 ? 9.202   -2.679  -5.345  1.00 17.96 ? 272 GLY A N     1 
ATOM   1226 C  CA    . GLY A 1 181 ? 8.180   -2.889  -6.372  1.00 18.52 ? 272 GLY A CA    1 
ATOM   1227 C  C     . GLY A 1 181 ? 7.306   -1.671  -6.637  1.00 19.16 ? 272 GLY A C     1 
ATOM   1228 O  O     . GLY A 1 181 ? 6.972   -1.361  -7.789  1.00 17.74 ? 272 GLY A O     1 
ATOM   1229 N  N     . ALA A 1 182 ? 6.929   -0.977  -5.578  1.00 18.64 ? 273 ALA A N     1 
ATOM   1230 C  CA    . ALA A 1 182 ? 6.147   0.272   -5.690  1.00 21.02 ? 273 ALA A CA    1 
ATOM   1231 C  C     . ALA A 1 182 ? 6.866   1.338   -6.544  1.00 19.48 ? 273 ALA A C     1 
ATOM   1232 O  O     . ALA A 1 182 ? 6.261   1.998   -7.421  1.00 17.45 ? 273 ALA A O     1 
ATOM   1233 C  CB    . ALA A 1 182 ? 5.834   0.803   -4.297  1.00 18.53 ? 273 ALA A CB    1 
ATOM   1234 N  N     . VAL A 1 183 ? 8.161   1.476   -6.289  1.00 21.73 ? 274 VAL A N     1 
ATOM   1235 C  CA    . VAL A 1 183 ? 9.018   2.420   -6.995  1.00 21.33 ? 274 VAL A CA    1 
ATOM   1236 C  C     . VAL A 1 183 ? 9.091   2.031   -8.472  1.00 20.50 ? 274 VAL A C     1 
ATOM   1237 O  O     . VAL A 1 183 ? 8.943   2.875   -9.331  1.00 19.71 ? 274 VAL A O     1 
ATOM   1238 C  CB    . VAL A 1 183 ? 10.447  2.484   -6.378  1.00 20.06 ? 274 VAL A CB    1 
ATOM   1239 C  CG1   . VAL A 1 183 ? 11.432  3.260   -7.340  1.00 21.05 ? 274 VAL A CG1   1 
ATOM   1240 C  CG2   . VAL A 1 183 ? 10.413  3.179   -5.012  1.00 17.74 ? 274 VAL A CG2   1 
ATOM   1241 N  N     . ARG A 1 184 ? 9.257   0.737   -8.736  1.00 22.91 ? 275 ARG A N     1 
ATOM   1242 C  CA    . ARG A 1 184 ? 9.235   0.212   -10.106 1.00 22.23 ? 275 ARG A CA    1 
ATOM   1243 C  C     . ARG A 1 184 ? 7.909   0.493   -10.822 1.00 23.27 ? 275 ARG A C     1 
ATOM   1244 O  O     . ARG A 1 184 ? 7.906   0.935   -11.970 1.00 25.17 ? 275 ARG A O     1 
ATOM   1245 C  CB    . ARG A 1 184 ? 9.525   -1.281  -10.118 1.00 21.93 ? 275 ARG A CB    1 
ATOM   1246 C  CG    . ARG A 1 184 ? 10.895  -1.615  -9.675  1.00 23.97 ? 275 ARG A CG    1 
ATOM   1247 C  CD    . ARG A 1 184 ? 11.310  -2.994  -10.126 1.00 27.78 ? 275 ARG A CD    1 
ATOM   1248 N  NE    . ARG A 1 184 ? 12.614  -3.289  -9.561  1.00 29.43 ? 275 ARG A NE    1 
ATOM   1249 C  CZ    . ARG A 1 184 ? 12.821  -3.880  -8.390  1.00 32.63 ? 275 ARG A CZ    1 
ATOM   1250 N  NH1   . ARG A 1 184 ? 11.811  -4.304  -7.631  1.00 37.07 ? 275 ARG A NH1   1 
ATOM   1251 N  NH2   . ARG A 1 184 ? 14.065  -4.064  -7.975  1.00 32.95 ? 275 ARG A NH2   1 
ATOM   1252 N  N     . GLN A 1 185 ? 6.801   0.254   -10.130 1.00 24.19 ? 276 GLN A N     1 
ATOM   1253 C  CA    . GLN A 1 185 ? 5.450   0.551   -10.651 1.00 21.52 ? 276 GLN A CA    1 
ATOM   1254 C  C     . GLN A 1 185 ? 5.362   1.991   -11.136 1.00 23.62 ? 276 GLN A C     1 
ATOM   1255 O  O     . GLN A 1 185 ? 4.887   2.261   -12.263 1.00 26.23 ? 276 GLN A O     1 
ATOM   1256 C  CB    . GLN A 1 185 ? 4.388   0.317   -9.557  1.00 21.15 ? 276 GLN A CB    1 
ATOM   1257 C  CG    . GLN A 1 185 ? 4.149   -1.183  -9.195  1.00 21.25 ? 276 GLN A CG    1 
ATOM   1258 C  CD    . GLN A 1 185 ? 3.474   -1.973  -10.340 1.00 24.81 ? 276 GLN A CD    1 
ATOM   1259 O  OE1   . GLN A 1 185 ? 2.702   -1.417  -11.110 1.00 28.56 ? 276 GLN A OE1   1 
ATOM   1260 N  NE2   . GLN A 1 185 ? 3.772   -3.258  -10.436 1.00 25.85 ? 276 GLN A NE2   1 
ATOM   1261 N  N     . ILE A 1 186 ? 5.831   2.915   -10.290 1.00 18.64 ? 277 ILE A N     1 
ATOM   1262 C  CA    . ILE A 1 186 ? 5.797   4.323   -10.590 1.00 21.54 ? 277 ILE A CA    1 
ATOM   1263 C  C     . ILE A 1 186 ? 6.672   4.671   -11.792 1.00 21.88 ? 277 ILE A C     1 
ATOM   1264 O  O     . ILE A 1 186 ? 6.214   5.357   -12.671 1.00 26.28 ? 277 ILE A O     1 
ATOM   1265 C  CB    . ILE A 1 186 ? 6.209   5.177   -9.405  1.00 20.26 ? 277 ILE A CB    1 
ATOM   1266 C  CG1   . ILE A 1 186 ? 5.227   4.971   -8.239  1.00 18.13 ? 277 ILE A CG1   1 
ATOM   1267 C  CG2   . ILE A 1 186 ? 6.263   6.680   -9.817  1.00 21.23 ? 277 ILE A CG2   1 
ATOM   1268 C  CD1   . ILE A 1 186 ? 5.689   5.527   -6.883  1.00 15.95 ? 277 ILE A CD1   1 
ATOM   1269 N  N     . ARG A 1 187 ? 7.911   4.181   -11.815 1.00 23.40 ? 278 ARG A N     1 
ATOM   1270 C  CA    . ARG A 1 187 ? 8.860   4.485   -12.890 1.00 26.77 ? 278 ARG A CA    1 
ATOM   1271 C  C     . ARG A 1 187 ? 8.378   4.026   -14.276 1.00 31.54 ? 278 ARG A C     1 
ATOM   1272 O  O     . ARG A 1 187 ? 8.686   4.666   -15.298 1.00 33.68 ? 278 ARG A O     1 
ATOM   1273 C  CB    . ARG A 1 187 ? 10.213  3.879   -12.585 1.00 27.04 ? 278 ARG A CB    1 
ATOM   1274 C  CG    . ARG A 1 187 ? 10.925  4.623   -11.528 1.00 26.51 ? 278 ARG A CG    1 
ATOM   1275 C  CD    . ARG A 1 187 ? 12.267  4.060   -11.277 1.00 29.91 ? 278 ARG A CD    1 
ATOM   1276 N  NE    . ARG A 1 187 ? 12.924  4.763   -10.167 1.00 30.32 ? 278 ARG A NE    1 
ATOM   1277 C  CZ    . ARG A 1 187 ? 13.948  4.277   -9.473  1.00 28.70 ? 278 ARG A CZ    1 
ATOM   1278 N  NH1   . ARG A 1 187 ? 14.458  3.090   -9.751  1.00 29.39 ? 278 ARG A NH1   1 
ATOM   1279 N  NH2   . ARG A 1 187 ? 14.453  4.978   -8.480  1.00 30.04 ? 278 ARG A NH2   1 
ATOM   1280 N  N     . LEU A 1 188 ? 7.585   2.968   -14.316 1.00 32.94 ? 279 LEU A N     1 
ATOM   1281 C  CA    . LEU A 1 188 ? 7.117   2.450   -15.595 1.00 36.14 ? 279 LEU A CA    1 
ATOM   1282 C  C     . LEU A 1 188 ? 5.959   3.241   -16.254 1.00 35.60 ? 279 LEU A C     1 
ATOM   1283 O  O     . LEU A 1 188 ? 5.559   2.907   -17.379 1.00 37.04 ? 279 LEU A O     1 
ATOM   1284 C  CB    . LEU A 1 188 ? 6.789   0.960   -15.463 1.00 38.93 ? 279 LEU A CB    1 
ATOM   1285 C  CG    . LEU A 1 188 ? 8.019   0.083   -15.758 1.00 40.70 ? 279 LEU A CG    1 
ATOM   1286 C  CD1   . LEU A 1 188 ? 9.163   0.250   -14.701 1.00 40.62 ? 279 LEU A CD1   1 
ATOM   1287 C  CD2   . LEU A 1 188 ? 7.576   -1.351  -15.873 1.00 40.70 ? 279 LEU A CD2   1 
ATOM   1288 N  N     . ARG A 1 189 ? 5.435   4.264   -15.572 1.00 32.76 ? 280 ARG A N     1 
ATOM   1289 C  CA    . ARG A 1 189 ? 4.600   5.320   -16.207 1.00 34.97 ? 280 ARG A CA    1 
ATOM   1290 C  C     . ARG A 1 189 ? 5.422   6.582   -16.491 1.00 40.33 ? 280 ARG A C     1 
ATOM   1291 O  O     . ARG A 1 189 ? 4.879   7.606   -16.924 1.00 38.96 ? 280 ARG A O     1 
ATOM   1292 C  CB    . ARG A 1 189 ? 3.422   5.737   -15.317 1.00 36.36 ? 280 ARG A CB    1 
ATOM   1293 C  CG    . ARG A 1 189 ? 2.240   4.813   -15.298 1.00 36.02 ? 280 ARG A CG    1 
ATOM   1294 C  CD    . ARG A 1 189 ? 2.512   3.569   -14.485 1.00 34.41 ? 280 ARG A CD    1 
ATOM   1295 N  NE    . ARG A 1 189 ? 1.305   2.745   -14.339 1.00 34.66 ? 280 ARG A NE    1 
ATOM   1296 C  CZ    . ARG A 1 189 ? 1.265   1.548   -13.752 1.00 30.48 ? 280 ARG A CZ    1 
ATOM   1297 N  NH1   . ARG A 1 189 ? 2.347   1.013   -13.250 1.00 30.18 ? 280 ARG A NH1   1 
ATOM   1298 N  NH2   . ARG A 1 189 ? 0.135   0.872   -13.691 1.00 31.91 ? 280 ARG A NH2   1 
ATOM   1299 N  N     . ARG A 1 190 ? 6.725   6.516   -16.251 1.00 43.50 ? 281 ARG A N     1 
ATOM   1300 C  CA    . ARG A 1 190 ? 7.581   7.696   -16.317 1.00 46.60 ? 281 ARG A CA    1 
ATOM   1301 C  C     . ARG A 1 190 ? 8.696   7.474   -17.335 1.00 47.20 ? 281 ARG A C     1 
ATOM   1302 O  O     . ARG A 1 190 ? 9.076   6.331   -17.602 1.00 47.82 ? 281 ARG A O     1 
ATOM   1303 C  CB    . ARG A 1 190 ? 8.175   7.979   -14.930 1.00 47.49 ? 281 ARG A CB    1 
ATOM   1304 C  CG    . ARG A 1 190 ? 7.147   8.052   -13.783 1.00 47.55 ? 281 ARG A CG    1 
ATOM   1305 C  CD    . ARG A 1 190 ? 6.769   9.464   -13.437 1.00 48.14 ? 281 ARG A CD    1 
ATOM   1306 N  NE    . ARG A 1 190 ? 5.675   9.514   -12.458 1.00 49.31 ? 281 ARG A NE    1 
ATOM   1307 C  CZ    . ARG A 1 190 ? 5.740   10.036  -11.224 1.00 48.82 ? 281 ARG A CZ    1 
ATOM   1308 N  NH1   . ARG A 1 190 ? 6.860   10.579  -10.746 1.00 49.37 ? 281 ARG A NH1   1 
ATOM   1309 N  NH2   . ARG A 1 190 ? 4.655   10.015  -10.452 1.00 49.76 ? 281 ARG A NH2   1 
HETATM 1310 MG MG    . MG  B 2 .   ? -3.183  1.340   11.215  1.00 23.84 ? 301 MG  A MG    1 
HETATM 1311 P  PB    . GDP C 3 .   ? -3.946  -1.675  10.284  1.00 17.56 ? 302 GDP A PB    1 
HETATM 1312 O  O1B   . GDP C 3 .   ? -3.069  -0.465  10.517  1.00 16.40 ? 302 GDP A O1B   1 
HETATM 1313 O  O2B   . GDP C 3 .   ? -5.244  -1.403  10.981  1.00 18.83 ? 302 GDP A O2B   1 
HETATM 1314 O  O3B   . GDP C 3 .   ? -4.175  -2.097  8.853   1.00 15.81 ? 302 GDP A O3B   1 
HETATM 1315 O  O3A   . GDP C 3 .   ? -3.272  -2.965  11.016  1.00 19.64 ? 302 GDP A O3A   1 
HETATM 1316 P  PA    . GDP C 3 .   ? -2.059  -2.989  12.067  1.00 19.71 ? 302 GDP A PA    1 
HETATM 1317 O  O1A   . GDP C 3 .   ? -2.325  -2.090  13.242  1.00 18.47 ? 302 GDP A O1A   1 
HETATM 1318 O  O2A   . GDP C 3 .   ? -0.736  -2.708  11.366  1.00 21.25 ? 302 GDP A O2A   1 
HETATM 1319 O  "O5'" . GDP C 3 .   ? -2.077  -4.524  12.390  1.00 19.14 ? 302 GDP A "O5'" 1 
HETATM 1320 C  "C5'" . GDP C 3 .   ? -3.146  -5.070  13.159  1.00 21.06 ? 302 GDP A "C5'" 1 
HETATM 1321 C  "C4'" . GDP C 3 .   ? -2.594  -6.160  14.050  1.00 23.12 ? 302 GDP A "C4'" 1 
HETATM 1322 O  "O4'" . GDP C 3 .   ? -2.077  -7.170  13.186  1.00 21.53 ? 302 GDP A "O4'" 1 
HETATM 1323 C  "C3'" . GDP C 3 .   ? -1.457  -5.693  14.948  1.00 22.84 ? 302 GDP A "C3'" 1 
HETATM 1324 O  "O3'" . GDP C 3 .   ? -1.531  -6.370  16.220  1.00 21.25 ? 302 GDP A "O3'" 1 
HETATM 1325 C  "C2'" . GDP C 3 .   ? -0.213  -6.138  14.228  1.00 23.39 ? 302 GDP A "C2'" 1 
HETATM 1326 O  "O2'" . GDP C 3 .   ? 0.889   -6.412  15.092  1.00 25.91 ? 302 GDP A "O2'" 1 
HETATM 1327 C  "C1'" . GDP C 3 .   ? -0.704  -7.391  13.552  1.00 22.53 ? 302 GDP A "C1'" 1 
HETATM 1328 N  N9    . GDP C 3 .   ? 0.016   -7.665  12.318  1.00 22.30 ? 302 GDP A N9    1 
HETATM 1329 C  C8    . GDP C 3 .   ? 0.195   -6.783  11.316  1.00 20.56 ? 302 GDP A C8    1 
HETATM 1330 N  N7    . GDP C 3 .   ? 0.856   -7.368  10.307  1.00 16.89 ? 302 GDP A N7    1 
HETATM 1331 C  C5    . GDP C 3 .   ? 1.099   -8.647  10.665  1.00 22.26 ? 302 GDP A C5    1 
HETATM 1332 C  C6    . GDP C 3 .   ? 1.766   -9.810  10.066  1.00 19.89 ? 302 GDP A C6    1 
HETATM 1333 O  O6    . GDP C 3 .   ? 2.300   -9.765  8.949   1.00 19.06 ? 302 GDP A O6    1 
HETATM 1334 N  N1    . GDP C 3 .   ? 1.802   -10.945 10.762  1.00 21.61 ? 302 GDP A N1    1 
HETATM 1335 C  C2    . GDP C 3 .   ? 1.241   -11.070 11.981  1.00 21.99 ? 302 GDP A C2    1 
HETATM 1336 N  N2    . GDP C 3 .   ? 1.305   -12.253 12.623  1.00 22.05 ? 302 GDP A N2    1 
HETATM 1337 N  N3    . GDP C 3 .   ? 0.613   -10.048 12.590  1.00 23.13 ? 302 GDP A N3    1 
HETATM 1338 C  C4    . GDP C 3 .   ? 0.524   -8.843  11.992  1.00 19.38 ? 302 GDP A C4    1 
HETATM 1339 C  C1    . EDO D 4 .   ? -8.397  -4.281  1.235   1.00 20.62 ? 303 EDO A C1    1 
HETATM 1340 O  O1    . EDO D 4 .   ? -8.267  -4.419  2.673   1.00 16.69 ? 303 EDO A O1    1 
HETATM 1341 C  C2    . EDO D 4 .   ? -9.800  -3.772  0.815   1.00 22.83 ? 303 EDO A C2    1 
HETATM 1342 O  O2    . EDO D 4 .   ? -10.053 -2.383  1.096   1.00 19.16 ? 303 EDO A O2    1 
HETATM 1343 C  C1    . EDO E 4 .   ? -11.732 6.890   -2.377  1.00 37.97 ? 304 EDO A C1    1 
HETATM 1344 O  O1    . EDO E 4 .   ? -13.075 6.887   -2.911  1.00 35.55 ? 304 EDO A O1    1 
HETATM 1345 C  C2    . EDO E 4 .   ? -11.125 8.298   -2.388  1.00 39.28 ? 304 EDO A C2    1 
HETATM 1346 O  O2    . EDO E 4 .   ? -11.564 9.064   -1.252  1.00 38.74 ? 304 EDO A O2    1 
HETATM 1347 X  UNK   . UNX F 5 .   ? 5.857   -15.627 6.244   0.01 5.14  ? 1   UNX A UNK   1 
HETATM 1348 O  O     . HOH G 6 .   ? -3.392  3.514   5.792   1.00 17.93 ? 305 HOH A O     1 
HETATM 1349 O  O     . HOH G 6 .   ? -2.312  5.947   3.096   1.00 18.38 ? 306 HOH A O     1 
HETATM 1350 O  O     . HOH G 6 .   ? 12.126  -7.533  3.332   1.00 20.75 ? 307 HOH A O     1 
HETATM 1351 O  O     . HOH G 6 .   ? 5.388   -13.416 2.583   1.00 19.63 ? 308 HOH A O     1 
HETATM 1352 O  O     . HOH G 6 .   ? 7.438   11.460  7.064   1.00 15.34 ? 309 HOH A O     1 
HETATM 1353 O  O     . HOH G 6 .   ? 8.216   18.404  5.753   1.00 26.70 ? 310 HOH A O     1 
HETATM 1354 O  O     . HOH G 6 .   ? -3.450  2.308   9.280   1.00 18.51 ? 311 HOH A O     1 
HETATM 1355 O  O     . HOH G 6 .   ? -13.784 -0.131  -0.773  1.00 28.00 ? 312 HOH A O     1 
HETATM 1356 O  O     . HOH G 6 .   ? -15.262 -5.644  -3.597  1.00 23.25 ? 313 HOH A O     1 
HETATM 1357 O  O     . HOH G 6 .   ? -7.563  1.270   8.753   1.00 24.15 ? 314 HOH A O     1 
HETATM 1358 O  O     . HOH G 6 .   ? -11.487 0.819   3.887   1.00 23.95 ? 315 HOH A O     1 
HETATM 1359 O  O     . HOH G 6 .   ? 9.041   3.260   8.401   1.00 20.46 ? 316 HOH A O     1 
HETATM 1360 O  O     . HOH G 6 .   ? -3.344  3.390   12.139  1.00 19.25 ? 317 HOH A O     1 
HETATM 1361 O  O     . HOH G 6 .   ? -2.780  0.577   13.232  1.00 20.90 ? 318 HOH A O     1 
HETATM 1362 O  O     . HOH G 6 .   ? -6.360  -9.697  9.786   1.00 25.09 ? 319 HOH A O     1 
HETATM 1363 O  O     . HOH G 6 .   ? 10.211  16.159  3.550   1.00 19.47 ? 320 HOH A O     1 
HETATM 1364 O  O     . HOH G 6 .   ? -12.366 -1.711  7.537   1.00 26.42 ? 321 HOH A O     1 
HETATM 1365 O  O     . HOH G 6 .   ? 1.384   5.063   10.947  1.00 24.75 ? 322 HOH A O     1 
HETATM 1366 O  O     . HOH G 6 .   ? 0.317   -3.752  -10.908 1.00 20.42 ? 323 HOH A O     1 
HETATM 1367 O  O     . HOH G 6 .   ? -1.729  -20.565 0.091   1.00 25.99 ? 324 HOH A O     1 
HETATM 1368 O  O     . HOH G 6 .   ? 6.991   -5.612  12.023  1.00 27.06 ? 325 HOH A O     1 
HETATM 1369 O  O     . HOH G 6 .   ? -7.709  5.637   -13.108 1.00 30.92 ? 326 HOH A O     1 
HETATM 1370 O  O     . HOH G 6 .   ? -13.265 7.181   -5.551  1.00 26.12 ? 327 HOH A O     1 
HETATM 1371 O  O     . HOH G 6 .   ? -9.140  16.259  1.477   1.00 26.25 ? 328 HOH A O     1 
HETATM 1372 O  O     . HOH G 6 .   ? -8.182  -7.773  9.024   1.00 23.02 ? 329 HOH A O     1 
HETATM 1373 O  O     . HOH G 6 .   ? -11.173 -16.502 -4.472  1.00 26.52 ? 330 HOH A O     1 
HETATM 1374 O  O     . HOH G 6 .   ? 6.414   -2.694  11.752  1.00 22.23 ? 331 HOH A O     1 
HETATM 1375 O  O     . HOH G 6 .   ? -5.313  1.169   11.465  1.00 17.49 ? 332 HOH A O     1 
HETATM 1376 O  O     . HOH G 6 .   ? 20.207  7.988   -8.790  1.00 39.40 ? 333 HOH A O     1 
HETATM 1377 O  O     . HOH G 6 .   ? -11.917 -3.408  -9.329  1.00 25.49 ? 334 HOH A O     1 
HETATM 1378 O  O     . HOH G 6 .   ? -5.380  16.632  -1.297  1.00 30.61 ? 335 HOH A O     1 
HETATM 1379 O  O     . HOH G 6 .   ? -12.946 2.880   2.789   1.00 30.04 ? 336 HOH A O     1 
HETATM 1380 O  O     . HOH G 6 .   ? 2.660   -13.464 -5.765  1.00 33.47 ? 337 HOH A O     1 
HETATM 1381 O  O     . HOH G 6 .   ? 1.837   -3.614  15.772  1.00 30.83 ? 338 HOH A O     1 
HETATM 1382 O  O     . HOH G 6 .   ? -9.534  -15.377 -6.480  1.00 30.88 ? 339 HOH A O     1 
HETATM 1383 O  O     . HOH G 6 .   ? 11.460  -3.544  4.522   1.00 32.81 ? 340 HOH A O     1 
HETATM 1384 O  O     . HOH G 6 .   ? -8.005  -11.194 11.109  1.00 33.61 ? 341 HOH A O     1 
HETATM 1385 O  O     . HOH G 6 .   ? 4.713   17.131  16.783  1.00 38.51 ? 342 HOH A O     1 
HETATM 1386 O  O     . HOH G 6 .   ? -1.599  4.406   13.920  1.00 45.29 ? 343 HOH A O     1 
HETATM 1387 O  O     . HOH G 6 .   ? 19.977  -0.377  -7.247  1.00 36.85 ? 344 HOH A O     1 
HETATM 1388 O  O     . HOH G 6 .   ? 13.142  7.626   -9.907  1.00 34.79 ? 345 HOH A O     1 
HETATM 1389 O  O     . HOH G 6 .   ? -13.875 13.926  6.370   1.00 33.88 ? 346 HOH A O     1 
HETATM 1390 O  O     . HOH G 6 .   ? 6.307   -3.762  -8.904  1.00 29.39 ? 347 HOH A O     1 
HETATM 1391 O  O     . HOH G 6 .   ? 5.182   -1.766  13.915  1.00 27.61 ? 348 HOH A O     1 
HETATM 1392 O  O     . HOH G 6 .   ? -5.970  -2.075  13.710  1.00 22.37 ? 349 HOH A O     1 
HETATM 1393 O  O     . HOH G 6 .   ? -3.890  -2.285  15.625  1.00 30.72 ? 350 HOH A O     1 
HETATM 1394 O  O     . HOH G 6 .   ? 3.065   -7.711  14.113  1.00 27.36 ? 351 HOH A O     1 
HETATM 1395 O  O     . HOH G 6 .   ? -5.856  -7.497  13.295  1.00 33.29 ? 352 HOH A O     1 
HETATM 1396 O  O     . HOH G 6 .   ? 3.019   21.855  11.186  1.00 31.28 ? 353 HOH A O     1 
HETATM 1397 O  O     . HOH G 6 .   ? -2.403  19.237  8.706   1.00 32.64 ? 354 HOH A O     1 
HETATM 1398 O  O     . HOH G 6 .   ? 2.127   14.076  15.784  1.00 31.98 ? 355 HOH A O     1 
HETATM 1399 O  O     . HOH G 6 .   ? -0.130  14.788  11.923  1.00 32.63 ? 356 HOH A O     1 
HETATM 1400 O  O     . HOH G 6 .   ? -6.634  -14.354 -13.247 1.00 38.99 ? 357 HOH A O     1 
HETATM 1401 O  O     . HOH G 6 .   ? -14.445 8.022   -13.094 1.00 30.83 ? 358 HOH A O     1 
HETATM 1402 O  O     . HOH G 6 .   ? -4.515  0.534   -12.106 1.00 31.77 ? 359 HOH A O     1 
HETATM 1403 O  O     . HOH G 6 .   ? 13.529  -4.450  7.368   1.00 36.03 ? 360 HOH A O     1 
HETATM 1404 O  O     . HOH G 6 .   ? 11.984  -1.013  9.888   1.00 27.05 ? 361 HOH A O     1 
HETATM 1405 O  O     . HOH G 6 .   ? 13.752  -1.698  7.696   1.00 40.06 ? 362 HOH A O     1 
HETATM 1406 O  O     . HOH G 6 .   ? 9.144   3.352   11.432  1.00 33.74 ? 363 HOH A O     1 
HETATM 1407 O  O     . HOH G 6 .   ? 4.591   1.912   12.162  1.00 34.34 ? 364 HOH A O     1 
HETATM 1408 O  O     . HOH G 6 .   ? 9.550   13.614  -8.623  1.00 45.82 ? 365 HOH A O     1 
HETATM 1409 O  O     . HOH G 6 .   ? 18.492  1.996   -0.299  1.00 28.10 ? 366 HOH A O     1 
HETATM 1410 O  O     . HOH G 6 .   ? 13.473  0.828   -11.586 1.00 31.75 ? 367 HOH A O     1 
HETATM 1411 O  O     . HOH G 6 .   ? -10.828 -2.004  -11.201 1.00 38.29 ? 368 HOH A O     1 
HETATM 1412 O  O     . HOH G 6 .   ? -2.761  -14.123 -1.388  1.00 28.79 ? 369 HOH A O     1 
HETATM 1413 O  O     . HOH G 6 .   ? 11.832  3.437   11.239  1.00 35.32 ? 370 HOH A O     1 
HETATM 1414 O  O     . HOH G 6 .   ? 4.642   23.350  12.480  1.00 33.24 ? 371 HOH A O     1 
HETATM 1415 O  O     . HOH G 6 .   ? 4.467   -13.151 -3.106  1.00 33.14 ? 372 HOH A O     1 
HETATM 1416 O  O     . HOH G 6 .   ? 11.892  -11.173 2.450   1.00 33.79 ? 373 HOH A O     1 
HETATM 1417 O  O     . HOH G 6 .   ? 15.685  -8.773  -1.918  1.00 36.70 ? 374 HOH A O     1 
# 
loop_
_pdbx_poly_seq_scheme.asym_id 
_pdbx_poly_seq_scheme.entity_id 
_pdbx_poly_seq_scheme.seq_id 
_pdbx_poly_seq_scheme.mon_id 
_pdbx_poly_seq_scheme.ndb_seq_num 
_pdbx_poly_seq_scheme.pdb_seq_num 
_pdbx_poly_seq_scheme.auth_seq_num 
_pdbx_poly_seq_scheme.pdb_mon_id 
_pdbx_poly_seq_scheme.auth_mon_id 
_pdbx_poly_seq_scheme.pdb_strand_id 
_pdbx_poly_seq_scheme.pdb_ins_code 
_pdbx_poly_seq_scheme.hetero 
A 1 1   MET 1   92  ?   ?   ?   A . n 
A 1 2   HIS 2   93  ?   ?   ?   A . n 
A 1 3   HIS 3   94  ?   ?   ?   A . n 
A 1 4   HIS 4   95  ?   ?   ?   A . n 
A 1 5   HIS 5   96  ?   ?   ?   A . n 
A 1 6   HIS 6   97  ?   ?   ?   A . n 
A 1 7   HIS 7   98  ?   ?   ?   A . n 
A 1 8   SER 8   99  ?   ?   ?   A . n 
A 1 9   SER 9   100 ?   ?   ?   A . n 
A 1 10  GLY 10  101 ?   ?   ?   A . n 
A 1 11  ARG 11  102 ?   ?   ?   A . n 
A 1 12  GLU 12  103 ?   ?   ?   A . n 
A 1 13  ASN 13  104 ?   ?   ?   A . n 
A 1 14  LEU 14  105 ?   ?   ?   A . n 
A 1 15  TYR 15  106 ?   ?   ?   A . n 
A 1 16  PHE 16  107 ?   ?   ?   A . n 
A 1 17  GLN 17  108 ?   ?   ?   A . n 
A 1 18  GLY 18  109 ?   ?   ?   A . n 
A 1 19  GLN 19  110 ?   ?   ?   A . n 
A 1 20  LYS 20  111 ?   ?   ?   A . n 
A 1 21  ASP 21  112 ?   ?   ?   A . n 
A 1 22  GLY 22  113 113 GLY GLY A . n 
A 1 23  ILE 23  114 114 ILE ILE A . n 
A 1 24  PHE 24  115 115 PHE PHE A . n 
A 1 25  LYS 25  116 116 LYS LYS A . n 
A 1 26  VAL 26  117 117 VAL VAL A . n 
A 1 27  MET 27  118 118 MET MET A . n 
A 1 28  LEU 28  119 119 LEU LEU A . n 
A 1 29  VAL 29  120 120 VAL VAL A . n 
A 1 30  GLY 30  121 121 GLY GLY A . n 
A 1 31  GLU 31  122 122 GLU GLU A . n 
A 1 32  SER 32  123 123 SER SER A . n 
A 1 33  GLY 33  124 124 GLY GLY A . n 
A 1 34  VAL 34  125 125 VAL VAL A . n 
A 1 35  GLY 35  126 126 GLY GLY A . n 
A 1 36  LYS 36  127 127 LYS LYS A . n 
A 1 37  SER 37  128 128 SER SER A . n 
A 1 38  THR 38  129 129 THR THR A . n 
A 1 39  LEU 39  130 130 LEU LEU A . n 
A 1 40  ALA 40  131 131 ALA ALA A . n 
A 1 41  GLY 41  132 132 GLY GLY A . n 
A 1 42  THR 42  133 133 THR THR A . n 
A 1 43  PHE 43  134 134 PHE PHE A . n 
A 1 44  GLY 44  135 135 GLY GLY A . n 
A 1 45  GLY 45  136 136 GLY GLY A . n 
A 1 46  LEU 46  137 137 LEU LEU A . n 
A 1 47  GLN 47  138 138 GLN GLN A . n 
A 1 48  GLY 48  139 139 GLY GLY A . n 
A 1 49  ASP 49  140 140 ASP ASP A . n 
A 1 50  SER 50  141 141 SER SER A . n 
A 1 51  ALA 51  142 142 ALA ALA A . n 
A 1 52  HIS 52  143 143 HIS HIS A . n 
A 1 53  GLU 53  144 144 GLU GLU A . n 
A 1 54  PRO 54  145 145 PRO PRO A . n 
A 1 55  GLU 55  146 146 GLU GLU A . n 
A 1 56  ASN 56  147 147 ASN ASN A . n 
A 1 57  PRO 57  148 148 PRO PRO A . n 
A 1 58  GLU 58  149 149 GLU GLU A . n 
A 1 59  ASP 59  150 150 ASP ASP A . n 
A 1 60  THR 60  151 151 THR THR A . n 
A 1 61  TYR 61  152 152 TYR TYR A . n 
A 1 62  GLU 62  153 153 GLU GLU A . n 
A 1 63  ARG 63  154 154 ARG ARG A . n 
A 1 64  ARG 64  155 155 ARG ARG A . n 
A 1 65  ILE 65  156 156 ILE ILE A . n 
A 1 66  MET 66  157 157 MET MET A . n 
A 1 67  VAL 67  158 158 VAL VAL A . n 
A 1 68  ASP 68  159 159 ASP ASP A . n 
A 1 69  LYS 69  160 160 LYS LYS A . n 
A 1 70  GLU 70  161 161 GLU GLU A . n 
A 1 71  GLU 71  162 162 GLU GLU A . n 
A 1 72  VAL 72  163 163 VAL VAL A . n 
A 1 73  THR 73  164 164 THR THR A . n 
A 1 74  LEU 74  165 165 LEU LEU A . n 
A 1 75  VAL 75  166 166 VAL VAL A . n 
A 1 76  VAL 76  167 167 VAL VAL A . n 
A 1 77  TYR 77  168 168 TYR TYR A . n 
A 1 78  ASP 78  169 169 ASP ASP A . n 
A 1 79  ILE 79  170 170 ILE ILE A . n 
A 1 80  TRP 80  171 171 TRP TRP A . n 
A 1 81  GLU 81  172 172 GLU GLU A . n 
A 1 82  GLN 82  173 173 GLN GLN A . n 
A 1 83  GLY 83  174 174 GLY GLY A . n 
A 1 84  ASP 84  175 175 ASP ASP A . n 
A 1 85  ALA 85  176 176 ALA ALA A . n 
A 1 86  GLY 86  177 177 GLY GLY A . n 
A 1 87  GLY 87  178 178 GLY GLY A . n 
A 1 88  TRP 88  179 179 TRP TRP A . n 
A 1 89  LEU 89  180 180 LEU LEU A . n 
A 1 90  ARG 90  181 181 ARG ARG A . n 
A 1 91  ASP 91  182 182 ASP ASP A . n 
A 1 92  HIS 92  183 183 HIS HIS A . n 
A 1 93  CYS 93  184 184 CYS CYS A . n 
A 1 94  LEU 94  185 185 LEU LEU A . n 
A 1 95  GLN 95  186 186 GLN GLN A . n 
A 1 96  THR 96  187 187 THR THR A . n 
A 1 97  GLY 97  188 188 GLY GLY A . n 
A 1 98  ASP 98  189 189 ASP ASP A . n 
A 1 99  ALA 99  190 190 ALA ALA A . n 
A 1 100 PHE 100 191 191 PHE PHE A . n 
A 1 101 LEU 101 192 192 LEU LEU A . n 
A 1 102 ILE 102 193 193 ILE ILE A . n 
A 1 103 VAL 103 194 194 VAL VAL A . n 
A 1 104 PHE 104 195 195 PHE PHE A . n 
A 1 105 SER 105 196 196 SER SER A . n 
A 1 106 VAL 106 197 197 VAL VAL A . n 
A 1 107 THR 107 198 198 THR THR A . n 
A 1 108 ASP 108 199 199 ASP ASP A . n 
A 1 109 ARG 109 200 200 ARG ARG A . n 
A 1 110 ARG 110 201 201 ARG ARG A . n 
A 1 111 SER 111 202 202 SER SER A . n 
A 1 112 PHE 112 203 203 PHE PHE A . n 
A 1 113 SER 113 204 204 SER SER A . n 
A 1 114 LYS 114 205 205 LYS LYS A . n 
A 1 115 VAL 115 206 206 VAL VAL A . n 
A 1 116 PRO 116 207 207 PRO PRO A . n 
A 1 117 GLU 117 208 208 GLU GLU A . n 
A 1 118 THR 118 209 209 THR THR A . n 
A 1 119 LEU 119 210 210 LEU LEU A . n 
A 1 120 LEU 120 211 211 LEU LEU A . n 
A 1 121 ARG 121 212 212 ARG ARG A . n 
A 1 122 LEU 122 213 213 LEU LEU A . n 
A 1 123 ARG 123 214 214 ARG ARG A . n 
A 1 124 ALA 124 215 215 ALA ALA A . n 
A 1 125 GLY 125 216 216 GLY GLY A . n 
A 1 126 ARG 126 217 217 ARG ARG A . n 
A 1 127 PRO 127 218 218 PRO PRO A . n 
A 1 128 HIS 128 219 219 HIS HIS A . n 
A 1 129 HIS 129 220 220 HIS HIS A . n 
A 1 130 ASP 130 221 221 ASP ASP A . n 
A 1 131 LEU 131 222 222 LEU LEU A . n 
A 1 132 PRO 132 223 223 PRO PRO A . n 
A 1 133 VAL 133 224 224 VAL VAL A . n 
A 1 134 ILE 134 225 225 ILE ILE A . n 
A 1 135 LEU 135 226 226 LEU LEU A . n 
A 1 136 VAL 136 227 227 VAL VAL A . n 
A 1 137 GLY 137 228 228 GLY GLY A . n 
A 1 138 ASN 138 229 229 ASN ASN A . n 
A 1 139 LYS 139 230 230 LYS LYS A . n 
A 1 140 SER 140 231 231 SER SER A . n 
A 1 141 ASP 141 232 232 ASP ASP A . n 
A 1 142 LEU 142 233 233 LEU LEU A . n 
A 1 143 ALA 143 234 234 ALA ALA A . n 
A 1 144 ARG 144 235 235 ARG ARG A . n 
A 1 145 SER 145 236 236 SER SER A . n 
A 1 146 ARG 146 237 237 ARG ARG A . n 
A 1 147 GLU 147 238 238 GLU GLU A . n 
A 1 148 VAL 148 239 239 VAL VAL A . n 
A 1 149 SER 149 240 240 SER SER A . n 
A 1 150 LEU 150 241 241 LEU LEU A . n 
A 1 151 GLU 151 242 242 GLU GLU A . n 
A 1 152 GLU 152 243 243 GLU GLU A . n 
A 1 153 GLY 153 244 244 GLY GLY A . n 
A 1 154 ARG 154 245 245 ARG ARG A . n 
A 1 155 HIS 155 246 246 HIS HIS A . n 
A 1 156 LEU 156 247 247 LEU LEU A . n 
A 1 157 ALA 157 248 248 ALA ALA A . n 
A 1 158 GLY 158 249 249 GLY GLY A . n 
A 1 159 THR 159 250 250 THR THR A . n 
A 1 160 LEU 160 251 251 LEU LEU A . n 
A 1 161 SER 161 252 252 SER SER A . n 
A 1 162 CYS 162 253 253 CYS CYS A . n 
A 1 163 LYS 163 254 254 LYS LYS A . n 
A 1 164 HIS 164 255 255 HIS HIS A . n 
A 1 165 ILE 165 256 256 ILE ILE A . n 
A 1 166 GLU 166 257 257 GLU GLU A . n 
A 1 167 THR 167 258 258 THR THR A . n 
A 1 168 SER 168 259 259 SER SER A . n 
A 1 169 ALA 169 260 260 ALA ALA A . n 
A 1 170 ALA 170 261 261 ALA ALA A . n 
A 1 171 LEU 171 262 262 LEU LEU A . n 
A 1 172 HIS 172 263 263 HIS HIS A . n 
A 1 173 HIS 173 264 264 HIS HIS A . n 
A 1 174 ASN 174 265 265 ASN ASN A . n 
A 1 175 THR 175 266 266 THR THR A . n 
A 1 176 ARG 176 267 267 ARG ARG A . n 
A 1 177 GLU 177 268 268 GLU GLU A . n 
A 1 178 LEU 178 269 269 LEU LEU A . n 
A 1 179 PHE 179 270 270 PHE PHE A . n 
A 1 180 GLU 180 271 271 GLU GLU A . n 
A 1 181 GLY 181 272 272 GLY GLY A . n 
A 1 182 ALA 182 273 273 ALA ALA A . n 
A 1 183 VAL 183 274 274 VAL VAL A . n 
A 1 184 ARG 184 275 275 ARG ARG A . n 
A 1 185 GLN 185 276 276 GLN GLN A . n 
A 1 186 ILE 186 277 277 ILE ILE A . n 
A 1 187 ARG 187 278 278 ARG ARG A . n 
A 1 188 LEU 188 279 279 LEU LEU A . n 
A 1 189 ARG 189 280 280 ARG ARG A . n 
A 1 190 ARG 190 281 281 ARG ARG A . n 
A 1 191 GLY 191 282 ?   ?   ?   A . n 
A 1 192 ARG 192 283 ?   ?   ?   A . n 
A 1 193 ASN 193 284 ?   ?   ?   A . n 
A 1 194 HIS 194 285 ?   ?   ?   A . n 
A 1 195 ALA 195 286 ?   ?   ?   A . n 
# 
_pdbx_SG_project.id                    1 
_pdbx_SG_project.project_name          ? 
_pdbx_SG_project.full_name_of_center   'Structural Genomics Consortium' 
_pdbx_SG_project.initial_of_center     SGC 
# 
loop_
_pdbx_nonpoly_scheme.asym_id 
_pdbx_nonpoly_scheme.entity_id 
_pdbx_nonpoly_scheme.mon_id 
_pdbx_nonpoly_scheme.ndb_seq_num 
_pdbx_nonpoly_scheme.pdb_seq_num 
_pdbx_nonpoly_scheme.auth_seq_num 
_pdbx_nonpoly_scheme.pdb_mon_id 
_pdbx_nonpoly_scheme.auth_mon_id 
_pdbx_nonpoly_scheme.pdb_strand_id 
_pdbx_nonpoly_scheme.pdb_ins_code 
B 2 MG  1  301 301 MG  MG  A . 
C 3 GDP 1  302 302 GDP GDP A . 
D 4 EDO 1  303 303 EDO EDO A . 
E 4 EDO 1  304 304 EDO EDO A . 
F 5 UNX 1  1   1   UNX UNX A . 
G 6 HOH 1  305 1   HOH HOH A . 
G 6 HOH 2  306 2   HOH HOH A . 
G 6 HOH 3  307 3   HOH HOH A . 
G 6 HOH 4  308 4   HOH HOH A . 
G 6 HOH 5  309 5   HOH HOH A . 
G 6 HOH 6  310 6   HOH HOH A . 
G 6 HOH 7  311 7   HOH HOH A . 
G 6 HOH 8  312 8   HOH HOH A . 
G 6 HOH 9  313 9   HOH HOH A . 
G 6 HOH 10 314 10  HOH HOH A . 
G 6 HOH 11 315 11  HOH HOH A . 
G 6 HOH 12 316 12  HOH HOH A . 
G 6 HOH 13 317 13  HOH HOH A . 
G 6 HOH 14 318 14  HOH HOH A . 
G 6 HOH 15 319 15  HOH HOH A . 
G 6 HOH 16 320 16  HOH HOH A . 
G 6 HOH 17 321 17  HOH HOH A . 
G 6 HOH 18 322 18  HOH HOH A . 
G 6 HOH 19 323 19  HOH HOH A . 
G 6 HOH 20 324 20  HOH HOH A . 
G 6 HOH 21 325 21  HOH HOH A . 
G 6 HOH 22 326 22  HOH HOH A . 
G 6 HOH 23 327 23  HOH HOH A . 
G 6 HOH 24 328 24  HOH HOH A . 
G 6 HOH 25 329 25  HOH HOH A . 
G 6 HOH 26 330 26  HOH HOH A . 
G 6 HOH 27 331 27  HOH HOH A . 
G 6 HOH 28 332 28  HOH HOH A . 
G 6 HOH 29 333 29  HOH HOH A . 
G 6 HOH 30 334 30  HOH HOH A . 
G 6 HOH 31 335 31  HOH HOH A . 
G 6 HOH 32 336 32  HOH HOH A . 
G 6 HOH 33 337 33  HOH HOH A . 
G 6 HOH 34 338 34  HOH HOH A . 
G 6 HOH 35 339 35  HOH HOH A . 
G 6 HOH 36 340 36  HOH HOH A . 
G 6 HOH 37 341 37  HOH HOH A . 
G 6 HOH 38 342 38  HOH HOH A . 
G 6 HOH 39 343 39  HOH HOH A . 
G 6 HOH 40 344 40  HOH HOH A . 
G 6 HOH 41 345 41  HOH HOH A . 
G 6 HOH 42 346 42  HOH HOH A . 
G 6 HOH 43 347 43  HOH HOH A . 
G 6 HOH 44 348 44  HOH HOH A . 
G 6 HOH 45 349 45  HOH HOH A . 
G 6 HOH 46 350 46  HOH HOH A . 
G 6 HOH 47 351 47  HOH HOH A . 
G 6 HOH 48 352 48  HOH HOH A . 
G 6 HOH 49 353 49  HOH HOH A . 
G 6 HOH 50 354 50  HOH HOH A . 
G 6 HOH 51 355 51  HOH HOH A . 
G 6 HOH 52 356 52  HOH HOH A . 
G 6 HOH 53 357 53  HOH HOH A . 
G 6 HOH 54 358 54  HOH HOH A . 
G 6 HOH 55 359 55  HOH HOH A . 
G 6 HOH 56 360 56  HOH HOH A . 
G 6 HOH 57 361 57  HOH HOH A . 
G 6 HOH 58 362 58  HOH HOH A . 
G 6 HOH 59 363 59  HOH HOH A . 
G 6 HOH 60 364 60  HOH HOH A . 
G 6 HOH 61 365 61  HOH HOH A . 
G 6 HOH 62 366 62  HOH HOH A . 
G 6 HOH 63 367 63  HOH HOH A . 
G 6 HOH 64 368 64  HOH HOH A . 
G 6 HOH 65 369 65  HOH HOH A . 
G 6 HOH 66 370 66  HOH HOH A . 
G 6 HOH 67 371 67  HOH HOH A . 
G 6 HOH 68 372 68  HOH HOH A . 
G 6 HOH 69 373 69  HOH HOH A . 
G 6 HOH 70 374 70  HOH HOH A . 
# 
_pdbx_struct_assembly.id                   1 
_pdbx_struct_assembly.details              software_defined_assembly 
_pdbx_struct_assembly.method_details       PISA 
_pdbx_struct_assembly.oligomeric_details   monomeric 
_pdbx_struct_assembly.oligomeric_count     1 
# 
_pdbx_struct_assembly_gen.assembly_id       1 
_pdbx_struct_assembly_gen.oper_expression   1 
_pdbx_struct_assembly_gen.asym_id_list      A,B,C,D,E,F,G 
# 
_pdbx_struct_oper_list.id                   1 
_pdbx_struct_oper_list.type                 'identity operation' 
_pdbx_struct_oper_list.name                 1_555 
_pdbx_struct_oper_list.symmetry_operation   x,y,z 
_pdbx_struct_oper_list.matrix[1][1]         1.0000000000 
_pdbx_struct_oper_list.matrix[1][2]         0.0000000000 
_pdbx_struct_oper_list.matrix[1][3]         0.0000000000 
_pdbx_struct_oper_list.vector[1]            0.0000000000 
_pdbx_struct_oper_list.matrix[2][1]         0.0000000000 
_pdbx_struct_oper_list.matrix[2][2]         1.0000000000 
_pdbx_struct_oper_list.matrix[2][3]         0.0000000000 
_pdbx_struct_oper_list.vector[2]            0.0000000000 
_pdbx_struct_oper_list.matrix[3][1]         0.0000000000 
_pdbx_struct_oper_list.matrix[3][2]         0.0000000000 
_pdbx_struct_oper_list.matrix[3][3]         1.0000000000 
_pdbx_struct_oper_list.vector[3]            0.0000000000 
# 
loop_
_pdbx_struct_conn_angle.id 
_pdbx_struct_conn_angle.ptnr1_label_atom_id 
_pdbx_struct_conn_angle.ptnr1_label_alt_id 
_pdbx_struct_conn_angle.ptnr1_label_asym_id 
_pdbx_struct_conn_angle.ptnr1_label_comp_id 
_pdbx_struct_conn_angle.ptnr1_label_seq_id 
_pdbx_struct_conn_angle.ptnr1_auth_atom_id 
_pdbx_struct_conn_angle.ptnr1_auth_asym_id 
_pdbx_struct_conn_angle.ptnr1_auth_comp_id 
_pdbx_struct_conn_angle.ptnr1_auth_seq_id 
_pdbx_struct_conn_angle.ptnr1_PDB_ins_code 
_pdbx_struct_conn_angle.ptnr1_symmetry 
_pdbx_struct_conn_angle.ptnr2_label_atom_id 
_pdbx_struct_conn_angle.ptnr2_label_alt_id 
_pdbx_struct_conn_angle.ptnr2_label_asym_id 
_pdbx_struct_conn_angle.ptnr2_label_comp_id 
_pdbx_struct_conn_angle.ptnr2_label_seq_id 
_pdbx_struct_conn_angle.ptnr2_auth_atom_id 
_pdbx_struct_conn_angle.ptnr2_auth_asym_id 
_pdbx_struct_conn_angle.ptnr2_auth_comp_id 
_pdbx_struct_conn_angle.ptnr2_auth_seq_id 
_pdbx_struct_conn_angle.ptnr2_PDB_ins_code 
_pdbx_struct_conn_angle.ptnr2_symmetry 
_pdbx_struct_conn_angle.ptnr3_label_atom_id 
_pdbx_struct_conn_angle.ptnr3_label_alt_id 
_pdbx_struct_conn_angle.ptnr3_label_asym_id 
_pdbx_struct_conn_angle.ptnr3_label_comp_id 
_pdbx_struct_conn_angle.ptnr3_label_seq_id 
_pdbx_struct_conn_angle.ptnr3_auth_atom_id 
_pdbx_struct_conn_angle.ptnr3_auth_asym_id 
_pdbx_struct_conn_angle.ptnr3_auth_comp_id 
_pdbx_struct_conn_angle.ptnr3_auth_seq_id 
_pdbx_struct_conn_angle.ptnr3_PDB_ins_code 
_pdbx_struct_conn_angle.ptnr3_symmetry 
_pdbx_struct_conn_angle.value 
_pdbx_struct_conn_angle.value_esd 
1  OG  ? A SER 37 ? A SER 128 ? 1_555 MG ? B MG . ? A MG 301 ? 1_555 O1B ? C GDP . ? A GDP 302 ? 1_555 95.8  ? 
2  OG  ? A SER 37 ? A SER 128 ? 1_555 MG ? B MG . ? A MG 301 ? 1_555 O   ? G HOH . ? A HOH 311 ? 1_555 86.5  ? 
3  O1B ? C GDP .  ? A GDP 302 ? 1_555 MG ? B MG . ? A MG 301 ? 1_555 O   ? G HOH . ? A HOH 311 ? 1_555 95.8  ? 
4  OG  ? A SER 37 ? A SER 128 ? 1_555 MG ? B MG . ? A MG 301 ? 1_555 O   ? G HOH . ? A HOH 317 ? 1_555 85.4  ? 
5  O1B ? C GDP .  ? A GDP 302 ? 1_555 MG ? B MG . ? A MG 301 ? 1_555 O   ? G HOH . ? A HOH 317 ? 1_555 176.8 ? 
6  O   ? G HOH .  ? A HOH 311 ? 1_555 MG ? B MG . ? A MG 301 ? 1_555 O   ? G HOH . ? A HOH 317 ? 1_555 87.2  ? 
7  OG  ? A SER 37 ? A SER 128 ? 1_555 MG ? B MG . ? A MG 301 ? 1_555 O   ? G HOH . ? A HOH 318 ? 1_555 89.1  ? 
8  O1B ? C GDP .  ? A GDP 302 ? 1_555 MG ? B MG . ? A MG 301 ? 1_555 O   ? G HOH . ? A HOH 318 ? 1_555 89.8  ? 
9  O   ? G HOH .  ? A HOH 311 ? 1_555 MG ? B MG . ? A MG 301 ? 1_555 O   ? G HOH . ? A HOH 318 ? 1_555 173.2 ? 
10 O   ? G HOH .  ? A HOH 317 ? 1_555 MG ? B MG . ? A MG 301 ? 1_555 O   ? G HOH . ? A HOH 318 ? 1_555 87.3  ? 
11 OG  ? A SER 37 ? A SER 128 ? 1_555 MG ? B MG . ? A MG 301 ? 1_555 O   ? G HOH . ? A HOH 332 ? 1_555 172.5 ? 
12 O1B ? C GDP .  ? A GDP 302 ? 1_555 MG ? B MG . ? A MG 301 ? 1_555 O   ? G HOH . ? A HOH 332 ? 1_555 91.5  ? 
13 O   ? G HOH .  ? A HOH 311 ? 1_555 MG ? B MG . ? A MG 301 ? 1_555 O   ? G HOH . ? A HOH 332 ? 1_555 91.0  ? 
14 O   ? G HOH .  ? A HOH 317 ? 1_555 MG ? B MG . ? A MG 301 ? 1_555 O   ? G HOH . ? A HOH 332 ? 1_555 87.3  ? 
15 O   ? G HOH .  ? A HOH 318 ? 1_555 MG ? B MG . ? A MG 301 ? 1_555 O   ? G HOH . ? A HOH 332 ? 1_555 92.7  ? 
# 
loop_
_pdbx_audit_revision_history.ordinal 
_pdbx_audit_revision_history.data_content_type 
_pdbx_audit_revision_history.major_revision 
_pdbx_audit_revision_history.minor_revision 
_pdbx_audit_revision_history.revision_date 
1 'Structure model' 1 0 2008-03-04 
2 'Structure model' 1 1 2011-07-13 
3 'Structure model' 1 2 2017-10-25 
4 'Structure model' 1 3 2023-08-30 
# 
_pdbx_audit_revision_details.ordinal             1 
_pdbx_audit_revision_details.revision_ordinal    1 
_pdbx_audit_revision_details.data_content_type   'Structure model' 
_pdbx_audit_revision_details.provider            repository 
_pdbx_audit_revision_details.type                'Initial release' 
_pdbx_audit_revision_details.description         ? 
_pdbx_audit_revision_details.details             ? 
# 
loop_
_pdbx_audit_revision_group.ordinal 
_pdbx_audit_revision_group.revision_ordinal 
_pdbx_audit_revision_group.data_content_type 
_pdbx_audit_revision_group.group 
1 2 'Structure model' 'Version format compliance' 
2 3 'Structure model' 'Refinement description'    
3 4 'Structure model' 'Data collection'           
4 4 'Structure model' 'Database references'       
5 4 'Structure model' 'Derived calculations'      
6 4 'Structure model' 'Refinement description'    
# 
loop_
_pdbx_audit_revision_category.ordinal 
_pdbx_audit_revision_category.revision_ordinal 
_pdbx_audit_revision_category.data_content_type 
_pdbx_audit_revision_category.category 
1 3 'Structure model' software                      
2 4 'Structure model' chem_comp_atom                
3 4 'Structure model' chem_comp_bond                
4 4 'Structure model' database_2                    
5 4 'Structure model' pdbx_initial_refinement_model 
6 4 'Structure model' pdbx_struct_conn_angle        
7 4 'Structure model' struct_conn                   
8 4 'Structure model' struct_ref_seq_dif            
9 4 'Structure model' struct_site                   
# 
loop_
_pdbx_audit_revision_item.ordinal 
_pdbx_audit_revision_item.revision_ordinal 
_pdbx_audit_revision_item.data_content_type 
_pdbx_audit_revision_item.item 
1  3 'Structure model' '_software.classification'                  
2  3 'Structure model' '_software.contact_author'                  
3  3 'Structure model' '_software.contact_author_email'            
4  3 'Structure model' '_software.date'                            
5  3 'Structure model' '_software.language'                        
6  3 'Structure model' '_software.location'                        
7  3 'Structure model' '_software.name'                            
8  3 'Structure model' '_software.type'                            
9  3 'Structure model' '_software.version'                         
10 4 'Structure model' '_database_2.pdbx_DOI'                      
11 4 'Structure model' '_database_2.pdbx_database_accession'       
12 4 'Structure model' '_pdbx_struct_conn_angle.ptnr1_auth_seq_id' 
13 4 'Structure model' '_pdbx_struct_conn_angle.ptnr3_auth_seq_id' 
14 4 'Structure model' '_pdbx_struct_conn_angle.value'             
15 4 'Structure model' '_struct_conn.pdbx_dist_value'              
16 4 'Structure model' '_struct_conn.ptnr2_auth_seq_id'            
17 4 'Structure model' '_struct_ref_seq_dif.details'               
18 4 'Structure model' '_struct_site.pdbx_auth_asym_id'            
19 4 'Structure model' '_struct_site.pdbx_auth_comp_id'            
20 4 'Structure model' '_struct_site.pdbx_auth_seq_id'             
# 
_pdbx_phasing_MR.entry_id                     3CBQ 
_pdbx_phasing_MR.method_rotation              ? 
_pdbx_phasing_MR.method_translation           ? 
_pdbx_phasing_MR.model_details                'Phaser MODE: MR_AUTO' 
_pdbx_phasing_MR.R_factor                     ? 
_pdbx_phasing_MR.R_rigid_body                 ? 
_pdbx_phasing_MR.correlation_coeff_Fo_to_Fc   ? 
_pdbx_phasing_MR.correlation_coeff_Io_to_Ic   ? 
_pdbx_phasing_MR.d_res_high_rotation          2.500 
_pdbx_phasing_MR.d_res_low_rotation           24.150 
_pdbx_phasing_MR.d_res_high_translation       2.500 
_pdbx_phasing_MR.d_res_low_translation        24.150 
_pdbx_phasing_MR.packing                      ? 
_pdbx_phasing_MR.reflns_percent_rotation      ? 
_pdbx_phasing_MR.reflns_percent_translation   ? 
_pdbx_phasing_MR.sigma_F_rotation             ? 
_pdbx_phasing_MR.sigma_F_translation          ? 
_pdbx_phasing_MR.sigma_I_rotation             ? 
_pdbx_phasing_MR.sigma_I_translation          ? 
# 
_phasing.method   MR 
# 
loop_
_software.name 
_software.version 
_software.date 
_software.type 
_software.contact_author 
_software.contact_author_email 
_software.classification 
_software.location 
_software.language 
_software.citation_id 
_software.pdbx_ordinal 
DENZO       .               ?                    package 'Zbyszek Otwinowski' zbyszek@mix.swmed.edu       'data reduction'  
http://www.lnls.br/infra/linhasluz/denzo-hkl.htm ?          ? 1 
SCALEPACK   .               ?                    package 'Zbyszek Otwinowski' zbyszek@mix.swmed.edu       'data scaling'    
http://www.lnls.br/infra/linhasluz/denzo-hkl.htm ?          ? 2 
PHASER      .               ?                    other   'R. J. Read'         cimr-phaser@lists.cam.ac.uk phasing           
http://www-structmed.cimr.cam.ac.uk/phaser/      ?          ? 3 
REFMAC      refmac_5.3.0037 24/04/2001           program 'Murshudov, G.N.'    ccp4@dl.ac.uk               refinement        
http://www.ccp4.ac.uk/main.html                  Fortran_77 ? 4 
PDB_EXTRACT 3.005           'September 10, 2007' package PDB                  sw-help@rcsb.rutgers.edu    'data extraction' 
http://pdb.rutgers.edu/software/                 C++        ? 5 
HKL-2000    .               ?                    ?       ?                    ?                           'data reduction'  ? ? ? 
6 
HKL-2000    .               ?                    ?       ?                    ?                           'data scaling'    ? ? ? 
7 
# 
_pdbx_validate_torsion.id              1 
_pdbx_validate_torsion.PDB_model_num   1 
_pdbx_validate_torsion.auth_comp_id    LYS 
_pdbx_validate_torsion.auth_asym_id    A 
_pdbx_validate_torsion.auth_seq_id     230 
_pdbx_validate_torsion.PDB_ins_code    ? 
_pdbx_validate_torsion.label_alt_id    ? 
_pdbx_validate_torsion.phi             71.30 
_pdbx_validate_torsion.psi             31.08 
# 
loop_
_pdbx_unobs_or_zero_occ_atoms.id 
_pdbx_unobs_or_zero_occ_atoms.PDB_model_num 
_pdbx_unobs_or_zero_occ_atoms.polymer_flag 
_pdbx_unobs_or_zero_occ_atoms.occupancy_flag 
_pdbx_unobs_or_zero_occ_atoms.auth_asym_id 
_pdbx_unobs_or_zero_occ_atoms.auth_comp_id 
_pdbx_unobs_or_zero_occ_atoms.auth_seq_id 
_pdbx_unobs_or_zero_occ_atoms.PDB_ins_code 
_pdbx_unobs_or_zero_occ_atoms.auth_atom_id 
_pdbx_unobs_or_zero_occ_atoms.label_alt_id 
_pdbx_unobs_or_zero_occ_atoms.label_asym_id 
_pdbx_unobs_or_zero_occ_atoms.label_comp_id 
_pdbx_unobs_or_zero_occ_atoms.label_seq_id 
_pdbx_unobs_or_zero_occ_atoms.label_atom_id 
1  1 Y 1 A LYS 116 ? NZ  ? A LYS 25  NZ  
2  1 Y 1 A ASP 175 ? CG  ? A ASP 84  CG  
3  1 Y 1 A ASP 175 ? OD1 ? A ASP 84  OD1 
4  1 Y 1 A ASP 175 ? OD2 ? A ASP 84  OD2 
5  1 Y 1 A GLN 186 ? CG  ? A GLN 95  CG  
6  1 Y 1 A GLN 186 ? CD  ? A GLN 95  CD  
7  1 Y 1 A GLN 186 ? OE1 ? A GLN 95  OE1 
8  1 Y 1 A GLN 186 ? NE2 ? A GLN 95  NE2 
9  1 Y 1 A ARG 235 ? CG  ? A ARG 144 CG  
10 1 Y 1 A ARG 235 ? CD  ? A ARG 144 CD  
11 1 Y 1 A ARG 235 ? NE  ? A ARG 144 NE  
12 1 Y 1 A ARG 235 ? CZ  ? A ARG 144 CZ  
13 1 Y 1 A ARG 235 ? NH1 ? A ARG 144 NH1 
14 1 Y 1 A ARG 235 ? NH2 ? A ARG 144 NH2 
15 1 Y 1 A LYS 254 ? CD  ? A LYS 163 CD  
16 1 Y 1 A LYS 254 ? CE  ? A LYS 163 CE  
17 1 Y 1 A LYS 254 ? NZ  ? A LYS 163 NZ  
# 
loop_
_pdbx_unobs_or_zero_occ_residues.id 
_pdbx_unobs_or_zero_occ_residues.PDB_model_num 
_pdbx_unobs_or_zero_occ_residues.polymer_flag 
_pdbx_unobs_or_zero_occ_residues.occupancy_flag 
_pdbx_unobs_or_zero_occ_residues.auth_asym_id 
_pdbx_unobs_or_zero_occ_residues.auth_comp_id 
_pdbx_unobs_or_zero_occ_residues.auth_seq_id 
_pdbx_unobs_or_zero_occ_residues.PDB_ins_code 
_pdbx_unobs_or_zero_occ_residues.label_asym_id 
_pdbx_unobs_or_zero_occ_residues.label_comp_id 
_pdbx_unobs_or_zero_occ_residues.label_seq_id 
1  1 Y 1 A MET 92  ? A MET 1   
2  1 Y 1 A HIS 93  ? A HIS 2   
3  1 Y 1 A HIS 94  ? A HIS 3   
4  1 Y 1 A HIS 95  ? A HIS 4   
5  1 Y 1 A HIS 96  ? A HIS 5   
6  1 Y 1 A HIS 97  ? A HIS 6   
7  1 Y 1 A HIS 98  ? A HIS 7   
8  1 Y 1 A SER 99  ? A SER 8   
9  1 Y 1 A SER 100 ? A SER 9   
10 1 Y 1 A GLY 101 ? A GLY 10  
11 1 Y 1 A ARG 102 ? A ARG 11  
12 1 Y 1 A GLU 103 ? A GLU 12  
13 1 Y 1 A ASN 104 ? A ASN 13  
14 1 Y 1 A LEU 105 ? A LEU 14  
15 1 Y 1 A TYR 106 ? A TYR 15  
16 1 Y 1 A PHE 107 ? A PHE 16  
17 1 Y 1 A GLN 108 ? A GLN 17  
18 1 Y 1 A GLY 109 ? A GLY 18  
19 1 Y 1 A GLN 110 ? A GLN 19  
20 1 Y 1 A LYS 111 ? A LYS 20  
21 1 Y 1 A ASP 112 ? A ASP 21  
22 1 Y 1 A GLY 282 ? A GLY 191 
23 1 Y 1 A ARG 283 ? A ARG 192 
24 1 Y 1 A ASN 284 ? A ASN 193 
25 1 Y 1 A HIS 285 ? A HIS 194 
26 1 Y 1 A ALA 286 ? A ALA 195 
# 
loop_
_chem_comp_atom.comp_id 
_chem_comp_atom.atom_id 
_chem_comp_atom.type_symbol 
_chem_comp_atom.pdbx_aromatic_flag 
_chem_comp_atom.pdbx_stereo_config 
_chem_comp_atom.pdbx_ordinal 
ALA N      N  N N 1   
ALA CA     C  N S 2   
ALA C      C  N N 3   
ALA O      O  N N 4   
ALA CB     C  N N 5   
ALA OXT    O  N N 6   
ALA H      H  N N 7   
ALA H2     H  N N 8   
ALA HA     H  N N 9   
ALA HB1    H  N N 10  
ALA HB2    H  N N 11  
ALA HB3    H  N N 12  
ALA HXT    H  N N 13  
ARG N      N  N N 14  
ARG CA     C  N S 15  
ARG C      C  N N 16  
ARG O      O  N N 17  
ARG CB     C  N N 18  
ARG CG     C  N N 19  
ARG CD     C  N N 20  
ARG NE     N  N N 21  
ARG CZ     C  N N 22  
ARG NH1    N  N N 23  
ARG NH2    N  N N 24  
ARG OXT    O  N N 25  
ARG H      H  N N 26  
ARG H2     H  N N 27  
ARG HA     H  N N 28  
ARG HB2    H  N N 29  
ARG HB3    H  N N 30  
ARG HG2    H  N N 31  
ARG HG3    H  N N 32  
ARG HD2    H  N N 33  
ARG HD3    H  N N 34  
ARG HE     H  N N 35  
ARG HH11   H  N N 36  
ARG HH12   H  N N 37  
ARG HH21   H  N N 38  
ARG HH22   H  N N 39  
ARG HXT    H  N N 40  
ASN N      N  N N 41  
ASN CA     C  N S 42  
ASN C      C  N N 43  
ASN O      O  N N 44  
ASN CB     C  N N 45  
ASN CG     C  N N 46  
ASN OD1    O  N N 47  
ASN ND2    N  N N 48  
ASN OXT    O  N N 49  
ASN H      H  N N 50  
ASN H2     H  N N 51  
ASN HA     H  N N 52  
ASN HB2    H  N N 53  
ASN HB3    H  N N 54  
ASN HD21   H  N N 55  
ASN HD22   H  N N 56  
ASN HXT    H  N N 57  
ASP N      N  N N 58  
ASP CA     C  N S 59  
ASP C      C  N N 60  
ASP O      O  N N 61  
ASP CB     C  N N 62  
ASP CG     C  N N 63  
ASP OD1    O  N N 64  
ASP OD2    O  N N 65  
ASP OXT    O  N N 66  
ASP H      H  N N 67  
ASP H2     H  N N 68  
ASP HA     H  N N 69  
ASP HB2    H  N N 70  
ASP HB3    H  N N 71  
ASP HD2    H  N N 72  
ASP HXT    H  N N 73  
CYS N      N  N N 74  
CYS CA     C  N R 75  
CYS C      C  N N 76  
CYS O      O  N N 77  
CYS CB     C  N N 78  
CYS SG     S  N N 79  
CYS OXT    O  N N 80  
CYS H      H  N N 81  
CYS H2     H  N N 82  
CYS HA     H  N N 83  
CYS HB2    H  N N 84  
CYS HB3    H  N N 85  
CYS HG     H  N N 86  
CYS HXT    H  N N 87  
EDO C1     C  N N 88  
EDO O1     O  N N 89  
EDO C2     C  N N 90  
EDO O2     O  N N 91  
EDO H11    H  N N 92  
EDO H12    H  N N 93  
EDO HO1    H  N N 94  
EDO H21    H  N N 95  
EDO H22    H  N N 96  
EDO HO2    H  N N 97  
GDP PB     P  N N 98  
GDP O1B    O  N N 99  
GDP O2B    O  N N 100 
GDP O3B    O  N N 101 
GDP O3A    O  N N 102 
GDP PA     P  N N 103 
GDP O1A    O  N N 104 
GDP O2A    O  N N 105 
GDP "O5'"  O  N N 106 
GDP "C5'"  C  N N 107 
GDP "C4'"  C  N R 108 
GDP "O4'"  O  N N 109 
GDP "C3'"  C  N S 110 
GDP "O3'"  O  N N 111 
GDP "C2'"  C  N R 112 
GDP "O2'"  O  N N 113 
GDP "C1'"  C  N R 114 
GDP N9     N  Y N 115 
GDP C8     C  Y N 116 
GDP N7     N  Y N 117 
GDP C5     C  Y N 118 
GDP C6     C  N N 119 
GDP O6     O  N N 120 
GDP N1     N  N N 121 
GDP C2     C  N N 122 
GDP N2     N  N N 123 
GDP N3     N  N N 124 
GDP C4     C  Y N 125 
GDP HOB2   H  N N 126 
GDP HOB3   H  N N 127 
GDP HOA2   H  N N 128 
GDP "H5'"  H  N N 129 
GDP "H5''" H  N N 130 
GDP "H4'"  H  N N 131 
GDP "H3'"  H  N N 132 
GDP "HO3'" H  N N 133 
GDP "H2'"  H  N N 134 
GDP "HO2'" H  N N 135 
GDP "H1'"  H  N N 136 
GDP H8     H  N N 137 
GDP HN1    H  N N 138 
GDP HN21   H  N N 139 
GDP HN22   H  N N 140 
GLN N      N  N N 141 
GLN CA     C  N S 142 
GLN C      C  N N 143 
GLN O      O  N N 144 
GLN CB     C  N N 145 
GLN CG     C  N N 146 
GLN CD     C  N N 147 
GLN OE1    O  N N 148 
GLN NE2    N  N N 149 
GLN OXT    O  N N 150 
GLN H      H  N N 151 
GLN H2     H  N N 152 
GLN HA     H  N N 153 
GLN HB2    H  N N 154 
GLN HB3    H  N N 155 
GLN HG2    H  N N 156 
GLN HG3    H  N N 157 
GLN HE21   H  N N 158 
GLN HE22   H  N N 159 
GLN HXT    H  N N 160 
GLU N      N  N N 161 
GLU CA     C  N S 162 
GLU C      C  N N 163 
GLU O      O  N N 164 
GLU CB     C  N N 165 
GLU CG     C  N N 166 
GLU CD     C  N N 167 
GLU OE1    O  N N 168 
GLU OE2    O  N N 169 
GLU OXT    O  N N 170 
GLU H      H  N N 171 
GLU H2     H  N N 172 
GLU HA     H  N N 173 
GLU HB2    H  N N 174 
GLU HB3    H  N N 175 
GLU HG2    H  N N 176 
GLU HG3    H  N N 177 
GLU HE2    H  N N 178 
GLU HXT    H  N N 179 
GLY N      N  N N 180 
GLY CA     C  N N 181 
GLY C      C  N N 182 
GLY O      O  N N 183 
GLY OXT    O  N N 184 
GLY H      H  N N 185 
GLY H2     H  N N 186 
GLY HA2    H  N N 187 
GLY HA3    H  N N 188 
GLY HXT    H  N N 189 
HIS N      N  N N 190 
HIS CA     C  N S 191 
HIS C      C  N N 192 
HIS O      O  N N 193 
HIS CB     C  N N 194 
HIS CG     C  Y N 195 
HIS ND1    N  Y N 196 
HIS CD2    C  Y N 197 
HIS CE1    C  Y N 198 
HIS NE2    N  Y N 199 
HIS OXT    O  N N 200 
HIS H      H  N N 201 
HIS H2     H  N N 202 
HIS HA     H  N N 203 
HIS HB2    H  N N 204 
HIS HB3    H  N N 205 
HIS HD1    H  N N 206 
HIS HD2    H  N N 207 
HIS HE1    H  N N 208 
HIS HE2    H  N N 209 
HIS HXT    H  N N 210 
HOH O      O  N N 211 
HOH H1     H  N N 212 
HOH H2     H  N N 213 
ILE N      N  N N 214 
ILE CA     C  N S 215 
ILE C      C  N N 216 
ILE O      O  N N 217 
ILE CB     C  N S 218 
ILE CG1    C  N N 219 
ILE CG2    C  N N 220 
ILE CD1    C  N N 221 
ILE OXT    O  N N 222 
ILE H      H  N N 223 
ILE H2     H  N N 224 
ILE HA     H  N N 225 
ILE HB     H  N N 226 
ILE HG12   H  N N 227 
ILE HG13   H  N N 228 
ILE HG21   H  N N 229 
ILE HG22   H  N N 230 
ILE HG23   H  N N 231 
ILE HD11   H  N N 232 
ILE HD12   H  N N 233 
ILE HD13   H  N N 234 
ILE HXT    H  N N 235 
LEU N      N  N N 236 
LEU CA     C  N S 237 
LEU C      C  N N 238 
LEU O      O  N N 239 
LEU CB     C  N N 240 
LEU CG     C  N N 241 
LEU CD1    C  N N 242 
LEU CD2    C  N N 243 
LEU OXT    O  N N 244 
LEU H      H  N N 245 
LEU H2     H  N N 246 
LEU HA     H  N N 247 
LEU HB2    H  N N 248 
LEU HB3    H  N N 249 
LEU HG     H  N N 250 
LEU HD11   H  N N 251 
LEU HD12   H  N N 252 
LEU HD13   H  N N 253 
LEU HD21   H  N N 254 
LEU HD22   H  N N 255 
LEU HD23   H  N N 256 
LEU HXT    H  N N 257 
LYS N      N  N N 258 
LYS CA     C  N S 259 
LYS C      C  N N 260 
LYS O      O  N N 261 
LYS CB     C  N N 262 
LYS CG     C  N N 263 
LYS CD     C  N N 264 
LYS CE     C  N N 265 
LYS NZ     N  N N 266 
LYS OXT    O  N N 267 
LYS H      H  N N 268 
LYS H2     H  N N 269 
LYS HA     H  N N 270 
LYS HB2    H  N N 271 
LYS HB3    H  N N 272 
LYS HG2    H  N N 273 
LYS HG3    H  N N 274 
LYS HD2    H  N N 275 
LYS HD3    H  N N 276 
LYS HE2    H  N N 277 
LYS HE3    H  N N 278 
LYS HZ1    H  N N 279 
LYS HZ2    H  N N 280 
LYS HZ3    H  N N 281 
LYS HXT    H  N N 282 
MET N      N  N N 283 
MET CA     C  N S 284 
MET C      C  N N 285 
MET O      O  N N 286 
MET CB     C  N N 287 
MET CG     C  N N 288 
MET SD     S  N N 289 
MET CE     C  N N 290 
MET OXT    O  N N 291 
MET H      H  N N 292 
MET H2     H  N N 293 
MET HA     H  N N 294 
MET HB2    H  N N 295 
MET HB3    H  N N 296 
MET HG2    H  N N 297 
MET HG3    H  N N 298 
MET HE1    H  N N 299 
MET HE2    H  N N 300 
MET HE3    H  N N 301 
MET HXT    H  N N 302 
MG  MG     MG N N 303 
PHE N      N  N N 304 
PHE CA     C  N S 305 
PHE C      C  N N 306 
PHE O      O  N N 307 
PHE CB     C  N N 308 
PHE CG     C  Y N 309 
PHE CD1    C  Y N 310 
PHE CD2    C  Y N 311 
PHE CE1    C  Y N 312 
PHE CE2    C  Y N 313 
PHE CZ     C  Y N 314 
PHE OXT    O  N N 315 
PHE H      H  N N 316 
PHE H2     H  N N 317 
PHE HA     H  N N 318 
PHE HB2    H  N N 319 
PHE HB3    H  N N 320 
PHE HD1    H  N N 321 
PHE HD2    H  N N 322 
PHE HE1    H  N N 323 
PHE HE2    H  N N 324 
PHE HZ     H  N N 325 
PHE HXT    H  N N 326 
PRO N      N  N N 327 
PRO CA     C  N S 328 
PRO C      C  N N 329 
PRO O      O  N N 330 
PRO CB     C  N N 331 
PRO CG     C  N N 332 
PRO CD     C  N N 333 
PRO OXT    O  N N 334 
PRO H      H  N N 335 
PRO HA     H  N N 336 
PRO HB2    H  N N 337 
PRO HB3    H  N N 338 
PRO HG2    H  N N 339 
PRO HG3    H  N N 340 
PRO HD2    H  N N 341 
PRO HD3    H  N N 342 
PRO HXT    H  N N 343 
SER N      N  N N 344 
SER CA     C  N S 345 
SER C      C  N N 346 
SER O      O  N N 347 
SER CB     C  N N 348 
SER OG     O  N N 349 
SER OXT    O  N N 350 
SER H      H  N N 351 
SER H2     H  N N 352 
SER HA     H  N N 353 
SER HB2    H  N N 354 
SER HB3    H  N N 355 
SER HG     H  N N 356 
SER HXT    H  N N 357 
THR N      N  N N 358 
THR CA     C  N S 359 
THR C      C  N N 360 
THR O      O  N N 361 
THR CB     C  N R 362 
THR OG1    O  N N 363 
THR CG2    C  N N 364 
THR OXT    O  N N 365 
THR H      H  N N 366 
THR H2     H  N N 367 
THR HA     H  N N 368 
THR HB     H  N N 369 
THR HG1    H  N N 370 
THR HG21   H  N N 371 
THR HG22   H  N N 372 
THR HG23   H  N N 373 
THR HXT    H  N N 374 
TRP N      N  N N 375 
TRP CA     C  N S 376 
TRP C      C  N N 377 
TRP O      O  N N 378 
TRP CB     C  N N 379 
TRP CG     C  Y N 380 
TRP CD1    C  Y N 381 
TRP CD2    C  Y N 382 
TRP NE1    N  Y N 383 
TRP CE2    C  Y N 384 
TRP CE3    C  Y N 385 
TRP CZ2    C  Y N 386 
TRP CZ3    C  Y N 387 
TRP CH2    C  Y N 388 
TRP OXT    O  N N 389 
TRP H      H  N N 390 
TRP H2     H  N N 391 
TRP HA     H  N N 392 
TRP HB2    H  N N 393 
TRP HB3    H  N N 394 
TRP HD1    H  N N 395 
TRP HE1    H  N N 396 
TRP HE3    H  N N 397 
TRP HZ2    H  N N 398 
TRP HZ3    H  N N 399 
TRP HH2    H  N N 400 
TRP HXT    H  N N 401 
TYR N      N  N N 402 
TYR CA     C  N S 403 
TYR C      C  N N 404 
TYR O      O  N N 405 
TYR CB     C  N N 406 
TYR CG     C  Y N 407 
TYR CD1    C  Y N 408 
TYR CD2    C  Y N 409 
TYR CE1    C  Y N 410 
TYR CE2    C  Y N 411 
TYR CZ     C  Y N 412 
TYR OH     O  N N 413 
TYR OXT    O  N N 414 
TYR H      H  N N 415 
TYR H2     H  N N 416 
TYR HA     H  N N 417 
TYR HB2    H  N N 418 
TYR HB3    H  N N 419 
TYR HD1    H  N N 420 
TYR HD2    H  N N 421 
TYR HE1    H  N N 422 
TYR HE2    H  N N 423 
TYR HH     H  N N 424 
TYR HXT    H  N N 425 
VAL N      N  N N 426 
VAL CA     C  N S 427 
VAL C      C  N N 428 
VAL O      O  N N 429 
VAL CB     C  N N 430 
VAL CG1    C  N N 431 
VAL CG2    C  N N 432 
VAL OXT    O  N N 433 
VAL H      H  N N 434 
VAL H2     H  N N 435 
VAL HA     H  N N 436 
VAL HB     H  N N 437 
VAL HG11   H  N N 438 
VAL HG12   H  N N 439 
VAL HG13   H  N N 440 
VAL HG21   H  N N 441 
VAL HG22   H  N N 442 
VAL HG23   H  N N 443 
VAL HXT    H  N N 444 
# 
loop_
_chem_comp_bond.comp_id 
_chem_comp_bond.atom_id_1 
_chem_comp_bond.atom_id_2 
_chem_comp_bond.value_order 
_chem_comp_bond.pdbx_aromatic_flag 
_chem_comp_bond.pdbx_stereo_config 
_chem_comp_bond.pdbx_ordinal 
ALA N     CA     sing N N 1   
ALA N     H      sing N N 2   
ALA N     H2     sing N N 3   
ALA CA    C      sing N N 4   
ALA CA    CB     sing N N 5   
ALA CA    HA     sing N N 6   
ALA C     O      doub N N 7   
ALA C     OXT    sing N N 8   
ALA CB    HB1    sing N N 9   
ALA CB    HB2    sing N N 10  
ALA CB    HB3    sing N N 11  
ALA OXT   HXT    sing N N 12  
ARG N     CA     sing N N 13  
ARG N     H      sing N N 14  
ARG N     H2     sing N N 15  
ARG CA    C      sing N N 16  
ARG CA    CB     sing N N 17  
ARG CA    HA     sing N N 18  
ARG C     O      doub N N 19  
ARG C     OXT    sing N N 20  
ARG CB    CG     sing N N 21  
ARG CB    HB2    sing N N 22  
ARG CB    HB3    sing N N 23  
ARG CG    CD     sing N N 24  
ARG CG    HG2    sing N N 25  
ARG CG    HG3    sing N N 26  
ARG CD    NE     sing N N 27  
ARG CD    HD2    sing N N 28  
ARG CD    HD3    sing N N 29  
ARG NE    CZ     sing N N 30  
ARG NE    HE     sing N N 31  
ARG CZ    NH1    sing N N 32  
ARG CZ    NH2    doub N N 33  
ARG NH1   HH11   sing N N 34  
ARG NH1   HH12   sing N N 35  
ARG NH2   HH21   sing N N 36  
ARG NH2   HH22   sing N N 37  
ARG OXT   HXT    sing N N 38  
ASN N     CA     sing N N 39  
ASN N     H      sing N N 40  
ASN N     H2     sing N N 41  
ASN CA    C      sing N N 42  
ASN CA    CB     sing N N 43  
ASN CA    HA     sing N N 44  
ASN C     O      doub N N 45  
ASN C     OXT    sing N N 46  
ASN CB    CG     sing N N 47  
ASN CB    HB2    sing N N 48  
ASN CB    HB3    sing N N 49  
ASN CG    OD1    doub N N 50  
ASN CG    ND2    sing N N 51  
ASN ND2   HD21   sing N N 52  
ASN ND2   HD22   sing N N 53  
ASN OXT   HXT    sing N N 54  
ASP N     CA     sing N N 55  
ASP N     H      sing N N 56  
ASP N     H2     sing N N 57  
ASP CA    C      sing N N 58  
ASP CA    CB     sing N N 59  
ASP CA    HA     sing N N 60  
ASP C     O      doub N N 61  
ASP C     OXT    sing N N 62  
ASP CB    CG     sing N N 63  
ASP CB    HB2    sing N N 64  
ASP CB    HB3    sing N N 65  
ASP CG    OD1    doub N N 66  
ASP CG    OD2    sing N N 67  
ASP OD2   HD2    sing N N 68  
ASP OXT   HXT    sing N N 69  
CYS N     CA     sing N N 70  
CYS N     H      sing N N 71  
CYS N     H2     sing N N 72  
CYS CA    C      sing N N 73  
CYS CA    CB     sing N N 74  
CYS CA    HA     sing N N 75  
CYS C     O      doub N N 76  
CYS C     OXT    sing N N 77  
CYS CB    SG     sing N N 78  
CYS CB    HB2    sing N N 79  
CYS CB    HB3    sing N N 80  
CYS SG    HG     sing N N 81  
CYS OXT   HXT    sing N N 82  
EDO C1    O1     sing N N 83  
EDO C1    C2     sing N N 84  
EDO C1    H11    sing N N 85  
EDO C1    H12    sing N N 86  
EDO O1    HO1    sing N N 87  
EDO C2    O2     sing N N 88  
EDO C2    H21    sing N N 89  
EDO C2    H22    sing N N 90  
EDO O2    HO2    sing N N 91  
GDP PB    O1B    doub N N 92  
GDP PB    O2B    sing N N 93  
GDP PB    O3B    sing N N 94  
GDP PB    O3A    sing N N 95  
GDP O2B   HOB2   sing N N 96  
GDP O3B   HOB3   sing N N 97  
GDP O3A   PA     sing N N 98  
GDP PA    O1A    doub N N 99  
GDP PA    O2A    sing N N 100 
GDP PA    "O5'"  sing N N 101 
GDP O2A   HOA2   sing N N 102 
GDP "O5'" "C5'"  sing N N 103 
GDP "C5'" "C4'"  sing N N 104 
GDP "C5'" "H5'"  sing N N 105 
GDP "C5'" "H5''" sing N N 106 
GDP "C4'" "O4'"  sing N N 107 
GDP "C4'" "C3'"  sing N N 108 
GDP "C4'" "H4'"  sing N N 109 
GDP "O4'" "C1'"  sing N N 110 
GDP "C3'" "O3'"  sing N N 111 
GDP "C3'" "C2'"  sing N N 112 
GDP "C3'" "H3'"  sing N N 113 
GDP "O3'" "HO3'" sing N N 114 
GDP "C2'" "O2'"  sing N N 115 
GDP "C2'" "C1'"  sing N N 116 
GDP "C2'" "H2'"  sing N N 117 
GDP "O2'" "HO2'" sing N N 118 
GDP "C1'" N9     sing N N 119 
GDP "C1'" "H1'"  sing N N 120 
GDP N9    C8     sing Y N 121 
GDP N9    C4     sing Y N 122 
GDP C8    N7     doub Y N 123 
GDP C8    H8     sing N N 124 
GDP N7    C5     sing Y N 125 
GDP C5    C6     sing N N 126 
GDP C5    C4     doub Y N 127 
GDP C6    O6     doub N N 128 
GDP C6    N1     sing N N 129 
GDP N1    C2     sing N N 130 
GDP N1    HN1    sing N N 131 
GDP C2    N2     sing N N 132 
GDP C2    N3     doub N N 133 
GDP N2    HN21   sing N N 134 
GDP N2    HN22   sing N N 135 
GDP N3    C4     sing N N 136 
GLN N     CA     sing N N 137 
GLN N     H      sing N N 138 
GLN N     H2     sing N N 139 
GLN CA    C      sing N N 140 
GLN CA    CB     sing N N 141 
GLN CA    HA     sing N N 142 
GLN C     O      doub N N 143 
GLN C     OXT    sing N N 144 
GLN CB    CG     sing N N 145 
GLN CB    HB2    sing N N 146 
GLN CB    HB3    sing N N 147 
GLN CG    CD     sing N N 148 
GLN CG    HG2    sing N N 149 
GLN CG    HG3    sing N N 150 
GLN CD    OE1    doub N N 151 
GLN CD    NE2    sing N N 152 
GLN NE2   HE21   sing N N 153 
GLN NE2   HE22   sing N N 154 
GLN OXT   HXT    sing N N 155 
GLU N     CA     sing N N 156 
GLU N     H      sing N N 157 
GLU N     H2     sing N N 158 
GLU CA    C      sing N N 159 
GLU CA    CB     sing N N 160 
GLU CA    HA     sing N N 161 
GLU C     O      doub N N 162 
GLU C     OXT    sing N N 163 
GLU CB    CG     sing N N 164 
GLU CB    HB2    sing N N 165 
GLU CB    HB3    sing N N 166 
GLU CG    CD     sing N N 167 
GLU CG    HG2    sing N N 168 
GLU CG    HG3    sing N N 169 
GLU CD    OE1    doub N N 170 
GLU CD    OE2    sing N N 171 
GLU OE2   HE2    sing N N 172 
GLU OXT   HXT    sing N N 173 
GLY N     CA     sing N N 174 
GLY N     H      sing N N 175 
GLY N     H2     sing N N 176 
GLY CA    C      sing N N 177 
GLY CA    HA2    sing N N 178 
GLY CA    HA3    sing N N 179 
GLY C     O      doub N N 180 
GLY C     OXT    sing N N 181 
GLY OXT   HXT    sing N N 182 
HIS N     CA     sing N N 183 
HIS N     H      sing N N 184 
HIS N     H2     sing N N 185 
HIS CA    C      sing N N 186 
HIS CA    CB     sing N N 187 
HIS CA    HA     sing N N 188 
HIS C     O      doub N N 189 
HIS C     OXT    sing N N 190 
HIS CB    CG     sing N N 191 
HIS CB    HB2    sing N N 192 
HIS CB    HB3    sing N N 193 
HIS CG    ND1    sing Y N 194 
HIS CG    CD2    doub Y N 195 
HIS ND1   CE1    doub Y N 196 
HIS ND1   HD1    sing N N 197 
HIS CD2   NE2    sing Y N 198 
HIS CD2   HD2    sing N N 199 
HIS CE1   NE2    sing Y N 200 
HIS CE1   HE1    sing N N 201 
HIS NE2   HE2    sing N N 202 
HIS OXT   HXT    sing N N 203 
HOH O     H1     sing N N 204 
HOH O     H2     sing N N 205 
ILE N     CA     sing N N 206 
ILE N     H      sing N N 207 
ILE N     H2     sing N N 208 
ILE CA    C      sing N N 209 
ILE CA    CB     sing N N 210 
ILE CA    HA     sing N N 211 
ILE C     O      doub N N 212 
ILE C     OXT    sing N N 213 
ILE CB    CG1    sing N N 214 
ILE CB    CG2    sing N N 215 
ILE CB    HB     sing N N 216 
ILE CG1   CD1    sing N N 217 
ILE CG1   HG12   sing N N 218 
ILE CG1   HG13   sing N N 219 
ILE CG2   HG21   sing N N 220 
ILE CG2   HG22   sing N N 221 
ILE CG2   HG23   sing N N 222 
ILE CD1   HD11   sing N N 223 
ILE CD1   HD12   sing N N 224 
ILE CD1   HD13   sing N N 225 
ILE OXT   HXT    sing N N 226 
LEU N     CA     sing N N 227 
LEU N     H      sing N N 228 
LEU N     H2     sing N N 229 
LEU CA    C      sing N N 230 
LEU CA    CB     sing N N 231 
LEU CA    HA     sing N N 232 
LEU C     O      doub N N 233 
LEU C     OXT    sing N N 234 
LEU CB    CG     sing N N 235 
LEU CB    HB2    sing N N 236 
LEU CB    HB3    sing N N 237 
LEU CG    CD1    sing N N 238 
LEU CG    CD2    sing N N 239 
LEU CG    HG     sing N N 240 
LEU CD1   HD11   sing N N 241 
LEU CD1   HD12   sing N N 242 
LEU CD1   HD13   sing N N 243 
LEU CD2   HD21   sing N N 244 
LEU CD2   HD22   sing N N 245 
LEU CD2   HD23   sing N N 246 
LEU OXT   HXT    sing N N 247 
LYS N     CA     sing N N 248 
LYS N     H      sing N N 249 
LYS N     H2     sing N N 250 
LYS CA    C      sing N N 251 
LYS CA    CB     sing N N 252 
LYS CA    HA     sing N N 253 
LYS C     O      doub N N 254 
LYS C     OXT    sing N N 255 
LYS CB    CG     sing N N 256 
LYS CB    HB2    sing N N 257 
LYS CB    HB3    sing N N 258 
LYS CG    CD     sing N N 259 
LYS CG    HG2    sing N N 260 
LYS CG    HG3    sing N N 261 
LYS CD    CE     sing N N 262 
LYS CD    HD2    sing N N 263 
LYS CD    HD3    sing N N 264 
LYS CE    NZ     sing N N 265 
LYS CE    HE2    sing N N 266 
LYS CE    HE3    sing N N 267 
LYS NZ    HZ1    sing N N 268 
LYS NZ    HZ2    sing N N 269 
LYS NZ    HZ3    sing N N 270 
LYS OXT   HXT    sing N N 271 
MET N     CA     sing N N 272 
MET N     H      sing N N 273 
MET N     H2     sing N N 274 
MET CA    C      sing N N 275 
MET CA    CB     sing N N 276 
MET CA    HA     sing N N 277 
MET C     O      doub N N 278 
MET C     OXT    sing N N 279 
MET CB    CG     sing N N 280 
MET CB    HB2    sing N N 281 
MET CB    HB3    sing N N 282 
MET CG    SD     sing N N 283 
MET CG    HG2    sing N N 284 
MET CG    HG3    sing N N 285 
MET SD    CE     sing N N 286 
MET CE    HE1    sing N N 287 
MET CE    HE2    sing N N 288 
MET CE    HE3    sing N N 289 
MET OXT   HXT    sing N N 290 
PHE N     CA     sing N N 291 
PHE N     H      sing N N 292 
PHE N     H2     sing N N 293 
PHE CA    C      sing N N 294 
PHE CA    CB     sing N N 295 
PHE CA    HA     sing N N 296 
PHE C     O      doub N N 297 
PHE C     OXT    sing N N 298 
PHE CB    CG     sing N N 299 
PHE CB    HB2    sing N N 300 
PHE CB    HB3    sing N N 301 
PHE CG    CD1    doub Y N 302 
PHE CG    CD2    sing Y N 303 
PHE CD1   CE1    sing Y N 304 
PHE CD1   HD1    sing N N 305 
PHE CD2   CE2    doub Y N 306 
PHE CD2   HD2    sing N N 307 
PHE CE1   CZ     doub Y N 308 
PHE CE1   HE1    sing N N 309 
PHE CE2   CZ     sing Y N 310 
PHE CE2   HE2    sing N N 311 
PHE CZ    HZ     sing N N 312 
PHE OXT   HXT    sing N N 313 
PRO N     CA     sing N N 314 
PRO N     CD     sing N N 315 
PRO N     H      sing N N 316 
PRO CA    C      sing N N 317 
PRO CA    CB     sing N N 318 
PRO CA    HA     sing N N 319 
PRO C     O      doub N N 320 
PRO C     OXT    sing N N 321 
PRO CB    CG     sing N N 322 
PRO CB    HB2    sing N N 323 
PRO CB    HB3    sing N N 324 
PRO CG    CD     sing N N 325 
PRO CG    HG2    sing N N 326 
PRO CG    HG3    sing N N 327 
PRO CD    HD2    sing N N 328 
PRO CD    HD3    sing N N 329 
PRO OXT   HXT    sing N N 330 
SER N     CA     sing N N 331 
SER N     H      sing N N 332 
SER N     H2     sing N N 333 
SER CA    C      sing N N 334 
SER CA    CB     sing N N 335 
SER CA    HA     sing N N 336 
SER C     O      doub N N 337 
SER C     OXT    sing N N 338 
SER CB    OG     sing N N 339 
SER CB    HB2    sing N N 340 
SER CB    HB3    sing N N 341 
SER OG    HG     sing N N 342 
SER OXT   HXT    sing N N 343 
THR N     CA     sing N N 344 
THR N     H      sing N N 345 
THR N     H2     sing N N 346 
THR CA    C      sing N N 347 
THR CA    CB     sing N N 348 
THR CA    HA     sing N N 349 
THR C     O      doub N N 350 
THR C     OXT    sing N N 351 
THR CB    OG1    sing N N 352 
THR CB    CG2    sing N N 353 
THR CB    HB     sing N N 354 
THR OG1   HG1    sing N N 355 
THR CG2   HG21   sing N N 356 
THR CG2   HG22   sing N N 357 
THR CG2   HG23   sing N N 358 
THR OXT   HXT    sing N N 359 
TRP N     CA     sing N N 360 
TRP N     H      sing N N 361 
TRP N     H2     sing N N 362 
TRP CA    C      sing N N 363 
TRP CA    CB     sing N N 364 
TRP CA    HA     sing N N 365 
TRP C     O      doub N N 366 
TRP C     OXT    sing N N 367 
TRP CB    CG     sing N N 368 
TRP CB    HB2    sing N N 369 
TRP CB    HB3    sing N N 370 
TRP CG    CD1    doub Y N 371 
TRP CG    CD2    sing Y N 372 
TRP CD1   NE1    sing Y N 373 
TRP CD1   HD1    sing N N 374 
TRP CD2   CE2    doub Y N 375 
TRP CD2   CE3    sing Y N 376 
TRP NE1   CE2    sing Y N 377 
TRP NE1   HE1    sing N N 378 
TRP CE2   CZ2    sing Y N 379 
TRP CE3   CZ3    doub Y N 380 
TRP CE3   HE3    sing N N 381 
TRP CZ2   CH2    doub Y N 382 
TRP CZ2   HZ2    sing N N 383 
TRP CZ3   CH2    sing Y N 384 
TRP CZ3   HZ3    sing N N 385 
TRP CH2   HH2    sing N N 386 
TRP OXT   HXT    sing N N 387 
TYR N     CA     sing N N 388 
TYR N     H      sing N N 389 
TYR N     H2     sing N N 390 
TYR CA    C      sing N N 391 
TYR CA    CB     sing N N 392 
TYR CA    HA     sing N N 393 
TYR C     O      doub N N 394 
TYR C     OXT    sing N N 395 
TYR CB    CG     sing N N 396 
TYR CB    HB2    sing N N 397 
TYR CB    HB3    sing N N 398 
TYR CG    CD1    doub Y N 399 
TYR CG    CD2    sing Y N 400 
TYR CD1   CE1    sing Y N 401 
TYR CD1   HD1    sing N N 402 
TYR CD2   CE2    doub Y N 403 
TYR CD2   HD2    sing N N 404 
TYR CE1   CZ     doub Y N 405 
TYR CE1   HE1    sing N N 406 
TYR CE2   CZ     sing Y N 407 
TYR CE2   HE2    sing N N 408 
TYR CZ    OH     sing N N 409 
TYR OH    HH     sing N N 410 
TYR OXT   HXT    sing N N 411 
VAL N     CA     sing N N 412 
VAL N     H      sing N N 413 
VAL N     H2     sing N N 414 
VAL CA    C      sing N N 415 
VAL CA    CB     sing N N 416 
VAL CA    HA     sing N N 417 
VAL C     O      doub N N 418 
VAL C     OXT    sing N N 419 
VAL CB    CG1    sing N N 420 
VAL CB    CG2    sing N N 421 
VAL CB    HB     sing N N 422 
VAL CG1   HG11   sing N N 423 
VAL CG1   HG12   sing N N 424 
VAL CG1   HG13   sing N N 425 
VAL CG2   HG21   sing N N 426 
VAL CG2   HG22   sing N N 427 
VAL CG2   HG23   sing N N 428 
VAL OXT   HXT    sing N N 429 
# 
loop_
_pdbx_entity_nonpoly.entity_id 
_pdbx_entity_nonpoly.name 
_pdbx_entity_nonpoly.comp_id 
2 'MAGNESIUM ION'            MG  
3 "GUANOSINE-5'-DIPHOSPHATE" GDP 
4 1,2-ETHANEDIOL             EDO 
5 'UNKNOWN ATOM OR ION'      UNX 
6 water                      HOH 
# 
_pdbx_initial_refinement_model.id               1 
_pdbx_initial_refinement_model.entity_id_list   ? 
_pdbx_initial_refinement_model.type             'experimental model' 
_pdbx_initial_refinement_model.source_name      PDB 
_pdbx_initial_refinement_model.accession_code   2GJS 
_pdbx_initial_refinement_model.details          'PDB entry 2GJS' 
# 
